data_1SIE
#
_entry.id   1SIE
#
_cell.length_a   570.000
_cell.length_b   570.000
_cell.length_c   570.000
_cell.angle_alpha   90.00
_cell.angle_beta   90.00
_cell.angle_gamma   90.00
#
_symmetry.space_group_name_H-M   'I 2 3'
#
loop_
_entity.id
_entity.type
_entity.pdbx_description
1 polymer 'POLYOMAVIRUS COAT PROTEIN VP1'
2 branched 'N-acetyl-alpha-neuraminic acid-(2-3)-beta-D-galactopyranose-(1-3)-[N-acetyl-alpha-neuraminic acid-(2-6)]2-acetamido-2-deoxy-beta-D-glucopyranose'
#
_entity_poly.entity_id   1
_entity_poly.type   'polypeptide(L)'
_entity_poly.pdbx_seq_one_letter_code
;APKRKAGVSKCETKCTKACPRPAPVPKLLIKGGMEVLDLVTGPDSVTEIEAFLNPRMGQPPTPESLTEGGQYYGWSRGIN
LATSDTEDSPGNNTLPTWSMAKLQLPMLNEDLTCDTLQMWEAVSVKTEVVGSGSLLDVHGFNKPTDTVNTKGISTPVEGS
QYHVFAVGGEPLDLQGLVTDARTKYKEEGVVTIKTITKKDMVNKDQVLNPISKAKLDKDGMYPVEIWHPDPAKNENTRYF
GNYTGGTTTPPVLQFTNTLTTVLLDENGVGPLCKGEGLYLSCVDIMGWRVTRNYDVHHWRGLPRYFKITLRKRWVKNPYP
MASLISSLFNNMLPQVQGQPMEGENTQVEEVRVYDGTEPVPGDPDMTRYVDRFGKTKTVFPGN
;
_entity_poly.pdbx_strand_id   A,B,C,D,E,F
#
loop_
_chem_comp.id
_chem_comp.type
_chem_comp.name
_chem_comp.formula
GAL D-saccharide, beta linking beta-D-galactopyranose 'C6 H12 O6'
NAG D-saccharide, beta linking 2-acetamido-2-deoxy-beta-D-glucopyranose 'C8 H15 N O6'
SIA D-saccharide, alpha linking 'N-acetyl-alpha-neuraminic acid' 'C11 H19 N O9'
#
# COMPACT_ATOMS: atom_id res chain seq x y z
N LYS A 17 -14.73 0.73 -43.49
CA LYS A 17 -16.00 0.00 -43.60
C LYS A 17 -17.12 0.73 -42.84
N ALA A 18 -16.82 1.07 -41.57
CA ALA A 18 -17.77 1.76 -40.68
C ALA A 18 -17.05 2.41 -39.49
N CYS A 19 -17.57 2.18 -38.29
CA CYS A 19 -17.01 2.79 -37.12
C CYS A 19 -16.87 1.94 -35.89
N PRO A 20 -15.87 2.30 -35.07
CA PRO A 20 -15.53 1.67 -33.80
C PRO A 20 -16.23 2.59 -32.77
N ARG A 21 -16.65 2.07 -31.63
CA ARG A 21 -17.32 2.91 -30.61
C ARG A 21 -16.66 2.89 -29.23
N PRO A 22 -15.93 3.97 -28.88
CA PRO A 22 -15.25 4.06 -27.60
C PRO A 22 -16.24 3.84 -26.53
N ALA A 23 -15.71 3.54 -25.37
CA ALA A 23 -16.56 3.30 -24.24
C ALA A 23 -17.36 4.54 -23.89
N PRO A 24 -18.55 4.31 -23.38
CA PRO A 24 -19.48 5.33 -22.96
C PRO A 24 -18.97 5.76 -21.62
N VAL A 25 -19.02 7.05 -21.47
CA VAL A 25 -18.53 7.70 -20.31
C VAL A 25 -19.49 8.83 -20.06
N PRO A 26 -19.51 9.31 -18.84
CA PRO A 26 -20.39 10.42 -18.50
C PRO A 26 -19.90 11.65 -19.24
N LYS A 27 -20.80 12.27 -19.99
CA LYS A 27 -20.42 13.45 -20.73
C LYS A 27 -20.45 14.68 -19.84
N LEU A 28 -19.38 15.45 -19.97
CA LEU A 28 -19.23 16.67 -19.24
C LEU A 28 -20.12 17.65 -19.96
N LEU A 29 -20.75 18.55 -19.23
CA LEU A 29 -21.62 19.50 -19.90
C LEU A 29 -20.94 20.78 -19.80
N ILE A 30 -20.21 20.93 -18.71
CA ILE A 30 -19.54 22.18 -18.49
C ILE A 30 -18.74 22.06 -17.26
N LYS A 31 -17.56 22.63 -17.29
CA LYS A 31 -16.68 22.60 -16.17
C LYS A 31 -16.18 23.98 -16.03
N GLY A 32 -15.64 24.24 -14.86
CA GLY A 32 -15.11 25.54 -14.54
C GLY A 32 -15.29 25.76 -13.06
N GLY A 33 -15.94 26.89 -12.73
CA GLY A 33 -16.15 27.27 -11.34
C GLY A 33 -17.60 27.30 -10.89
N MET A 34 -17.81 27.83 -9.69
CA MET A 34 -19.13 27.85 -9.10
C MET A 34 -20.26 28.19 -10.06
N GLU A 35 -19.97 29.16 -10.92
CA GLU A 35 -20.93 29.61 -11.91
C GLU A 35 -21.60 28.47 -12.62
N VAL A 36 -20.78 27.56 -13.10
CA VAL A 36 -21.26 26.42 -13.82
C VAL A 36 -22.65 25.95 -13.34
N LEU A 37 -22.82 25.90 -12.02
CA LEU A 37 -24.06 25.45 -11.39
C LEU A 37 -25.29 25.98 -12.07
N ASP A 38 -25.23 27.28 -12.31
CA ASP A 38 -26.27 28.07 -12.94
C ASP A 38 -26.89 27.41 -14.13
N LEU A 39 -26.12 26.65 -14.88
CA LEU A 39 -26.73 26.02 -16.00
C LEU A 39 -27.79 25.09 -15.50
N VAL A 40 -28.88 24.99 -16.23
CA VAL A 40 -29.94 24.09 -15.87
C VAL A 40 -29.41 22.70 -15.96
N THR A 41 -29.06 22.21 -14.80
CA THR A 41 -28.47 20.92 -14.68
C THR A 41 -29.48 19.78 -14.89
N GLY A 42 -30.63 20.02 -15.51
CA GLY A 42 -31.56 18.92 -15.67
C GLY A 42 -31.79 18.22 -14.33
N PRO A 43 -32.08 16.88 -14.24
CA PRO A 43 -32.30 16.25 -12.94
C PRO A 43 -31.29 15.15 -12.54
N ASP A 44 -30.89 14.33 -13.48
CA ASP A 44 -29.98 13.26 -13.13
C ASP A 44 -28.56 13.68 -13.38
N SER A 45 -28.39 14.98 -13.39
CA SER A 45 -27.09 15.57 -13.58
C SER A 45 -26.33 15.28 -12.34
N VAL A 46 -25.07 15.66 -12.39
CA VAL A 46 -24.23 15.47 -11.25
C VAL A 46 -23.28 16.57 -11.25
N THR A 47 -22.83 16.82 -10.05
CA THR A 47 -21.95 17.91 -9.92
C THR A 47 -20.74 17.64 -9.09
N GLU A 48 -19.58 17.81 -9.69
CA GLU A 48 -18.34 17.58 -8.97
C GLU A 48 -17.78 18.93 -8.53
N ILE A 49 -17.43 19.01 -7.25
CA ILE A 49 -16.86 20.22 -6.73
C ILE A 49 -15.65 19.89 -5.94
N GLU A 50 -14.58 20.55 -6.29
CA GLU A 50 -13.32 20.37 -5.64
C GLU A 50 -13.17 21.67 -4.93
N ALA A 51 -12.61 21.60 -3.73
CA ALA A 51 -12.36 22.77 -2.91
C ALA A 51 -11.37 22.35 -1.86
N PHE A 52 -11.02 23.28 -0.98
CA PHE A 52 -10.08 22.94 0.06
C PHE A 52 -10.23 23.91 1.14
N LEU A 53 -9.72 23.50 2.28
CA LEU A 53 -9.77 24.35 3.41
C LEU A 53 -8.35 24.45 3.84
N ASN A 54 -7.97 25.68 4.17
CA ASN A 54 -6.65 25.94 4.72
C ASN A 54 -6.90 25.82 6.24
N PRO A 55 -5.97 25.17 6.92
CA PRO A 55 -5.89 24.84 8.33
C PRO A 55 -5.80 26.00 9.27
N ARG A 56 -6.95 26.41 9.79
CA ARG A 56 -6.84 27.55 10.67
C ARG A 56 -6.68 27.24 12.17
N MET A 57 -5.45 26.81 12.46
CA MET A 57 -4.98 26.44 13.79
C MET A 57 -3.92 27.47 14.16
N GLY A 58 -4.22 28.26 15.19
CA GLY A 58 -3.30 29.29 15.67
C GLY A 58 -3.33 30.66 14.97
N GLN A 59 -2.18 31.03 14.40
CA GLN A 59 -1.97 32.29 13.68
C GLN A 59 -2.88 32.40 12.48
N PRO A 60 -3.63 33.49 12.43
CA PRO A 60 -4.59 33.79 11.37
C PRO A 60 -3.84 34.22 10.12
N PRO A 61 -4.57 34.25 9.01
CA PRO A 61 -4.03 34.64 7.70
C PRO A 61 -3.44 36.04 7.71
N THR A 62 -4.33 37.00 8.00
CA THR A 62 -4.11 38.44 8.04
C THR A 62 -2.74 39.08 8.17
N PRO A 63 -2.00 38.81 9.26
CA PRO A 63 -0.71 39.49 9.22
C PRO A 63 0.04 38.87 8.02
N GLU A 64 -0.07 39.52 6.87
CA GLU A 64 0.51 39.00 5.66
C GLU A 64 2.01 38.98 5.63
N SER A 65 2.60 39.97 6.26
CA SER A 65 4.03 40.05 6.27
C SER A 65 4.58 38.93 7.10
N LEU A 66 5.64 38.38 6.58
CA LEU A 66 6.31 37.26 7.20
C LEU A 66 7.26 37.75 8.28
N THR A 67 6.92 38.90 8.85
CA THR A 67 7.73 39.49 9.90
C THR A 67 6.86 39.87 11.10
N GLU A 68 5.72 40.49 10.78
CA GLU A 68 4.73 40.93 11.76
C GLU A 68 3.85 39.75 12.21
N GLY A 69 3.60 38.84 11.28
CA GLY A 69 2.85 37.63 11.58
C GLY A 69 3.83 36.47 11.46
N GLY A 70 5.11 36.83 11.26
CA GLY A 70 6.27 35.93 11.13
C GLY A 70 5.85 34.65 10.49
N GLN A 71 4.84 34.81 9.65
CA GLN A 71 4.19 33.71 9.02
C GLN A 71 4.34 32.35 9.58
N TYR A 72 3.46 32.34 10.53
CA TYR A 72 3.19 31.27 11.37
C TYR A 72 1.91 30.77 10.77
N TYR A 73 1.37 31.53 9.83
CA TYR A 73 0.14 31.14 9.19
C TYR A 73 0.36 29.73 8.80
N GLY A 74 -0.37 28.85 9.48
CA GLY A 74 -0.27 27.43 9.22
C GLY A 74 0.45 26.77 10.37
N TRP A 75 0.42 27.47 11.48
CA TRP A 75 1.04 26.99 12.67
C TRP A 75 0.35 27.69 13.79
N SER A 76 0.73 27.28 15.00
CA SER A 76 0.20 27.82 16.24
C SER A 76 1.30 28.78 16.63
N ARG A 77 1.04 29.73 17.51
CA ARG A 77 2.12 30.61 17.88
C ARG A 77 2.94 29.99 18.97
N GLY A 78 3.12 30.68 20.07
CA GLY A 78 3.93 30.06 21.10
C GLY A 78 3.01 29.08 21.75
N ILE A 79 3.51 28.43 22.80
CA ILE A 79 2.65 27.53 23.51
C ILE A 79 2.56 28.13 24.90
N ASN A 80 1.53 28.97 25.02
CA ASN A 80 1.24 29.68 26.24
C ASN A 80 1.00 28.56 27.23
N LEU A 81 2.01 28.33 28.06
CA LEU A 81 1.89 27.31 29.09
C LEU A 81 0.96 27.88 30.18
N ALA A 82 0.94 27.26 31.34
CA ALA A 82 0.11 27.78 32.41
C ALA A 82 0.96 28.02 33.65
N THR A 83 0.33 28.52 34.71
CA THR A 83 1.04 28.83 35.92
C THR A 83 1.06 27.76 36.99
N SER A 84 -0.03 27.01 37.12
CA SER A 84 -0.08 25.93 38.07
C SER A 84 -1.49 25.44 38.05
N ASP A 85 -1.75 24.34 38.76
CA ASP A 85 -3.08 23.74 38.83
C ASP A 85 -4.07 24.88 39.01
N THR A 86 -3.55 25.96 39.59
CA THR A 86 -4.30 27.18 39.80
C THR A 86 -4.52 27.93 38.51
N GLU A 87 -3.45 28.23 37.80
CA GLU A 87 -3.56 28.99 36.59
C GLU A 87 -3.29 28.30 35.29
N ASP A 88 -4.19 28.53 34.33
CA ASP A 88 -4.10 27.99 32.98
C ASP A 88 -4.56 28.98 31.93
N SER A 89 -3.69 29.89 31.57
CA SER A 89 -4.03 30.85 30.57
C SER A 89 -3.76 30.16 29.24
N PRO A 90 -4.71 30.20 28.33
CA PRO A 90 -4.71 29.62 27.00
C PRO A 90 -3.83 30.31 26.00
N GLY A 91 -4.24 31.49 25.56
CA GLY A 91 -3.47 32.18 24.55
C GLY A 91 -4.06 31.73 23.23
N ASN A 92 -5.03 32.49 22.79
CA ASN A 92 -5.77 32.17 21.58
C ASN A 92 -5.00 31.83 20.30
N ASN A 93 -3.70 31.92 20.36
CA ASN A 93 -2.90 31.64 19.19
C ASN A 93 -2.03 30.47 19.57
N THR A 94 -2.50 29.76 20.59
CA THR A 94 -1.84 28.56 21.09
C THR A 94 -3.03 27.67 21.07
N LEU A 95 -3.98 28.00 20.21
CA LEU A 95 -5.16 27.21 20.19
C LEU A 95 -5.78 26.80 18.87
N PRO A 96 -5.29 25.69 18.31
CA PRO A 96 -5.81 25.21 17.05
C PRO A 96 -7.33 25.05 17.14
N THR A 97 -7.99 25.51 16.08
CA THR A 97 -9.45 25.50 16.03
C THR A 97 -10.08 24.89 14.77
N TRP A 98 -11.33 24.47 14.90
CA TRP A 98 -12.10 23.89 13.80
C TRP A 98 -12.21 24.79 12.60
N SER A 99 -11.73 24.28 11.47
CA SER A 99 -11.77 24.97 10.18
C SER A 99 -12.95 24.40 9.36
N MET A 100 -13.83 25.26 8.87
CA MET A 100 -14.96 24.81 8.09
C MET A 100 -15.33 25.80 6.99
N ALA A 101 -16.37 25.49 6.21
CA ALA A 101 -16.82 26.38 5.14
C ALA A 101 -18.15 26.03 4.53
N LYS A 102 -18.70 26.96 3.76
CA LYS A 102 -19.97 26.63 3.15
C LYS A 102 -20.11 26.83 1.69
N LEU A 103 -20.24 25.70 1.00
CA LEU A 103 -20.45 25.74 -0.41
C LEU A 103 -21.88 26.09 -0.57
N GLN A 104 -22.09 27.18 -1.26
CA GLN A 104 -23.43 27.56 -1.48
C GLN A 104 -23.87 27.13 -2.86
N LEU A 105 -24.78 26.17 -2.91
CA LEU A 105 -25.28 25.67 -4.17
C LEU A 105 -26.38 26.53 -4.71
N PRO A 106 -27.04 26.08 -5.75
CA PRO A 106 -28.10 26.94 -6.26
C PRO A 106 -29.42 26.38 -5.77
N MET A 107 -30.51 27.03 -6.13
CA MET A 107 -31.84 26.58 -5.73
C MET A 107 -32.30 25.64 -6.83
N LEU A 108 -32.99 24.56 -6.49
CA LEU A 108 -33.43 23.59 -7.50
C LEU A 108 -34.93 23.50 -7.82
N ASN A 109 -35.73 23.88 -6.85
CA ASN A 109 -37.17 23.83 -6.97
C ASN A 109 -37.74 25.11 -7.62
N GLU A 110 -39.02 25.07 -8.01
CA GLU A 110 -39.69 26.23 -8.64
C GLU A 110 -41.18 25.95 -8.82
N ASP A 111 -41.51 24.68 -8.94
CA ASP A 111 -42.89 24.26 -9.10
C ASP A 111 -43.39 23.99 -7.69
N LEU A 112 -43.77 25.03 -6.96
CA LEU A 112 -44.23 24.77 -5.59
C LEU A 112 -45.57 24.13 -5.69
N THR A 113 -46.10 24.07 -6.90
CA THR A 113 -47.39 23.46 -7.11
C THR A 113 -47.39 22.02 -6.63
N CYS A 114 -46.27 21.32 -6.83
CA CYS A 114 -46.24 19.94 -6.40
C CYS A 114 -45.72 19.68 -5.00
N ASP A 115 -46.33 18.68 -4.38
CA ASP A 115 -45.99 18.22 -3.04
C ASP A 115 -44.64 17.50 -3.11
N THR A 116 -43.86 17.85 -4.13
CA THR A 116 -42.59 17.26 -4.35
C THR A 116 -41.63 18.37 -4.74
N LEU A 117 -40.67 18.56 -3.85
CA LEU A 117 -39.64 19.57 -4.00
C LEU A 117 -38.38 18.79 -4.30
N GLN A 118 -37.24 19.47 -4.42
CA GLN A 118 -36.03 18.75 -4.78
C GLN A 118 -34.79 19.36 -4.22
N MET A 119 -33.85 18.55 -3.74
CA MET A 119 -32.63 19.14 -3.21
C MET A 119 -31.32 18.43 -3.43
N TRP A 120 -30.26 19.20 -3.16
CA TRP A 120 -28.90 18.74 -3.31
C TRP A 120 -28.55 17.70 -2.30
N GLU A 121 -28.20 16.54 -2.83
CA GLU A 121 -27.80 15.40 -2.02
C GLU A 121 -26.34 15.02 -2.29
N ALA A 122 -25.54 15.04 -1.23
CA ALA A 122 -24.14 14.71 -1.35
C ALA A 122 -23.99 13.23 -1.33
N VAL A 123 -23.10 12.74 -2.18
CA VAL A 123 -22.92 11.31 -2.28
C VAL A 123 -21.65 10.70 -1.74
N SER A 124 -20.55 11.15 -2.28
CA SER A 124 -19.31 10.62 -1.84
C SER A 124 -18.36 11.74 -1.87
N VAL A 125 -17.12 11.41 -1.63
CA VAL A 125 -16.22 12.48 -1.64
C VAL A 125 -14.85 11.97 -1.48
N LYS A 126 -13.95 12.52 -2.26
CA LYS A 126 -12.60 12.13 -2.06
C LYS A 126 -12.06 13.33 -1.34
N THR A 127 -11.07 13.10 -0.50
CA THR A 127 -10.40 14.21 0.15
C THR A 127 -9.00 13.78 0.47
N GLU A 128 -8.14 14.78 0.64
CA GLU A 128 -6.73 14.52 0.90
C GLU A 128 -6.04 15.69 1.57
N VAL A 129 -5.13 15.33 2.44
CA VAL A 129 -4.39 16.34 3.12
C VAL A 129 -3.11 16.32 2.42
N VAL A 130 -2.74 17.50 2.05
CA VAL A 130 -1.58 17.69 1.23
C VAL A 130 -0.43 18.38 1.86
N GLY A 131 0.76 17.91 1.50
CA GLY A 131 1.91 18.63 1.99
C GLY A 131 2.76 17.96 2.99
N SER A 132 2.48 16.69 3.15
CA SER A 132 3.20 15.86 4.06
C SER A 132 4.67 16.06 3.79
N GLY A 133 4.96 16.34 2.52
CA GLY A 133 6.34 16.57 2.08
C GLY A 133 7.04 17.68 2.84
N SER A 134 6.27 18.73 3.06
CA SER A 134 6.69 19.90 3.77
C SER A 134 7.55 19.51 4.99
N LEU A 135 7.18 18.41 5.59
CA LEU A 135 7.85 17.99 6.78
C LEU A 135 9.15 17.30 6.51
N LEU A 136 9.71 17.54 5.34
CA LEU A 136 10.97 16.96 4.96
C LEU A 136 12.09 17.94 5.07
N ASP A 137 11.68 19.15 5.42
CA ASP A 137 12.61 20.22 5.63
C ASP A 137 13.18 19.84 6.95
N VAL A 138 14.49 19.64 7.00
CA VAL A 138 15.12 19.30 8.26
C VAL A 138 16.23 20.25 8.62
N HIS A 139 16.38 21.28 7.76
CA HIS A 139 17.35 22.36 7.97
C HIS A 139 16.47 23.43 8.67
N GLY A 140 16.69 24.72 8.41
CA GLY A 140 15.85 25.71 9.07
C GLY A 140 16.16 25.77 10.56
N PHE A 141 15.30 26.38 11.37
CA PHE A 141 15.67 26.41 12.76
C PHE A 141 14.74 25.89 13.82
N ASN A 142 15.08 24.71 14.26
CA ASN A 142 14.35 24.02 15.29
C ASN A 142 15.46 23.44 16.08
N LYS A 143 15.09 22.93 17.24
CA LYS A 143 16.01 22.29 18.16
C LYS A 143 16.76 21.34 17.26
N PRO A 144 18.01 21.08 17.58
CA PRO A 144 18.54 20.14 16.60
C PRO A 144 18.65 18.75 17.14
N THR A 145 18.84 17.84 16.20
CA THR A 145 19.04 16.44 16.48
C THR A 145 19.93 16.36 17.69
N ASP A 146 21.08 16.99 17.51
CA ASP A 146 22.07 17.09 18.54
C ASP A 146 21.87 18.50 19.09
N THR A 147 21.73 18.57 20.41
CA THR A 147 21.52 19.82 21.11
C THR A 147 22.87 20.44 21.35
N VAL A 148 23.69 19.62 21.99
CA VAL A 148 25.04 19.91 22.40
C VAL A 148 25.79 20.89 21.50
N ASN A 149 26.44 20.34 20.51
CA ASN A 149 27.22 21.12 19.60
C ASN A 149 26.24 21.89 18.78
N THR A 150 24.97 21.58 18.98
CA THR A 150 23.89 22.24 18.28
C THR A 150 24.13 21.79 16.87
N LYS A 151 23.87 20.53 16.62
CA LYS A 151 24.07 20.00 15.27
C LYS A 151 23.04 18.94 14.89
N GLY A 152 23.15 18.49 13.65
CA GLY A 152 22.26 17.46 13.18
C GLY A 152 21.21 17.85 12.17
N ILE A 153 20.03 18.17 12.65
CA ILE A 153 18.93 18.51 11.78
C ILE A 153 18.01 19.27 12.64
N SER A 154 17.40 20.31 12.08
CA SER A 154 16.43 21.04 12.86
C SER A 154 15.27 20.06 12.91
N THR A 155 15.30 19.38 14.04
CA THR A 155 14.37 18.36 14.44
C THR A 155 12.96 18.64 14.03
N PRO A 156 12.45 17.84 13.07
CA PRO A 156 11.11 17.86 12.47
C PRO A 156 9.92 17.87 13.37
N VAL A 157 8.80 17.90 12.69
CA VAL A 157 7.53 17.92 13.34
C VAL A 157 7.40 16.55 13.92
N GLU A 158 6.82 16.49 15.11
CA GLU A 158 6.63 15.26 15.81
C GLU A 158 5.49 15.55 16.75
N GLY A 159 5.04 14.52 17.44
CA GLY A 159 3.98 14.66 18.44
C GLY A 159 2.56 14.23 18.14
N SER A 160 1.67 14.51 19.10
CA SER A 160 0.25 14.20 18.92
C SER A 160 -0.22 14.82 17.61
N GLN A 161 -1.07 14.11 16.89
CA GLN A 161 -1.56 14.65 15.67
C GLN A 161 -3.03 14.30 15.65
N TYR A 162 -3.76 14.95 14.78
CA TYR A 162 -5.18 14.76 14.79
C TYR A 162 -5.68 15.26 13.48
N HIS A 163 -6.64 14.53 12.94
CA HIS A 163 -7.20 14.88 11.65
C HIS A 163 -8.60 14.39 11.71
N VAL A 164 -9.55 15.17 11.25
CA VAL A 164 -10.95 14.75 11.28
C VAL A 164 -11.62 15.61 10.30
N PHE A 165 -12.85 15.25 9.95
CA PHE A 165 -13.63 16.07 9.07
C PHE A 165 -14.98 15.49 8.84
N ALA A 166 -15.71 16.25 8.03
CA ALA A 166 -17.04 15.87 7.74
C ALA A 166 -17.56 16.65 6.63
N VAL A 167 -18.79 16.29 6.29
CA VAL A 167 -19.48 16.89 5.17
C VAL A 167 -20.94 16.73 5.41
N GLY A 168 -21.69 17.82 5.45
CA GLY A 168 -23.14 17.71 5.69
C GLY A 168 -24.12 18.75 5.16
N GLY A 169 -25.43 18.52 5.40
CA GLY A 169 -26.52 19.40 4.94
C GLY A 169 -26.85 20.59 5.82
N GLU A 170 -26.27 20.56 7.01
CA GLU A 170 -26.36 21.61 8.01
C GLU A 170 -24.97 21.62 8.58
N PRO A 171 -24.65 22.63 9.36
CA PRO A 171 -23.32 22.71 9.94
C PRO A 171 -23.05 21.51 10.79
N LEU A 172 -21.80 21.40 11.19
CA LEU A 172 -21.37 20.30 12.04
C LEU A 172 -21.93 20.40 13.46
N ASP A 173 -22.82 19.49 13.82
CA ASP A 173 -23.36 19.50 15.18
C ASP A 173 -22.26 19.02 16.06
N LEU A 174 -22.03 19.73 17.14
CA LEU A 174 -20.95 19.32 17.98
C LEU A 174 -21.18 19.53 19.48
N GLN A 175 -20.25 19.03 20.30
CA GLN A 175 -20.33 19.10 21.74
C GLN A 175 -19.00 18.96 22.35
N GLY A 176 -18.66 19.87 23.26
CA GLY A 176 -17.35 19.80 23.85
C GLY A 176 -17.20 19.17 25.19
N LEU A 177 -15.94 18.88 25.50
CA LEU A 177 -15.46 18.33 26.82
C LEU A 177 -14.13 18.94 26.92
N VAL A 178 -13.53 18.79 28.09
CA VAL A 178 -12.23 19.36 28.30
C VAL A 178 -11.38 18.61 29.33
N THR A 179 -10.09 18.87 29.21
CA THR A 179 -9.09 18.30 30.07
C THR A 179 -9.29 19.02 31.38
N ASP A 180 -9.24 20.34 31.35
CA ASP A 180 -9.41 21.06 32.58
C ASP A 180 -10.59 21.98 32.66
N ALA A 181 -11.55 21.60 33.47
CA ALA A 181 -12.76 22.37 33.61
C ALA A 181 -12.52 23.80 34.04
N ARG A 182 -11.27 24.11 34.39
CA ARG A 182 -10.97 25.45 34.80
C ARG A 182 -10.59 26.30 33.59
N THR A 183 -9.36 26.12 33.13
CA THR A 183 -8.84 26.81 31.96
C THR A 183 -9.40 28.20 31.66
N LYS A 184 -8.47 29.12 31.65
CA LYS A 184 -8.76 30.52 31.45
C LYS A 184 -9.04 30.90 30.03
N TYR A 185 -9.79 30.07 29.33
CA TYR A 185 -10.11 30.36 27.94
C TYR A 185 -10.53 31.81 27.80
N LYS A 186 -9.79 32.63 27.06
CA LYS A 186 -10.23 34.03 26.94
C LYS A 186 -11.63 33.94 26.43
N GLU A 187 -12.53 34.69 27.03
CA GLU A 187 -13.91 34.61 26.57
C GLU A 187 -13.97 35.31 25.26
N GLU A 188 -12.86 35.98 24.93
CA GLU A 188 -12.83 36.74 23.70
C GLU A 188 -12.10 36.24 22.44
N GLY A 189 -12.86 36.06 21.35
CA GLY A 189 -12.34 35.60 20.06
C GLY A 189 -12.28 34.10 19.88
N VAL A 190 -13.22 33.41 20.49
CA VAL A 190 -13.29 31.96 20.45
C VAL A 190 -14.60 31.51 21.04
N VAL A 191 -15.20 30.49 20.46
CA VAL A 191 -16.41 30.01 21.04
C VAL A 191 -15.92 29.01 22.05
N THR A 192 -16.41 29.14 23.27
CA THR A 192 -15.99 28.27 24.32
C THR A 192 -17.24 27.96 25.06
N ILE A 193 -17.22 26.83 25.73
CA ILE A 193 -18.36 26.34 26.52
C ILE A 193 -19.24 27.41 27.16
N LYS A 194 -18.59 28.41 27.74
CA LYS A 194 -19.31 29.49 28.40
C LYS A 194 -19.72 30.50 27.37
N THR A 195 -18.83 30.76 26.43
CA THR A 195 -19.09 31.72 25.38
C THR A 195 -20.46 31.30 24.84
N ILE A 196 -20.75 30.01 24.93
CA ILE A 196 -22.05 29.49 24.50
C ILE A 196 -22.97 29.31 25.70
N THR A 197 -22.39 28.96 26.82
CA THR A 197 -23.27 28.78 27.91
C THR A 197 -23.12 29.60 29.15
N LYS A 198 -22.73 30.85 28.95
CA LYS A 198 -22.57 31.80 30.03
C LYS A 198 -21.85 31.18 31.23
N LYS A 199 -22.64 30.59 32.11
CA LYS A 199 -22.15 29.91 33.32
C LYS A 199 -20.86 29.21 32.97
N ASP A 200 -19.87 29.34 33.84
CA ASP A 200 -18.58 28.71 33.63
C ASP A 200 -18.64 27.19 33.47
N MET A 201 -17.48 26.59 33.27
CA MET A 201 -17.38 25.16 33.07
C MET A 201 -17.64 24.49 34.39
N VAL A 202 -18.23 23.31 34.31
CA VAL A 202 -18.51 22.53 35.50
C VAL A 202 -17.65 21.28 35.34
N ASN A 203 -17.45 20.50 36.39
CA ASN A 203 -16.65 19.30 36.22
C ASN A 203 -17.28 18.43 35.12
N LYS A 204 -18.59 18.54 34.97
CA LYS A 204 -19.30 17.76 33.96
C LYS A 204 -18.86 18.10 32.55
N ASP A 205 -18.32 19.30 32.37
CA ASP A 205 -17.83 19.69 31.09
C ASP A 205 -16.52 18.92 30.93
N GLN A 206 -15.89 18.51 32.03
CA GLN A 206 -14.65 17.75 31.95
C GLN A 206 -14.92 16.34 31.39
N VAL A 207 -16.19 16.04 31.16
CA VAL A 207 -16.61 14.76 30.56
C VAL A 207 -17.89 15.02 29.77
N LEU A 208 -18.64 13.96 29.47
CA LEU A 208 -19.82 14.23 28.68
C LEU A 208 -20.82 15.10 29.38
N ASN A 209 -20.67 16.40 29.15
CA ASN A 209 -21.61 17.35 29.65
C ASN A 209 -22.57 17.58 28.48
N PRO A 210 -23.80 17.13 28.64
CA PRO A 210 -24.89 17.22 27.67
C PRO A 210 -25.44 18.57 27.41
N ILE A 211 -24.88 19.57 28.04
CA ILE A 211 -25.37 20.90 27.76
C ILE A 211 -24.37 21.49 26.81
N SER A 212 -23.10 21.29 27.13
CA SER A 212 -22.01 21.79 26.34
C SER A 212 -22.00 21.29 24.88
N LYS A 213 -23.05 21.65 24.16
CA LYS A 213 -23.25 21.24 22.80
C LYS A 213 -23.33 22.50 21.97
N ALA A 214 -22.46 22.58 20.98
CA ALA A 214 -22.40 23.74 20.08
C ALA A 214 -22.75 23.39 18.61
N LYS A 215 -22.32 24.25 17.70
CA LYS A 215 -22.49 24.09 16.25
C LYS A 215 -21.35 24.81 15.55
N LEU A 216 -20.70 24.14 14.62
CA LEU A 216 -19.59 24.75 13.91
C LEU A 216 -20.14 25.71 12.91
N ASP A 217 -20.40 26.94 13.36
CA ASP A 217 -20.89 27.97 12.45
C ASP A 217 -19.74 28.92 12.22
N LYS A 218 -19.09 29.34 13.27
CA LYS A 218 -17.98 30.20 13.04
C LYS A 218 -16.80 29.34 12.69
N ASP A 219 -16.13 29.73 11.65
CA ASP A 219 -14.98 28.99 11.26
C ASP A 219 -13.77 29.57 11.98
N GLY A 220 -12.75 28.74 12.15
CA GLY A 220 -11.53 29.19 12.77
C GLY A 220 -11.83 29.75 14.14
N MET A 221 -12.86 29.20 14.75
CA MET A 221 -13.22 29.73 16.04
C MET A 221 -13.34 28.70 17.13
N TYR A 222 -14.18 27.71 16.93
CA TYR A 222 -14.30 26.74 17.97
C TYR A 222 -12.99 26.00 17.94
N PRO A 223 -12.27 25.95 19.07
CA PRO A 223 -10.99 25.25 19.09
C PRO A 223 -11.25 23.78 19.27
N VAL A 224 -10.43 22.97 18.63
CA VAL A 224 -10.61 21.52 18.69
C VAL A 224 -10.41 21.02 20.07
N GLU A 225 -9.51 21.68 20.76
CA GLU A 225 -9.19 21.30 22.10
C GLU A 225 -10.46 21.25 22.99
N ILE A 226 -11.53 21.91 22.53
CA ILE A 226 -12.79 22.01 23.27
C ILE A 226 -14.04 21.42 22.64
N TRP A 227 -14.11 21.58 21.34
CA TRP A 227 -15.26 21.12 20.62
C TRP A 227 -15.13 19.79 19.87
N HIS A 228 -16.15 18.96 20.02
CA HIS A 228 -16.15 17.64 19.41
C HIS A 228 -17.39 17.32 18.63
N PRO A 229 -17.23 16.51 17.58
CA PRO A 229 -18.30 16.07 16.69
C PRO A 229 -19.17 15.26 17.59
N ASP A 230 -20.17 15.95 18.10
CA ASP A 230 -21.07 15.33 19.02
C ASP A 230 -21.97 14.41 18.26
N PRO A 231 -21.92 13.10 18.56
CA PRO A 231 -22.82 12.20 17.83
C PRO A 231 -24.19 12.50 18.39
N ALA A 232 -24.96 13.29 17.66
CA ALA A 232 -26.30 13.60 18.13
C ALA A 232 -27.12 12.30 18.00
N LYS A 233 -28.39 12.45 18.26
CA LYS A 233 -29.28 11.34 18.12
C LYS A 233 -29.37 11.19 16.62
N ASN A 234 -29.52 12.39 16.00
CA ASN A 234 -29.70 12.66 14.55
C ASN A 234 -28.48 13.38 13.90
N GLU A 235 -28.31 13.20 12.58
CA GLU A 235 -27.21 13.78 11.83
C GLU A 235 -27.31 13.71 10.29
N ASN A 236 -27.07 14.87 9.69
CA ASN A 236 -27.09 15.03 8.24
C ASN A 236 -25.65 15.34 7.81
N THR A 237 -24.66 14.95 8.62
CA THR A 237 -23.24 15.15 8.27
C THR A 237 -22.53 13.80 8.43
N ARG A 238 -21.37 13.64 7.80
CA ARG A 238 -20.65 12.40 7.94
C ARG A 238 -19.38 12.92 8.42
N TYR A 239 -18.93 12.39 9.51
CA TYR A 239 -17.68 12.88 9.99
C TYR A 239 -16.91 11.71 10.37
N PHE A 240 -15.60 11.96 10.44
CA PHE A 240 -14.61 10.97 10.79
C PHE A 240 -13.33 11.65 11.01
N GLY A 241 -12.46 10.89 11.66
CA GLY A 241 -11.12 11.33 11.94
C GLY A 241 -10.55 10.54 13.07
N ASN A 242 -9.32 10.85 13.45
CA ASN A 242 -8.69 10.16 14.55
C ASN A 242 -7.56 10.92 15.25
N TYR A 243 -7.31 10.48 16.48
CA TYR A 243 -6.30 11.06 17.32
C TYR A 243 -5.20 10.05 17.47
N THR A 244 -4.02 10.60 17.67
CA THR A 244 -2.82 9.83 17.82
C THR A 244 -2.05 10.70 18.73
N GLY A 245 -2.10 10.37 20.01
CA GLY A 245 -1.42 11.15 21.03
C GLY A 245 0.06 11.03 21.07
N GLY A 246 0.67 11.64 22.07
CA GLY A 246 2.09 11.50 22.16
C GLY A 246 2.95 12.71 22.00
N THR A 247 4.16 12.53 22.52
CA THR A 247 5.19 13.54 22.57
C THR A 247 6.10 13.67 21.35
N THR A 248 6.64 12.53 20.94
CA THR A 248 7.55 12.44 19.79
C THR A 248 6.78 11.89 18.62
N THR A 249 5.93 10.92 18.95
CA THR A 249 4.99 10.27 18.06
C THR A 249 5.06 10.74 16.58
N PRO A 250 5.72 9.95 15.72
CA PRO A 250 5.85 10.30 14.31
C PRO A 250 4.59 10.49 13.57
N PRO A 251 4.64 11.44 12.68
CA PRO A 251 3.54 11.81 11.81
C PRO A 251 3.52 10.86 10.63
N VAL A 252 2.36 10.72 10.03
CA VAL A 252 2.26 9.82 8.88
C VAL A 252 1.09 10.23 8.06
N LEU A 253 1.21 10.12 6.75
CA LEU A 253 0.09 10.57 5.98
C LEU A 253 -0.08 9.88 4.71
N GLN A 254 -1.27 10.07 4.14
CA GLN A 254 -1.66 9.42 2.89
C GLN A 254 -1.89 10.18 1.62
N PHE A 255 -0.88 10.09 0.77
CA PHE A 255 -0.96 10.74 -0.48
C PHE A 255 -1.73 9.98 -1.52
N THR A 256 -3.03 10.26 -1.61
CA THR A 256 -3.78 9.67 -2.69
C THR A 256 -4.98 10.24 -3.36
N ASN A 257 -4.74 10.00 -4.63
CA ASN A 257 -5.46 10.30 -5.79
C ASN A 257 -6.53 9.25 -5.99
N THR A 258 -6.35 8.09 -5.40
CA THR A 258 -7.28 7.01 -5.68
C THR A 258 -8.65 6.65 -5.13
N LEU A 259 -8.82 6.35 -3.83
CA LEU A 259 -10.20 6.02 -3.48
C LEU A 259 -10.99 7.17 -2.93
N THR A 260 -12.28 7.05 -3.22
CA THR A 260 -13.36 7.96 -2.89
C THR A 260 -14.11 7.44 -1.72
N THR A 261 -14.85 8.32 -1.08
CA THR A 261 -15.61 7.91 0.07
C THR A 261 -17.03 8.20 0.01
N VAL A 262 -17.75 7.22 0.50
CA VAL A 262 -19.15 7.35 0.42
C VAL A 262 -19.86 7.90 1.57
N LEU A 263 -20.48 9.03 1.28
CA LEU A 263 -21.24 9.71 2.27
C LEU A 263 -22.58 9.06 2.30
N LEU A 264 -22.86 8.13 1.41
CA LEU A 264 -24.18 7.54 1.47
C LEU A 264 -24.52 6.93 2.75
N ASP A 265 -25.73 7.24 3.16
CA ASP A 265 -26.13 6.76 4.44
C ASP A 265 -26.57 5.33 4.35
N GLU A 266 -27.06 4.86 5.48
CA GLU A 266 -27.52 3.51 5.63
C GLU A 266 -28.71 3.23 4.74
N ASN A 267 -29.54 4.24 4.49
CA ASN A 267 -30.72 4.02 3.67
C ASN A 267 -30.57 4.56 2.23
N GLY A 268 -29.30 4.72 1.85
CA GLY A 268 -28.94 5.20 0.53
C GLY A 268 -29.29 6.64 0.44
N VAL A 269 -28.65 7.47 1.24
CA VAL A 269 -29.05 8.84 1.23
C VAL A 269 -27.97 9.84 1.33
N GLY A 270 -27.03 9.60 2.22
CA GLY A 270 -25.99 10.61 2.31
C GLY A 270 -26.59 11.92 2.77
N PRO A 271 -25.80 12.98 2.74
CA PRO A 271 -26.38 14.24 3.20
C PRO A 271 -27.26 14.87 2.16
N LEU A 272 -27.92 15.94 2.61
CA LEU A 272 -28.85 16.73 1.81
C LEU A 272 -28.66 18.15 2.26
N CYS A 273 -28.04 18.94 1.40
CA CYS A 273 -27.75 20.32 1.68
C CYS A 273 -29.02 21.04 1.94
N LYS A 274 -29.56 20.89 3.14
CA LYS A 274 -30.79 21.58 3.44
C LYS A 274 -30.35 23.01 3.52
N GLY A 275 -31.12 23.84 2.85
CA GLY A 275 -30.77 25.23 2.77
C GLY A 275 -29.54 25.26 1.90
N GLU A 276 -29.70 24.68 0.70
CA GLU A 276 -28.70 24.52 -0.38
C GLU A 276 -27.21 24.67 -0.03
N GLY A 277 -26.87 24.32 1.21
CA GLY A 277 -25.52 24.49 1.69
C GLY A 277 -24.75 23.21 1.87
N LEU A 278 -23.57 23.18 1.30
CA LEU A 278 -22.72 22.04 1.41
C LEU A 278 -21.81 22.44 2.56
N TYR A 279 -21.71 21.59 3.58
CA TYR A 279 -20.91 21.93 4.76
C TYR A 279 -19.66 21.07 5.00
N LEU A 280 -18.54 21.65 4.60
CA LEU A 280 -17.26 20.99 4.74
C LEU A 280 -16.61 21.45 6.05
N SER A 281 -15.97 20.53 6.76
CA SER A 281 -15.37 20.86 8.05
C SER A 281 -14.25 19.86 8.33
N CYS A 282 -13.17 20.32 8.96
CA CYS A 282 -12.01 19.43 9.28
C CYS A 282 -10.85 20.00 10.11
N VAL A 283 -9.89 19.14 10.45
CA VAL A 283 -8.73 19.56 11.24
C VAL A 283 -7.54 18.71 11.07
N ASP A 284 -6.41 19.32 10.77
CA ASP A 284 -5.26 18.47 10.56
C ASP A 284 -3.96 18.83 11.21
N ILE A 285 -3.96 18.50 12.46
CA ILE A 285 -2.85 18.74 13.33
C ILE A 285 -1.84 17.72 13.01
N MET A 286 -0.65 18.18 12.75
CA MET A 286 0.38 17.28 12.39
C MET A 286 1.33 17.00 13.49
N GLY A 287 1.28 17.84 14.50
CA GLY A 287 2.20 17.70 15.61
C GLY A 287 3.02 18.98 15.71
N TRP A 288 3.95 19.04 16.65
CA TRP A 288 4.74 20.24 16.83
C TRP A 288 6.12 20.34 16.23
N ARG A 289 6.44 21.62 16.03
CA ARG A 289 7.69 22.09 15.55
C ARG A 289 8.21 22.76 16.78
N VAL A 290 9.37 22.32 17.20
CA VAL A 290 9.98 22.91 18.36
C VAL A 290 11.19 23.85 18.14
N THR A 291 11.01 25.10 18.52
CA THR A 291 12.07 26.08 18.28
C THR A 291 13.45 25.83 18.79
N ARG A 292 14.45 25.98 17.90
CA ARG A 292 15.83 25.82 18.30
C ARG A 292 15.90 27.04 19.15
N ASN A 293 15.82 26.84 20.46
CA ASN A 293 15.82 27.95 21.39
C ASN A 293 15.46 27.31 22.71
N TYR A 294 14.23 27.61 23.14
CA TYR A 294 13.65 27.12 24.36
C TYR A 294 12.68 26.11 23.87
N ASP A 295 11.77 25.68 24.72
CA ASP A 295 10.93 24.70 24.19
C ASP A 295 9.59 25.16 23.77
N VAL A 296 9.61 26.09 22.84
CA VAL A 296 8.36 26.57 22.32
C VAL A 296 7.93 25.49 21.37
N HIS A 297 6.66 25.19 21.38
CA HIS A 297 6.24 24.11 20.56
C HIS A 297 5.30 24.30 19.40
N HIS A 298 4.99 25.51 18.94
CA HIS A 298 3.99 25.59 17.85
C HIS A 298 3.74 24.44 16.89
N TRP A 299 2.52 23.88 16.96
CA TRP A 299 2.19 22.77 16.09
C TRP A 299 1.66 23.11 14.70
N ARG A 300 2.12 22.33 13.71
CA ARG A 300 1.76 22.54 12.30
C ARG A 300 0.56 21.82 11.81
N GLY A 301 -0.14 22.54 10.94
CA GLY A 301 -1.33 22.01 10.33
C GLY A 301 -1.03 21.95 8.86
N LEU A 302 -1.93 21.32 8.13
CA LEU A 302 -1.86 21.14 6.68
C LEU A 302 -3.26 21.27 6.15
N PRO A 303 -3.41 21.63 4.88
CA PRO A 303 -4.74 21.80 4.28
C PRO A 303 -5.40 20.58 3.72
N ARG A 304 -6.62 20.77 3.24
CA ARG A 304 -7.38 19.65 2.76
C ARG A 304 -8.26 19.78 1.53
N TYR A 305 -8.01 18.91 0.58
CA TYR A 305 -8.75 18.89 -0.69
C TYR A 305 -10.05 18.27 -0.47
N PHE A 306 -10.99 18.50 -1.38
CA PHE A 306 -12.32 17.89 -1.26
C PHE A 306 -12.95 17.80 -2.60
N LYS A 307 -13.43 16.63 -2.93
CA LYS A 307 -14.10 16.49 -4.18
C LYS A 307 -15.44 15.88 -3.82
N ILE A 308 -16.42 16.76 -3.70
CA ILE A 308 -17.74 16.34 -3.33
C ILE A 308 -18.53 16.04 -4.58
N THR A 309 -19.07 14.86 -4.54
CA THR A 309 -19.81 14.31 -5.62
C THR A 309 -21.25 14.40 -5.23
N LEU A 310 -22.00 15.31 -5.84
CA LEU A 310 -23.42 15.34 -5.47
C LEU A 310 -24.46 15.45 -6.56
N ARG A 311 -25.57 14.78 -6.28
CA ARG A 311 -26.69 14.69 -7.19
C ARG A 311 -27.89 15.38 -6.62
N LYS A 312 -28.95 15.25 -7.38
CA LYS A 312 -30.19 15.87 -7.03
C LYS A 312 -31.18 14.80 -6.59
N ARG A 313 -31.85 15.04 -5.47
CA ARG A 313 -32.84 14.10 -5.02
C ARG A 313 -34.19 14.75 -4.80
N TRP A 314 -35.22 13.94 -4.93
CA TRP A 314 -36.61 14.32 -4.78
C TRP A 314 -37.16 14.14 -3.39
N VAL A 315 -38.03 15.05 -2.96
CA VAL A 315 -38.65 14.93 -1.63
C VAL A 315 -40.06 15.44 -1.61
N LYS A 316 -40.64 15.39 -0.42
CA LYS A 316 -42.00 15.84 -0.24
C LYS A 316 -42.09 17.23 0.38
N ASN A 317 -43.00 18.06 -0.15
CA ASN A 317 -43.23 19.43 0.32
C ASN A 317 -43.58 19.40 1.81
N PRO A 318 -42.82 20.12 2.66
CA PRO A 318 -43.05 20.18 4.12
C PRO A 318 -44.02 21.28 4.58
N TYR A 319 -44.24 22.30 3.75
CA TYR A 319 -45.16 23.39 4.11
C TYR A 319 -46.59 22.96 4.26
N PRO A 320 -47.01 21.85 3.60
CA PRO A 320 -48.40 21.44 3.78
C PRO A 320 -48.77 21.19 5.24
N MET A 321 -47.77 21.09 6.12
CA MET A 321 -48.01 20.91 7.56
C MET A 321 -48.41 22.31 8.07
N ALA A 322 -49.68 22.67 7.79
CA ALA A 322 -50.36 23.95 8.08
C ALA A 322 -50.09 24.81 9.32
N SER A 323 -50.36 26.11 9.14
CA SER A 323 -50.17 27.18 10.14
C SER A 323 -49.81 26.82 11.61
N LEU A 324 -50.85 26.70 12.44
CA LEU A 324 -50.71 26.40 13.86
C LEU A 324 -50.57 24.89 14.12
N ILE A 325 -50.82 24.11 13.07
CA ILE A 325 -50.73 22.63 13.13
C ILE A 325 -49.26 22.11 13.26
N SER A 326 -48.27 22.99 13.03
CA SER A 326 -46.85 22.60 13.15
C SER A 326 -45.86 23.73 13.57
N SER A 327 -46.37 24.96 13.68
CA SER A 327 -45.58 26.16 14.06
C SER A 327 -44.97 25.88 15.36
N LEU A 328 -45.08 26.84 16.20
CA LEU A 328 -44.64 26.60 17.51
C LEU A 328 -45.46 25.46 18.01
N PHE A 329 -45.01 24.33 17.67
CA PHE A 329 -45.67 23.14 18.05
C PHE A 329 -44.63 22.27 18.78
N ASN A 330 -43.44 22.13 18.21
CA ASN A 330 -42.43 21.26 18.80
C ASN A 330 -41.64 21.66 20.06
N ASN A 331 -40.44 21.11 20.18
CA ASN A 331 -39.55 21.42 21.30
C ASN A 331 -38.90 22.74 20.93
N MET A 332 -39.76 23.75 21.02
CA MET A 332 -39.49 25.14 20.70
C MET A 332 -40.00 25.85 21.98
N LEU A 333 -41.23 25.49 22.38
CA LEU A 333 -41.87 26.06 23.55
C LEU A 333 -40.89 26.04 24.71
N PRO A 334 -40.37 27.24 25.05
CA PRO A 334 -39.39 27.59 26.09
C PRO A 334 -39.92 27.14 27.43
N GLN A 335 -40.25 28.11 28.27
CA GLN A 335 -40.78 27.74 29.55
C GLN A 335 -41.84 28.67 30.06
N VAL A 336 -42.16 28.55 31.35
CA VAL A 336 -43.15 29.39 31.97
C VAL A 336 -42.63 30.84 31.93
N GLN A 337 -41.86 30.66 33.10
CA GLN A 337 -41.99 31.02 34.52
C GLN A 337 -43.08 32.04 34.71
N GLY A 338 -44.24 31.53 35.04
CA GLY A 338 -45.36 32.41 35.24
C GLY A 338 -46.47 31.86 36.08
N GLN A 339 -47.06 32.81 36.82
CA GLN A 339 -48.15 32.63 37.75
C GLN A 339 -48.67 31.19 37.86
N PRO A 340 -48.73 30.69 39.09
CA PRO A 340 -49.17 29.36 39.51
C PRO A 340 -50.42 28.81 38.91
N MET A 341 -50.28 27.78 38.12
CA MET A 341 -51.47 27.18 37.54
C MET A 341 -51.49 25.71 37.92
N GLU A 342 -51.18 25.53 39.20
CA GLU A 342 -51.11 24.23 39.87
C GLU A 342 -50.51 24.49 41.26
N GLY A 343 -50.09 23.43 41.95
CA GLY A 343 -49.48 23.58 43.26
C GLY A 343 -50.45 24.12 44.30
N GLU A 344 -49.96 24.32 45.52
CA GLU A 344 -50.82 24.79 46.59
C GLU A 344 -51.26 26.24 46.48
N ASN A 345 -51.04 26.87 45.33
CA ASN A 345 -51.44 28.26 45.18
C ASN A 345 -52.17 28.63 43.88
N THR A 346 -52.38 27.63 43.04
CA THR A 346 -53.01 27.78 41.73
C THR A 346 -54.17 28.80 41.61
N GLN A 347 -54.12 29.66 40.58
CA GLN A 347 -55.18 30.62 40.36
C GLN A 347 -56.26 29.99 39.47
N VAL A 348 -56.48 28.69 39.66
CA VAL A 348 -57.46 27.93 38.94
C VAL A 348 -58.56 27.62 39.93
N GLU A 349 -59.65 28.37 39.85
CA GLU A 349 -60.75 28.19 40.78
C GLU A 349 -61.66 27.00 40.46
N GLU A 350 -61.66 26.57 39.21
CA GLU A 350 -62.50 25.45 38.89
C GLU A 350 -62.25 24.96 37.51
N VAL A 351 -62.76 23.76 37.32
CA VAL A 351 -62.69 23.06 36.10
C VAL A 351 -63.83 22.08 36.13
N ARG A 352 -64.41 21.83 34.98
CA ARG A 352 -65.45 20.84 34.87
C ARG A 352 -65.42 20.28 33.49
N VAL A 353 -65.89 19.07 33.37
CA VAL A 353 -65.89 18.48 32.09
C VAL A 353 -67.23 17.95 31.90
N TYR A 354 -67.71 18.22 30.72
CA TYR A 354 -69.02 17.78 30.33
C TYR A 354 -68.83 16.98 29.08
N ASP A 355 -69.76 16.07 28.82
CA ASP A 355 -69.75 15.28 27.58
C ASP A 355 -71.18 14.97 27.21
N GLY A 356 -71.92 14.54 28.21
CA GLY A 356 -73.31 14.18 27.96
C GLY A 356 -74.40 15.20 27.67
N THR A 357 -75.62 14.77 27.95
CA THR A 357 -76.81 15.54 27.72
C THR A 357 -77.93 15.11 28.63
N GLU A 358 -77.80 15.41 29.92
CA GLU A 358 -78.86 15.04 30.85
C GLU A 358 -79.95 16.11 30.89
N PRO A 359 -81.15 15.73 31.32
CA PRO A 359 -82.08 16.85 31.33
C PRO A 359 -81.81 17.69 32.54
N VAL A 360 -81.93 18.99 32.28
CA VAL A 360 -81.72 20.00 33.27
C VAL A 360 -81.98 19.53 34.61
N PRO A 361 -80.91 19.28 35.31
CA PRO A 361 -80.96 18.81 36.66
C PRO A 361 -81.50 20.01 37.41
N GLY A 362 -82.10 19.77 38.57
CA GLY A 362 -82.61 20.84 39.40
C GLY A 362 -81.44 21.70 39.81
N ASP A 363 -81.03 21.61 41.07
CA ASP A 363 -79.90 22.42 41.51
C ASP A 363 -78.81 22.35 40.47
N PRO A 364 -78.43 23.52 39.97
CA PRO A 364 -77.43 23.77 38.95
C PRO A 364 -76.05 23.88 39.55
N ASP A 365 -76.02 24.22 40.83
CA ASP A 365 -74.76 24.40 41.53
C ASP A 365 -74.10 23.02 41.66
N MET A 366 -74.93 22.00 41.48
CA MET A 366 -74.59 20.59 41.54
C MET A 366 -73.12 20.27 41.36
N THR A 367 -72.59 19.45 42.25
CA THR A 367 -71.20 19.02 42.12
C THR A 367 -71.32 17.56 41.75
N ARG A 368 -70.28 17.01 41.15
CA ARG A 368 -70.33 15.63 40.76
C ARG A 368 -68.96 15.26 40.27
N TYR A 369 -68.73 13.95 40.14
CA TYR A 369 -67.45 13.43 39.74
C TYR A 369 -67.49 11.90 39.69
N VAL A 370 -66.31 11.33 39.47
CA VAL A 370 -66.18 9.90 39.41
C VAL A 370 -65.40 9.40 40.57
N ASP A 371 -66.02 8.46 41.26
CA ASP A 371 -65.44 7.82 42.43
C ASP A 371 -64.44 6.85 41.92
N ARG A 372 -63.78 6.22 42.88
CA ARG A 372 -62.80 5.21 42.63
C ARG A 372 -63.12 4.36 41.40
N PHE A 373 -64.38 4.29 40.96
CA PHE A 373 -64.73 3.53 39.77
C PHE A 373 -66.06 3.85 39.00
N GLY A 374 -66.75 4.96 39.25
CA GLY A 374 -68.03 5.21 38.55
C GLY A 374 -68.46 6.66 38.72
N LYS A 375 -69.61 7.11 38.21
CA LYS A 375 -69.99 8.55 38.31
C LYS A 375 -70.95 8.97 39.42
N THR A 376 -70.79 10.17 40.00
CA THR A 376 -71.68 10.57 41.11
C THR A 376 -72.14 12.00 41.38
N LYS A 377 -73.43 12.18 41.67
CA LYS A 377 -73.94 13.50 42.00
C LYS A 377 -73.56 13.62 43.44
N THR A 378 -72.86 14.69 43.81
CA THR A 378 -72.50 14.86 45.20
C THR A 378 -73.79 15.13 45.84
N VAL A 379 -74.02 14.57 47.03
CA VAL A 379 -75.26 14.89 47.74
C VAL A 379 -75.04 16.36 47.92
N PHE A 380 -76.03 17.18 47.60
CA PHE A 380 -75.71 18.56 47.76
C PHE A 380 -75.40 18.87 49.18
N PRO A 381 -74.14 19.33 49.41
CA PRO A 381 -73.58 19.70 50.70
C PRO A 381 -74.10 18.81 51.82
N GLY A 382 -74.01 17.51 51.55
CA GLY A 382 -74.43 16.47 52.47
C GLY A 382 -73.67 15.20 52.10
N LYS B 17 0.28 -35.57 -33.05
CA LYS B 17 -1.12 -35.34 -33.46
C LYS B 17 -1.97 -34.79 -32.28
N ALA B 18 -2.74 -35.65 -31.63
CA ALA B 18 -3.60 -35.26 -30.51
C ALA B 18 -2.89 -35.41 -29.17
N CYS B 19 -1.60 -35.07 -29.15
CA CYS B 19 -0.82 -35.08 -27.91
C CYS B 19 -1.57 -33.91 -27.26
N PRO B 20 -2.28 -34.16 -26.14
CA PRO B 20 -3.07 -33.16 -25.38
C PRO B 20 -2.57 -31.73 -25.53
N ARG B 21 -3.48 -30.81 -25.84
CA ARG B 21 -3.11 -29.42 -26.06
C ARG B 21 -2.97 -28.55 -24.80
N PRO B 22 -1.75 -28.00 -24.54
CA PRO B 22 -1.50 -27.17 -23.36
C PRO B 22 -2.39 -25.98 -23.20
N ALA B 23 -2.24 -25.36 -22.05
CA ALA B 23 -3.03 -24.20 -21.72
C ALA B 23 -2.80 -23.04 -22.67
N PRO B 24 -3.80 -22.20 -22.85
CA PRO B 24 -3.75 -21.04 -23.70
C PRO B 24 -3.35 -19.88 -22.85
N VAL B 25 -2.21 -19.37 -23.22
CA VAL B 25 -1.58 -18.27 -22.57
C VAL B 25 -1.53 -17.25 -23.67
N PRO B 26 -1.38 -15.97 -23.32
CA PRO B 26 -1.31 -14.99 -24.38
C PRO B 26 0.09 -15.11 -24.98
N LYS B 27 0.10 -15.00 -26.31
CA LYS B 27 1.29 -15.13 -27.11
C LYS B 27 2.10 -13.89 -27.25
N LEU B 28 3.37 -14.03 -26.89
CA LEU B 28 4.29 -12.95 -26.98
C LEU B 28 4.82 -12.89 -28.40
N LEU B 29 4.74 -11.71 -29.00
CA LEU B 29 5.20 -11.47 -30.36
C LEU B 29 6.67 -11.38 -30.43
N ILE B 30 7.15 -10.49 -29.60
CA ILE B 30 8.54 -10.23 -29.57
C ILE B 30 8.77 -9.43 -28.35
N LYS B 31 9.98 -9.50 -27.86
CA LYS B 31 10.32 -8.73 -26.70
C LYS B 31 11.64 -8.15 -27.02
N GLY B 32 12.05 -7.27 -26.12
CA GLY B 32 13.33 -6.60 -26.25
C GLY B 32 13.10 -5.20 -25.70
N GLY B 33 13.76 -4.22 -26.32
CA GLY B 33 13.62 -2.83 -25.90
C GLY B 33 12.52 -2.04 -26.63
N MET B 34 12.47 -0.74 -26.36
CA MET B 34 11.44 0.10 -26.94
C MET B 34 11.10 -0.16 -28.42
N GLU B 35 12.13 -0.31 -29.21
CA GLU B 35 11.97 -0.56 -30.63
C GLU B 35 10.98 -1.66 -30.92
N VAL B 36 10.99 -2.67 -30.08
CA VAL B 36 10.06 -3.75 -30.27
C VAL B 36 8.70 -3.13 -30.55
N LEU B 37 8.46 -1.99 -29.90
CA LEU B 37 7.21 -1.24 -30.04
C LEU B 37 6.92 -0.93 -31.47
N ASP B 38 7.95 -0.43 -32.14
CA ASP B 38 7.94 -0.02 -33.54
C ASP B 38 7.10 -0.91 -34.39
N LEU B 39 7.27 -2.20 -34.17
CA LEU B 39 6.53 -3.18 -34.91
C LEU B 39 5.04 -2.98 -34.75
N VAL B 40 4.34 -3.04 -35.89
CA VAL B 40 2.90 -2.91 -35.89
C VAL B 40 2.35 -3.99 -35.00
N THR B 41 1.54 -3.54 -34.09
CA THR B 41 1.01 -4.43 -33.14
C THR B 41 -0.27 -5.05 -33.57
N GLY B 42 -1.21 -4.22 -33.95
CA GLY B 42 -2.50 -4.80 -34.28
C GLY B 42 -3.42 -3.98 -33.40
N PRO B 43 -4.41 -4.53 -32.68
CA PRO B 43 -5.24 -3.65 -31.86
C PRO B 43 -5.49 -4.05 -30.39
N ASP B 44 -5.45 -5.34 -30.10
CA ASP B 44 -5.65 -5.75 -28.74
C ASP B 44 -4.26 -5.90 -28.19
N SER B 45 -3.33 -6.12 -29.09
CA SER B 45 -1.92 -6.20 -28.80
C SER B 45 -1.41 -5.38 -27.63
N VAL B 46 -0.89 -6.10 -26.66
CA VAL B 46 -0.37 -5.47 -25.50
C VAL B 46 1.11 -5.38 -25.37
N THR B 47 1.46 -4.38 -24.61
CA THR B 47 2.81 -4.05 -24.39
C THR B 47 3.12 -3.95 -22.93
N GLU B 48 4.24 -4.54 -22.57
CA GLU B 48 4.68 -4.49 -21.20
C GLU B 48 6.02 -3.79 -21.22
N ILE B 49 6.10 -2.75 -20.42
CA ILE B 49 7.33 -1.99 -20.35
C ILE B 49 7.81 -1.97 -18.95
N GLU B 50 8.97 -2.59 -18.77
CA GLU B 50 9.62 -2.63 -17.46
C GLU B 50 10.66 -1.55 -17.56
N ALA B 51 10.71 -0.68 -16.57
CA ALA B 51 11.68 0.37 -16.59
C ALA B 51 11.81 0.77 -15.17
N PHE B 52 12.56 1.83 -14.95
CA PHE B 52 12.77 2.22 -13.60
C PHE B 52 13.35 3.55 -13.60
N LEU B 53 13.23 4.19 -12.46
CA LEU B 53 13.77 5.50 -12.27
C LEU B 53 14.74 5.33 -11.13
N ASN B 54 15.87 6.01 -11.24
CA ASN B 54 16.87 5.99 -10.17
C ASN B 54 16.41 7.11 -9.20
N PRO B 55 16.80 7.04 -7.93
CA PRO B 55 16.37 8.05 -6.96
C PRO B 55 17.21 9.27 -7.01
N ARG B 56 16.65 10.38 -7.45
CA ARG B 56 17.51 11.53 -7.51
C ARG B 56 17.22 12.64 -6.52
N MET B 57 18.03 12.61 -5.45
CA MET B 57 17.91 13.53 -4.34
C MET B 57 19.31 13.97 -3.96
N GLY B 58 19.62 15.22 -4.31
CA GLY B 58 20.92 15.80 -4.00
C GLY B 58 22.10 15.57 -4.96
N GLN B 59 23.07 14.80 -4.48
CA GLN B 59 24.26 14.45 -5.24
C GLN B 59 23.80 13.76 -6.47
N PRO B 60 24.08 14.36 -7.61
CA PRO B 60 23.72 13.87 -8.92
C PRO B 60 24.85 12.93 -9.33
N PRO B 61 24.58 12.09 -10.32
CA PRO B 61 25.45 11.07 -10.93
C PRO B 61 26.87 11.53 -11.25
N THR B 62 26.93 12.42 -12.24
CA THR B 62 28.12 13.04 -12.81
C THR B 62 29.52 12.87 -12.22
N PRO B 63 29.70 13.14 -10.92
CA PRO B 63 31.07 12.94 -10.50
C PRO B 63 31.19 11.42 -10.32
N GLU B 64 31.33 10.71 -11.43
CA GLU B 64 31.39 9.26 -11.36
C GLU B 64 32.42 8.77 -10.38
N SER B 65 33.40 9.61 -10.10
CA SER B 65 34.41 9.18 -9.17
C SER B 65 33.95 9.28 -7.76
N LEU B 66 34.32 8.25 -7.04
CA LEU B 66 33.94 8.12 -5.66
C LEU B 66 34.80 9.00 -4.77
N THR B 67 35.62 9.83 -5.38
CA THR B 67 36.47 10.71 -4.62
C THR B 67 35.90 12.11 -4.71
N GLU B 68 35.76 12.57 -5.95
CA GLU B 68 35.28 13.92 -6.22
C GLU B 68 33.79 14.14 -5.89
N GLY B 69 32.99 13.11 -6.10
CA GLY B 69 31.60 13.19 -5.74
C GLY B 69 31.49 12.33 -4.50
N GLY B 70 32.67 11.88 -4.02
CA GLY B 70 32.85 11.02 -2.84
C GLY B 70 31.77 9.99 -2.84
N GLN B 71 31.28 9.77 -4.05
CA GLN B 71 30.15 8.96 -4.27
C GLN B 71 29.14 8.81 -3.23
N TYR B 72 28.48 9.95 -3.16
CA TYR B 72 27.40 10.19 -2.29
C TYR B 72 26.29 10.01 -3.29
N TYR B 73 26.50 9.19 -4.30
CA TYR B 73 25.47 9.05 -5.28
C TYR B 73 24.25 8.48 -4.66
N GLY B 74 23.13 9.09 -5.02
CA GLY B 74 21.85 8.67 -4.51
C GLY B 74 21.90 8.96 -3.04
N TRP B 75 22.27 10.19 -2.75
CA TRP B 75 22.40 10.60 -1.39
C TRP B 75 22.32 12.09 -1.29
N SER B 76 21.75 12.54 -0.19
CA SER B 76 21.61 13.97 0.09
C SER B 76 23.04 14.23 0.40
N ARG B 77 23.60 15.28 -0.15
CA ARG B 77 24.99 15.56 0.09
C ARG B 77 25.32 15.62 1.58
N GLY B 78 25.05 16.73 2.23
CA GLY B 78 25.32 16.82 3.65
C GLY B 78 24.10 17.57 4.06
N ILE B 79 24.00 18.00 5.30
CA ILE B 79 22.80 18.76 5.61
C ILE B 79 23.05 20.21 6.00
N ASN B 80 22.83 21.05 5.01
CA ASN B 80 23.01 22.49 5.10
C ASN B 80 21.93 23.04 6.01
N LEU B 81 22.34 23.37 7.23
CA LEU B 81 21.41 23.92 8.19
C LEU B 81 21.10 25.36 7.89
N ALA B 82 20.50 26.05 8.85
CA ALA B 82 20.19 27.45 8.63
C ALA B 82 20.72 28.33 9.76
N THR B 83 21.11 29.54 9.38
CA THR B 83 21.67 30.54 10.28
C THR B 83 20.84 30.71 11.51
N SER B 84 19.57 30.97 11.28
CA SER B 84 18.64 31.19 12.34
C SER B 84 17.43 31.71 11.67
N ASP B 85 16.30 31.59 12.38
CA ASP B 85 14.95 32.01 11.98
C ASP B 85 14.90 32.93 10.78
N THR B 86 15.85 33.86 10.79
CA THR B 86 16.00 34.83 9.74
C THR B 86 16.56 34.30 8.42
N GLU B 87 17.64 33.53 8.50
CA GLU B 87 18.27 33.01 7.32
C GLU B 87 18.31 31.50 7.18
N ASP B 88 17.55 31.01 6.21
CA ASP B 88 17.48 29.59 5.90
C ASP B 88 17.84 29.33 4.47
N SER B 89 19.08 29.02 4.23
CA SER B 89 19.48 28.69 2.89
C SER B 89 19.86 27.26 3.02
N PRO B 90 19.26 26.41 2.19
CA PRO B 90 19.54 24.98 2.18
C PRO B 90 20.35 24.79 0.93
N GLY B 91 21.28 23.86 0.97
CA GLY B 91 22.09 23.63 -0.21
C GLY B 91 21.30 22.93 -1.29
N ASN B 92 21.79 23.00 -2.51
CA ASN B 92 21.08 22.34 -3.57
C ASN B 92 21.26 20.82 -3.60
N ASN B 93 21.89 20.29 -2.55
CA ASN B 93 22.13 18.86 -2.46
C ASN B 93 21.71 18.47 -1.05
N THR B 94 20.97 19.37 -0.46
CA THR B 94 20.40 19.15 0.84
C THR B 94 18.97 19.19 0.41
N LEU B 95 18.74 18.82 -0.85
CA LEU B 95 17.39 18.87 -1.34
C LEU B 95 16.88 17.79 -2.27
N PRO B 96 16.34 16.75 -1.67
CA PRO B 96 15.77 15.64 -2.40
C PRO B 96 14.68 16.20 -3.27
N THR B 97 14.83 15.87 -4.54
CA THR B 97 14.02 16.31 -5.65
C THR B 97 13.26 15.21 -6.35
N TRP B 98 12.03 15.51 -6.76
CA TRP B 98 11.21 14.54 -7.46
C TRP B 98 11.94 13.90 -8.64
N SER B 99 12.01 12.57 -8.64
CA SER B 99 12.64 11.77 -9.70
C SER B 99 11.54 11.38 -10.73
N MET B 100 11.85 11.48 -12.02
CA MET B 100 10.87 11.13 -13.07
C MET B 100 11.42 10.92 -14.51
N ALA B 101 10.52 10.59 -15.44
CA ALA B 101 10.83 10.40 -16.86
C ALA B 101 9.58 10.19 -17.72
N LYS B 102 9.79 10.21 -19.03
CA LYS B 102 8.68 9.98 -19.94
C LYS B 102 9.10 9.02 -21.03
N LEU B 103 8.23 8.05 -21.29
CA LEU B 103 8.48 7.01 -22.27
C LEU B 103 7.88 7.42 -23.57
N GLN B 104 8.63 7.33 -24.66
CA GLN B 104 8.01 7.72 -25.91
C GLN B 104 7.49 6.56 -26.67
N LEU B 105 6.21 6.61 -26.97
CA LEU B 105 5.56 5.52 -27.67
C LEU B 105 5.20 5.79 -29.09
N PRO B 106 4.89 4.73 -29.83
CA PRO B 106 4.51 4.80 -31.25
C PRO B 106 3.25 5.60 -31.40
N MET B 107 2.83 5.77 -32.64
CA MET B 107 1.61 6.47 -32.94
C MET B 107 0.68 5.42 -33.50
N LEU B 108 -0.56 5.50 -33.11
CA LEU B 108 -1.50 4.52 -33.54
C LEU B 108 -2.36 5.09 -34.62
N ASN B 109 -3.44 4.41 -34.96
CA ASN B 109 -4.27 4.84 -36.06
C ASN B 109 -5.41 5.79 -35.84
N GLU B 110 -5.94 6.21 -37.01
CA GLU B 110 -7.04 7.17 -37.20
C GLU B 110 -8.17 6.59 -38.04
N ASP B 111 -9.21 7.41 -38.13
CA ASP B 111 -10.40 7.10 -38.88
C ASP B 111 -11.17 8.41 -38.82
N LEU B 112 -10.62 9.43 -39.49
CA LEU B 112 -11.21 10.78 -39.59
C LEU B 112 -12.65 10.62 -40.02
N THR B 113 -12.88 9.45 -40.62
CA THR B 113 -14.16 8.97 -41.09
C THR B 113 -15.14 9.05 -39.93
N CYS B 114 -14.80 8.33 -38.86
CA CYS B 114 -15.58 8.25 -37.63
C CYS B 114 -15.04 9.20 -36.60
N ASP B 115 -14.12 10.07 -37.04
CA ASP B 115 -13.46 11.06 -36.21
C ASP B 115 -13.06 10.48 -34.87
N THR B 116 -12.47 9.31 -34.94
CA THR B 116 -12.07 8.62 -33.75
C THR B 116 -10.65 8.12 -33.88
N LEU B 117 -9.92 8.09 -32.79
CA LEU B 117 -8.55 7.63 -32.82
C LEU B 117 -8.28 6.74 -31.65
N GLN B 118 -7.22 5.96 -31.76
CA GLN B 118 -6.86 5.08 -30.68
C GLN B 118 -5.63 5.68 -30.01
N MET B 119 -5.52 5.52 -28.69
CA MET B 119 -4.39 6.08 -27.93
C MET B 119 -3.79 5.03 -27.00
N TRP B 120 -2.55 5.32 -26.56
CA TRP B 120 -1.86 4.41 -25.64
C TRP B 120 -2.46 4.53 -24.27
N GLU B 121 -3.13 3.46 -23.86
CA GLU B 121 -3.84 3.43 -22.61
C GLU B 121 -3.25 2.53 -21.57
N ALA B 122 -2.74 3.17 -20.53
CA ALA B 122 -2.08 2.52 -19.41
C ALA B 122 -3.14 1.96 -18.53
N VAL B 123 -2.79 0.80 -17.97
CA VAL B 123 -3.75 0.07 -17.18
C VAL B 123 -3.41 -0.35 -15.78
N SER B 124 -2.32 -1.06 -15.69
CA SER B 124 -1.88 -1.57 -14.43
C SER B 124 -0.40 -1.46 -14.36
N VAL B 125 0.08 -1.43 -13.16
CA VAL B 125 1.47 -1.31 -13.07
C VAL B 125 1.97 -2.03 -11.86
N LYS B 126 2.98 -2.84 -12.07
CA LYS B 126 3.58 -3.40 -10.90
C LYS B 126 4.69 -2.39 -10.68
N THR B 127 5.06 -2.22 -9.42
CA THR B 127 6.20 -1.37 -9.14
C THR B 127 6.87 -1.89 -7.89
N GLU B 128 8.12 -1.51 -7.75
CA GLU B 128 8.87 -1.95 -6.60
C GLU B 128 10.11 -1.11 -6.35
N VAL B 129 10.46 -0.97 -5.09
CA VAL B 129 11.63 -0.19 -4.77
C VAL B 129 12.66 -1.13 -4.37
N VAL B 130 13.82 -1.01 -4.95
CA VAL B 130 14.76 -2.00 -4.55
C VAL B 130 15.96 -1.61 -3.87
N GLY B 131 16.32 -2.48 -2.93
CA GLY B 131 17.57 -2.22 -2.26
C GLY B 131 17.45 -2.11 -0.80
N SER B 132 16.29 -2.48 -0.33
CA SER B 132 16.03 -2.43 1.08
C SER B 132 17.15 -3.21 1.75
N GLY B 133 17.60 -4.25 1.06
CA GLY B 133 18.71 -5.03 1.60
C GLY B 133 19.93 -4.17 1.93
N SER B 134 20.24 -3.24 1.04
CA SER B 134 21.36 -2.40 1.29
C SER B 134 21.35 -1.84 2.71
N LEU B 135 20.18 -1.54 3.26
CA LEU B 135 20.14 -0.94 4.58
C LEU B 135 20.57 -1.84 5.72
N LEU B 136 21.31 -2.89 5.38
CA LEU B 136 21.84 -3.87 6.33
C LEU B 136 23.35 -3.79 6.47
N ASP B 137 23.95 -2.87 5.73
CA ASP B 137 25.40 -2.71 5.84
C ASP B 137 25.50 -1.98 7.10
N VAL B 138 26.12 -2.60 8.08
CA VAL B 138 26.24 -1.93 9.33
C VAL B 138 27.63 -1.69 9.84
N HIS B 139 28.59 -1.76 8.91
CA HIS B 139 29.99 -1.44 9.21
C HIS B 139 30.05 -0.04 8.59
N GLY B 140 31.26 0.40 8.22
CA GLY B 140 31.42 1.72 7.63
C GLY B 140 31.41 2.85 8.66
N PHE B 141 31.66 4.10 8.25
CA PHE B 141 31.63 5.10 9.29
C PHE B 141 30.45 6.03 9.49
N ASN B 142 29.53 5.49 10.27
CA ASN B 142 28.35 6.18 10.68
C ASN B 142 28.52 6.23 12.15
N LYS B 143 27.70 7.06 12.75
CA LYS B 143 27.78 7.19 14.18
C LYS B 143 27.68 5.80 14.68
N PRO B 144 28.58 5.43 15.53
CA PRO B 144 28.55 4.08 16.07
C PRO B 144 27.40 3.98 17.04
N THR B 145 27.00 2.74 17.32
CA THR B 145 25.94 2.47 18.25
C THR B 145 26.35 3.05 19.59
N ASP B 146 27.46 2.53 20.11
CA ASP B 146 28.01 2.98 21.39
C ASP B 146 29.03 4.04 21.07
N THR B 147 28.64 5.27 21.24
CA THR B 147 29.52 6.39 20.98
C THR B 147 30.74 6.35 21.86
N VAL B 148 30.45 6.19 23.15
CA VAL B 148 31.42 6.14 24.22
C VAL B 148 32.77 5.58 23.81
N ASN B 149 32.84 4.26 23.71
CA ASN B 149 34.07 3.60 23.34
C ASN B 149 34.19 3.61 21.83
N THR B 150 33.15 4.14 21.19
CA THR B 150 33.08 4.21 19.73
C THR B 150 32.98 2.77 19.25
N LYS B 151 31.88 2.13 19.63
CA LYS B 151 31.62 0.74 19.28
C LYS B 151 30.19 0.49 18.75
N GLY B 152 29.91 -0.77 18.45
CA GLY B 152 28.58 -1.09 18.01
C GLY B 152 28.41 -1.47 16.56
N ILE B 153 27.55 -0.71 15.93
CA ILE B 153 27.14 -0.87 14.55
C ILE B 153 27.23 0.50 13.98
N SER B 154 27.59 0.60 12.73
CA SER B 154 27.60 1.93 12.17
C SER B 154 26.17 2.14 11.79
N THR B 155 25.50 2.67 12.79
CA THR B 155 24.11 3.04 12.81
C THR B 155 23.43 3.26 11.48
N PRO B 156 22.46 2.36 11.15
CA PRO B 156 21.62 2.28 9.95
C PRO B 156 20.85 3.50 9.58
N VAL B 157 20.23 3.35 8.43
CA VAL B 157 19.43 4.40 7.89
C VAL B 157 18.21 4.44 8.75
N GLU B 158 17.90 5.64 9.22
CA GLU B 158 16.74 5.80 10.07
C GLU B 158 16.19 7.15 9.70
N GLY B 159 15.12 7.56 10.38
CA GLY B 159 14.52 8.87 10.15
C GLY B 159 13.23 8.87 9.35
N SER B 160 12.80 10.05 8.89
CA SER B 160 11.59 10.13 8.08
C SER B 160 11.79 9.38 6.77
N GLN B 161 10.70 9.00 6.15
CA GLN B 161 10.83 8.33 4.90
C GLN B 161 9.62 8.78 4.11
N TYR B 162 9.76 8.73 2.80
CA TYR B 162 8.69 9.17 1.94
C TYR B 162 8.81 8.43 0.67
N HIS B 163 7.66 8.00 0.19
CA HIS B 163 7.59 7.25 -1.04
C HIS B 163 6.32 7.64 -1.73
N VAL B 164 6.43 8.11 -2.95
CA VAL B 164 5.23 8.45 -3.67
C VAL B 164 5.60 8.16 -5.05
N PHE B 165 4.59 8.04 -5.86
CA PHE B 165 4.81 7.85 -7.25
C PHE B 165 3.49 7.97 -7.95
N ALA B 166 3.63 8.04 -9.26
CA ALA B 166 2.51 8.18 -10.11
C ALA B 166 2.88 7.71 -11.47
N VAL B 167 1.85 7.65 -12.27
CA VAL B 167 1.89 7.18 -13.62
C VAL B 167 0.83 7.93 -14.40
N GLY B 168 1.20 8.47 -15.54
CA GLY B 168 0.22 9.19 -16.33
C GLY B 168 0.50 9.49 -17.80
N GLY B 169 -0.57 9.94 -18.47
CA GLY B 169 -0.55 10.28 -19.89
C GLY B 169 -0.34 11.75 -20.14
N GLU B 170 0.52 12.31 -19.32
CA GLU B 170 0.92 13.69 -19.35
C GLU B 170 1.62 13.79 -18.05
N PRO B 171 2.47 14.78 -17.90
CA PRO B 171 3.21 14.94 -16.65
C PRO B 171 2.30 15.24 -15.50
N LEU B 172 2.93 15.22 -14.35
CA LEU B 172 2.26 15.43 -13.10
C LEU B 172 2.00 16.89 -12.71
N ASP B 173 0.74 17.16 -12.39
CA ASP B 173 0.27 18.47 -11.97
C ASP B 173 0.49 18.45 -10.49
N LEU B 174 1.26 19.43 -10.03
CA LEU B 174 1.60 19.52 -8.62
C LEU B 174 1.32 20.89 -8.05
N GLN B 175 1.37 20.93 -6.73
CA GLN B 175 1.10 22.11 -5.93
C GLN B 175 2.17 22.22 -4.90
N GLY B 176 2.63 23.39 -4.62
CA GLY B 176 3.64 23.45 -3.60
C GLY B 176 3.06 24.14 -2.41
N LEU B 177 3.58 23.77 -1.25
CA LEU B 177 3.29 24.36 0.11
C LEU B 177 4.52 24.08 0.80
N VAL B 178 5.09 25.11 1.36
CA VAL B 178 6.32 24.91 2.05
C VAL B 178 6.11 25.14 3.51
N THR B 179 7.12 24.77 4.28
CA THR B 179 7.14 25.02 5.70
C THR B 179 7.36 26.55 5.81
N ASP B 180 8.54 27.07 5.52
CA ASP B 180 8.74 28.53 5.63
C ASP B 180 8.91 29.35 4.40
N ALA B 181 7.91 30.15 4.10
CA ALA B 181 7.94 30.98 2.90
C ALA B 181 9.20 31.85 2.76
N ARG B 182 9.92 31.93 3.85
CA ARG B 182 11.12 32.72 3.92
C ARG B 182 12.37 31.96 3.46
N THR B 183 12.26 30.67 3.23
CA THR B 183 13.44 29.91 2.87
C THR B 183 14.14 30.38 1.62
N LYS B 184 15.44 30.51 1.82
CA LYS B 184 16.34 30.96 0.80
C LYS B 184 16.69 29.88 -0.18
N TYR B 185 15.73 29.50 -1.01
CA TYR B 185 16.01 28.50 -2.03
C TYR B 185 16.77 29.24 -3.08
N LYS B 186 17.49 28.53 -3.93
CA LYS B 186 18.22 29.25 -4.94
C LYS B 186 17.32 29.49 -6.11
N GLU B 187 17.64 30.55 -6.83
CA GLU B 187 16.89 30.92 -8.01
C GLU B 187 17.48 29.97 -9.04
N GLU B 188 18.60 29.39 -8.64
CA GLU B 188 19.38 28.51 -9.46
C GLU B 188 19.29 26.98 -9.23
N GLY B 189 19.20 26.24 -10.32
CA GLY B 189 19.18 24.77 -10.30
C GLY B 189 18.14 23.97 -9.54
N VAL B 190 16.98 24.56 -9.32
CA VAL B 190 15.91 23.88 -8.62
C VAL B 190 14.72 24.68 -9.00
N VAL B 191 13.56 24.06 -9.04
CA VAL B 191 12.40 24.83 -9.39
C VAL B 191 11.65 25.13 -8.11
N THR B 192 11.60 26.38 -7.73
CA THR B 192 10.87 26.71 -6.54
C THR B 192 9.73 27.53 -6.96
N ILE B 193 8.79 27.66 -6.04
CA ILE B 193 7.57 28.45 -6.23
C ILE B 193 7.87 29.80 -6.85
N LYS B 194 9.08 30.25 -6.58
CA LYS B 194 9.58 31.53 -7.05
C LYS B 194 9.94 31.28 -8.48
N THR B 195 10.78 30.27 -8.62
CA THR B 195 11.33 29.88 -9.89
C THR B 195 10.17 29.78 -10.87
N ILE B 196 9.03 29.33 -10.37
CA ILE B 196 7.87 29.24 -11.22
C ILE B 196 7.15 30.58 -11.14
N THR B 197 7.02 31.12 -9.96
CA THR B 197 6.40 32.40 -9.93
C THR B 197 7.21 33.46 -9.32
N LYS B 198 7.72 34.21 -10.27
CA LYS B 198 8.56 35.35 -10.14
C LYS B 198 8.58 35.86 -8.73
N LYS B 199 7.42 36.34 -8.32
CA LYS B 199 7.20 36.91 -7.00
C LYS B 199 7.48 35.93 -5.87
N ASP B 200 8.36 36.32 -4.96
CA ASP B 200 8.72 35.48 -3.84
C ASP B 200 7.54 34.94 -3.08
N MET B 201 7.78 33.88 -2.34
CA MET B 201 6.71 33.21 -1.61
C MET B 201 6.12 34.07 -0.54
N VAL B 202 4.89 33.73 -0.18
CA VAL B 202 4.15 34.44 0.84
C VAL B 202 3.66 33.42 1.85
N ASN B 203 2.92 33.84 2.87
CA ASN B 203 2.42 32.85 3.80
C ASN B 203 1.46 31.87 3.10
N LYS B 204 0.68 32.34 2.13
CA LYS B 204 -0.25 31.45 1.41
C LYS B 204 0.43 30.18 0.87
N ASP B 205 1.60 30.35 0.26
CA ASP B 205 2.39 29.27 -0.29
C ASP B 205 2.58 28.32 0.86
N GLN B 206 2.97 28.89 1.98
CA GLN B 206 3.20 28.16 3.20
C GLN B 206 2.01 27.26 3.60
N VAL B 207 0.89 27.36 2.90
CA VAL B 207 -0.22 26.48 3.22
C VAL B 207 -1.00 25.97 2.05
N LEU B 208 -1.37 26.79 1.12
CA LEU B 208 -2.05 26.21 0.01
C LEU B 208 -2.15 27.32 -0.93
N ASN B 209 -1.07 27.51 -1.66
CA ASN B 209 -1.22 28.56 -2.58
C ASN B 209 -1.68 28.11 -3.94
N PRO B 210 -2.95 28.35 -4.21
CA PRO B 210 -3.66 28.00 -5.44
C PRO B 210 -2.96 28.55 -6.65
N ILE B 211 -1.95 29.35 -6.39
CA ILE B 211 -1.20 29.91 -7.47
C ILE B 211 -0.08 28.96 -7.63
N SER B 212 0.68 28.86 -6.57
CA SER B 212 1.83 28.01 -6.51
C SER B 212 1.55 26.55 -6.96
N LYS B 213 1.39 26.40 -8.26
CA LYS B 213 1.11 25.10 -8.87
C LYS B 213 1.99 25.04 -10.11
N ALA B 214 2.69 23.93 -10.32
CA ALA B 214 3.51 23.82 -11.50
C ALA B 214 3.19 22.54 -12.26
N LYS B 215 4.17 22.07 -13.03
CA LYS B 215 4.05 20.84 -13.76
C LYS B 215 5.37 20.12 -13.50
N LEU B 216 5.48 18.90 -13.97
CA LEU B 216 6.72 18.18 -13.83
C LEU B 216 7.63 18.44 -15.05
N ASP B 217 7.51 19.62 -15.63
CA ASP B 217 8.24 19.94 -16.83
C ASP B 217 9.70 19.59 -16.73
N LYS B 218 10.25 19.53 -15.53
CA LYS B 218 11.64 19.16 -15.45
C LYS B 218 11.84 17.85 -14.77
N ASP B 219 12.92 17.74 -14.03
CA ASP B 219 13.23 16.51 -13.34
C ASP B 219 14.42 16.69 -12.43
N GLY B 220 14.45 15.92 -11.33
CA GLY B 220 15.53 16.02 -10.37
C GLY B 220 15.67 17.50 -10.08
N MET B 221 14.55 18.19 -10.24
CA MET B 221 14.59 19.61 -10.10
C MET B 221 13.63 20.21 -9.12
N TYR B 222 12.39 19.75 -9.14
CA TYR B 222 11.50 20.32 -8.17
C TYR B 222 11.76 19.41 -7.03
N PRO B 223 12.06 20.00 -5.87
CA PRO B 223 12.34 19.19 -4.70
C PRO B 223 11.03 18.89 -4.03
N VAL B 224 11.04 17.77 -3.34
CA VAL B 224 9.86 17.26 -2.68
C VAL B 224 9.45 18.10 -1.54
N GLU B 225 10.45 18.63 -0.88
CA GLU B 225 10.23 19.48 0.26
C GLU B 225 9.17 20.56 -0.04
N ILE B 226 9.06 20.93 -1.33
CA ILE B 226 8.15 21.97 -1.84
C ILE B 226 6.87 21.53 -2.56
N TRP B 227 7.15 20.82 -3.64
CA TRP B 227 6.18 20.30 -4.57
C TRP B 227 5.48 19.02 -4.23
N HIS B 228 4.17 19.06 -4.43
CA HIS B 228 3.35 17.93 -4.10
C HIS B 228 2.35 17.65 -5.16
N PRO B 229 1.92 16.40 -5.21
CA PRO B 229 0.93 15.95 -6.18
C PRO B 229 -0.27 16.76 -5.82
N ASP B 230 -0.62 17.65 -6.70
CA ASP B 230 -1.76 18.49 -6.41
C ASP B 230 -2.97 17.80 -6.91
N PRO B 231 -4.01 17.67 -6.06
CA PRO B 231 -5.21 17.01 -6.57
C PRO B 231 -5.94 18.06 -7.40
N ALA B 232 -5.47 18.19 -8.65
CA ALA B 232 -6.13 19.10 -9.54
C ALA B 232 -7.50 18.42 -9.53
N LYS B 233 -8.48 19.25 -9.71
CA LYS B 233 -9.84 18.85 -9.83
C LYS B 233 -9.89 17.83 -10.94
N ASN B 234 -8.88 17.91 -11.82
CA ASN B 234 -8.70 17.05 -13.02
C ASN B 234 -7.31 16.37 -13.03
N GLU B 235 -7.27 15.14 -13.55
CA GLU B 235 -6.01 14.37 -13.58
C GLU B 235 -6.04 13.08 -14.45
N ASN B 236 -4.91 12.83 -15.13
CA ASN B 236 -4.71 11.66 -16.00
C ASN B 236 -3.46 10.93 -15.50
N THR B 237 -3.16 11.16 -14.23
CA THR B 237 -2.03 10.50 -13.60
C THR B 237 -2.69 9.79 -12.41
N ARG B 238 -2.02 8.79 -11.90
CA ARG B 238 -2.55 8.08 -10.76
C ARG B 238 -1.34 8.16 -9.91
N TYR B 239 -1.53 8.62 -8.70
CA TYR B 239 -0.37 8.74 -7.90
C TYR B 239 -0.81 8.37 -6.58
N PHE B 240 0.25 8.19 -5.80
CA PHE B 240 0.15 7.86 -4.41
C PHE B 240 1.49 7.63 -3.84
N GLY B 241 1.43 7.69 -2.52
CA GLY B 241 2.56 7.51 -1.63
C GLY B 241 2.17 7.93 -0.22
N ASN B 242 3.19 8.05 0.64
CA ASN B 242 3.00 8.45 2.01
C ASN B 242 4.24 8.98 2.81
N TYR B 243 3.90 9.74 3.85
CA TYR B 243 4.87 10.34 4.70
C TYR B 243 4.90 9.56 5.96
N THR B 244 6.05 9.57 6.57
CA THR B 244 6.24 8.85 7.81
C THR B 244 7.28 9.68 8.44
N GLY B 245 6.82 10.66 9.21
CA GLY B 245 7.71 11.57 9.91
C GLY B 245 8.65 10.96 10.90
N GLY B 246 9.32 11.80 11.67
CA GLY B 246 10.21 11.25 12.67
C GLY B 246 11.70 11.32 12.48
N THR B 247 12.38 11.19 13.59
CA THR B 247 13.81 11.29 13.62
C THR B 247 14.58 9.97 13.70
N THR B 248 14.02 9.02 14.45
CA THR B 248 14.59 7.68 14.69
C THR B 248 13.89 6.63 13.86
N THR B 249 12.61 6.89 13.67
CA THR B 249 11.71 6.12 12.86
C THR B 249 12.39 5.08 11.94
N PRO B 250 12.02 3.80 12.05
CA PRO B 250 12.63 2.77 11.22
C PRO B 250 11.99 2.62 9.89
N PRO B 251 12.80 2.35 8.89
CA PRO B 251 12.42 2.16 7.50
C PRO B 251 11.74 0.84 7.29
N VAL B 252 10.84 0.80 6.33
CA VAL B 252 10.17 -0.44 6.09
C VAL B 252 9.85 -0.58 4.66
N LEU B 253 10.02 -1.78 4.15
CA LEU B 253 9.78 -1.97 2.75
C LEU B 253 9.19 -3.27 2.35
N GLN B 254 8.79 -3.31 1.07
CA GLN B 254 8.09 -4.41 0.42
C GLN B 254 8.58 -5.10 -0.84
N PHE B 255 9.13 -6.24 -0.61
CA PHE B 255 9.61 -6.97 -1.70
C PHE B 255 8.62 -7.82 -2.41
N THR B 256 8.08 -7.31 -3.52
CA THR B 256 7.26 -8.18 -4.34
C THR B 256 6.81 -7.98 -5.78
N ASN B 257 7.15 -9.04 -6.47
CA ASN B 257 6.93 -9.30 -7.86
C ASN B 257 5.59 -9.99 -8.00
N THR B 258 4.75 -9.86 -7.02
CA THR B 258 3.48 -10.55 -7.10
C THR B 258 2.31 -9.65 -7.47
N LEU B 259 2.42 -8.39 -7.05
CA LEU B 259 1.33 -7.44 -7.21
C LEU B 259 1.22 -6.40 -8.27
N THR B 260 0.06 -6.38 -8.89
CA THR B 260 -0.16 -5.42 -9.93
C THR B 260 -1.19 -4.49 -9.45
N THR B 261 -1.10 -3.27 -9.96
CA THR B 261 -2.01 -2.20 -9.59
C THR B 261 -2.72 -1.57 -10.70
N VAL B 262 -3.92 -1.16 -10.34
CA VAL B 262 -4.71 -0.59 -11.34
C VAL B 262 -4.80 0.88 -11.58
N LEU B 263 -4.05 1.22 -12.62
CA LEU B 263 -3.99 2.56 -13.13
C LEU B 263 -5.37 2.82 -13.69
N LEU B 264 -6.25 1.82 -13.68
CA LEU B 264 -7.58 2.06 -14.17
C LEU B 264 -8.37 3.06 -13.42
N ASP B 265 -9.12 3.79 -14.21
CA ASP B 265 -9.92 4.86 -13.70
C ASP B 265 -11.29 4.31 -13.38
N GLU B 266 -12.17 5.19 -12.92
CA GLU B 266 -13.52 4.85 -12.51
C GLU B 266 -14.47 4.45 -13.59
N ASN B 267 -14.19 4.81 -14.81
CA ASN B 267 -15.10 4.42 -15.86
C ASN B 267 -14.49 3.30 -16.60
N GLY B 268 -13.39 2.81 -16.04
CA GLY B 268 -12.71 1.71 -16.67
C GLY B 268 -11.82 2.31 -17.72
N VAL B 269 -11.05 3.30 -17.29
CA VAL B 269 -10.24 3.96 -18.23
C VAL B 269 -8.77 4.05 -18.02
N GLY B 270 -8.32 4.33 -16.82
CA GLY B 270 -6.87 4.41 -16.70
C GLY B 270 -6.33 5.58 -17.48
N PRO B 271 -5.02 5.77 -17.47
CA PRO B 271 -4.57 6.93 -18.23
C PRO B 271 -4.44 6.55 -19.67
N LEU B 272 -4.20 7.61 -20.44
CA LEU B 272 -4.02 7.55 -21.89
C LEU B 272 -2.96 8.57 -22.16
N CYS B 273 -1.92 8.16 -22.89
CA CYS B 273 -0.82 9.06 -23.17
C CYS B 273 -1.10 9.94 -24.36
N LYS B 274 -1.56 11.15 -24.05
CA LYS B 274 -1.80 12.14 -25.11
C LYS B 274 -0.35 12.58 -25.27
N GLY B 275 0.17 12.50 -26.50
CA GLY B 275 1.59 12.75 -26.69
C GLY B 275 1.84 11.30 -26.39
N GLU B 276 2.32 10.54 -27.36
CA GLU B 276 2.45 9.12 -27.11
C GLU B 276 3.41 8.79 -25.95
N GLY B 277 3.50 9.74 -25.01
CA GLY B 277 4.34 9.62 -23.85
C GLY B 277 3.66 9.17 -22.58
N LEU B 278 4.36 8.26 -21.93
CA LEU B 278 3.95 7.67 -20.70
C LEU B 278 4.81 8.40 -19.70
N TYR B 279 4.25 8.75 -18.56
CA TYR B 279 5.01 9.50 -17.61
C TYR B 279 5.12 8.88 -16.22
N LEU B 280 6.35 8.54 -15.88
CA LEU B 280 6.59 7.97 -14.58
C LEU B 280 7.14 9.02 -13.66
N SER B 281 6.81 8.91 -12.38
CA SER B 281 7.21 9.91 -11.45
C SER B 281 7.15 9.28 -10.07
N CYS B 282 8.17 9.49 -9.25
CA CYS B 282 8.18 8.88 -7.92
C CYS B 282 9.23 9.45 -6.97
N VAL B 283 9.29 8.95 -5.73
CA VAL B 283 10.24 9.47 -4.72
C VAL B 283 10.46 8.50 -3.63
N ASP B 284 11.70 8.25 -3.24
CA ASP B 284 11.86 7.23 -2.21
C ASP B 284 12.89 7.33 -1.13
N ILE B 285 12.53 8.06 -0.12
CA ILE B 285 13.41 8.28 0.97
C ILE B 285 13.26 7.23 1.98
N MET B 286 14.40 6.70 2.40
CA MET B 286 14.39 5.73 3.45
C MET B 286 14.74 6.41 4.76
N GLY B 287 15.35 7.59 4.65
CA GLY B 287 15.74 8.33 5.83
C GLY B 287 17.21 8.77 5.76
N TRP B 288 17.75 9.29 6.86
CA TRP B 288 19.11 9.75 6.87
C TRP B 288 20.12 8.78 7.39
N ARG B 289 21.28 8.90 6.78
CA ARG B 289 22.46 8.18 7.16
C ARG B 289 23.09 9.25 8.05
N VAL B 290 23.91 8.84 9.01
CA VAL B 290 24.59 9.82 9.87
C VAL B 290 26.10 9.63 10.16
N THR B 291 26.91 10.53 9.60
CA THR B 291 28.33 10.40 9.76
C THR B 291 28.82 10.27 11.16
N ARG B 292 29.71 9.32 11.40
CA ARG B 292 30.25 9.12 12.72
C ARG B 292 30.95 10.42 13.04
N ASN B 293 31.47 11.01 11.97
CA ASN B 293 32.16 12.28 12.01
C ASN B 293 31.50 13.27 12.98
N TYR B 294 30.33 13.73 12.57
CA TYR B 294 29.56 14.70 13.32
C TYR B 294 28.18 14.39 13.00
N ASP B 295 27.31 15.32 13.27
CA ASP B 295 25.97 15.02 12.93
C ASP B 295 25.62 15.46 11.54
N VAL B 296 26.46 15.07 10.60
CA VAL B 296 26.18 15.39 9.22
C VAL B 296 25.20 14.28 8.89
N HIS B 297 23.95 14.68 8.94
CA HIS B 297 22.83 13.81 8.79
C HIS B 297 22.26 13.52 7.41
N HIS B 298 23.07 13.34 6.38
CA HIS B 298 22.45 13.15 5.04
C HIS B 298 21.64 11.93 4.59
N TRP B 299 20.44 12.22 4.07
CA TRP B 299 19.53 11.17 3.67
C TRP B 299 19.66 10.40 2.40
N ARG B 300 19.14 9.17 2.42
CA ARG B 300 19.18 8.19 1.32
C ARG B 300 17.85 7.74 0.72
N GLY B 301 17.97 7.39 -0.56
CA GLY B 301 16.86 6.93 -1.35
C GLY B 301 17.22 5.68 -2.13
N LEU B 302 16.18 5.06 -2.68
CA LEU B 302 16.35 3.86 -3.45
C LEU B 302 15.63 4.08 -4.73
N PRO B 303 15.98 3.27 -5.74
CA PRO B 303 15.39 3.31 -7.08
C PRO B 303 14.11 2.50 -7.14
N ARG B 304 13.25 2.90 -8.07
CA ARG B 304 11.98 2.24 -8.27
C ARG B 304 11.75 1.64 -9.66
N TYR B 305 11.10 0.50 -9.66
CA TYR B 305 10.81 -0.26 -10.87
C TYR B 305 9.41 -0.03 -11.30
N PHE B 306 9.18 -0.25 -12.59
CA PHE B 306 7.86 -0.07 -13.13
C PHE B 306 7.53 -1.04 -14.19
N LYS B 307 6.32 -1.57 -14.14
CA LYS B 307 5.91 -2.50 -15.17
C LYS B 307 4.54 -2.07 -15.61
N ILE B 308 4.54 -1.26 -16.66
CA ILE B 308 3.31 -0.74 -17.19
C ILE B 308 2.83 -1.61 -18.32
N THR B 309 1.55 -1.91 -18.19
CA THR B 309 0.80 -2.72 -19.11
C THR B 309 -0.23 -1.76 -19.73
N LEU B 310 -0.09 -1.51 -21.03
CA LEU B 310 -1.01 -0.60 -21.72
C LEU B 310 -1.50 -1.22 -23.00
N ARG B 311 -2.73 -0.84 -23.34
CA ARG B 311 -3.42 -1.35 -24.52
C ARG B 311 -3.75 -0.24 -25.44
N LYS B 312 -4.42 -0.63 -26.49
CA LYS B 312 -4.81 0.31 -27.47
C LYS B 312 -6.26 0.67 -27.29
N ARG B 313 -6.54 1.92 -26.96
CA ARG B 313 -7.94 2.28 -26.84
C ARG B 313 -8.46 3.36 -27.75
N TRP B 314 -9.61 3.02 -28.29
CA TRP B 314 -10.34 3.85 -29.20
C TRP B 314 -11.04 4.94 -28.45
N VAL B 315 -10.89 6.17 -28.91
CA VAL B 315 -11.50 7.28 -28.24
C VAL B 315 -12.05 8.26 -29.20
N LYS B 316 -13.16 8.83 -28.82
CA LYS B 316 -13.82 9.83 -29.64
C LYS B 316 -12.85 10.98 -29.72
N ASN B 317 -12.56 11.45 -30.91
CA ASN B 317 -11.63 12.54 -30.99
C ASN B 317 -12.21 13.73 -30.28
N PRO B 318 -11.39 14.41 -29.50
CA PRO B 318 -11.81 15.59 -28.75
C PRO B 318 -12.16 16.72 -29.68
N TYR B 319 -11.14 17.39 -30.19
CA TYR B 319 -11.33 18.55 -31.02
C TYR B 319 -11.48 18.25 -32.49
N PRO B 320 -12.57 18.74 -33.09
CA PRO B 320 -13.06 18.66 -34.48
C PRO B 320 -12.05 19.02 -35.56
N MET B 321 -11.77 18.04 -36.41
CA MET B 321 -10.82 18.21 -37.49
C MET B 321 -10.80 19.55 -38.11
N ALA B 322 -11.87 19.83 -38.83
CA ALA B 322 -12.06 21.08 -39.52
C ALA B 322 -11.44 22.22 -38.77
N SER B 323 -11.81 22.35 -37.51
CA SER B 323 -11.31 23.42 -36.71
C SER B 323 -9.82 23.48 -36.86
N LEU B 324 -9.15 22.39 -36.52
CA LEU B 324 -7.70 22.34 -36.59
C LEU B 324 -7.18 22.60 -37.96
N ILE B 325 -7.67 21.83 -38.90
CA ILE B 325 -7.29 21.98 -40.28
C ILE B 325 -7.31 23.48 -40.58
N SER B 326 -8.52 24.01 -40.57
CA SER B 326 -8.78 25.40 -40.87
C SER B 326 -8.37 26.41 -39.80
N SER B 327 -8.01 25.94 -38.61
CA SER B 327 -7.60 26.86 -37.56
C SER B 327 -6.20 27.16 -38.00
N LEU B 328 -5.62 26.13 -38.59
CA LEU B 328 -4.30 26.25 -39.09
C LEU B 328 -4.41 27.15 -40.28
N PHE B 329 -4.87 26.63 -41.42
CA PHE B 329 -5.00 27.39 -42.68
C PHE B 329 -5.37 28.88 -42.64
N ASN B 330 -5.89 29.33 -41.51
CA ASN B 330 -6.27 30.72 -41.34
C ASN B 330 -5.16 31.49 -40.64
N ASN B 331 -4.41 30.82 -39.76
CA ASN B 331 -3.28 31.43 -39.04
C ASN B 331 -2.10 31.68 -39.97
N MET B 332 -2.29 31.38 -41.25
CA MET B 332 -1.26 31.55 -42.28
C MET B 332 -1.42 32.86 -43.00
N LEU B 333 -2.64 33.39 -42.97
CA LEU B 333 -2.89 34.64 -43.65
C LEU B 333 -1.98 35.74 -43.09
N PRO B 334 -1.74 36.78 -43.89
CA PRO B 334 -0.86 37.85 -43.44
C PRO B 334 -1.45 38.41 -42.19
N GLN B 335 -0.61 39.03 -41.40
CA GLN B 335 -1.16 39.60 -40.22
C GLN B 335 -1.62 41.03 -40.29
N VAL B 336 -2.82 41.18 -39.75
CA VAL B 336 -3.47 42.44 -39.74
C VAL B 336 -4.16 42.60 -38.42
N GLN B 337 -1.95 44.54 -39.54
CA GLN B 337 -2.60 45.20 -38.41
C GLN B 337 -3.58 46.31 -38.82
N GLY B 338 -4.70 46.46 -38.12
CA GLY B 338 -5.62 47.51 -38.50
C GLY B 338 -6.72 47.83 -37.51
N GLN B 339 -7.45 48.93 -37.75
CA GLN B 339 -8.54 49.41 -36.89
C GLN B 339 -9.40 48.26 -36.35
N PRO B 340 -9.92 48.41 -35.11
CA PRO B 340 -10.75 47.54 -34.25
C PRO B 340 -12.19 47.20 -34.61
N MET B 341 -12.43 45.96 -34.98
CA MET B 341 -13.77 45.55 -35.34
C MET B 341 -14.18 44.48 -34.37
N GLU B 342 -13.76 44.72 -33.14
CA GLU B 342 -14.00 43.82 -32.06
C GLU B 342 -13.23 44.52 -30.95
N GLY B 343 -13.27 43.98 -29.74
CA GLY B 343 -12.57 44.59 -28.64
C GLY B 343 -13.53 45.42 -27.84
N GLU B 344 -13.04 46.47 -27.21
CA GLU B 344 -13.89 47.31 -26.41
C GLU B 344 -14.32 48.54 -27.18
N ASN B 345 -13.75 48.74 -28.36
CA ASN B 345 -14.08 49.92 -29.17
C ASN B 345 -14.39 49.56 -30.59
N THR B 346 -15.18 48.51 -30.75
CA THR B 346 -15.49 48.12 -32.09
C THR B 346 -16.14 49.25 -32.80
N GLN B 347 -15.66 49.47 -33.99
CA GLN B 347 -16.19 50.50 -34.83
C GLN B 347 -17.40 49.90 -35.54
N VAL B 348 -17.95 48.82 -34.98
CA VAL B 348 -19.14 48.22 -35.53
C VAL B 348 -20.26 48.59 -34.58
N GLU B 349 -21.23 49.35 -35.06
CA GLU B 349 -22.30 49.72 -34.16
C GLU B 349 -23.42 48.77 -34.42
N GLU B 350 -23.17 47.76 -35.24
CA GLU B 350 -24.31 46.97 -35.56
C GLU B 350 -24.29 45.66 -36.28
N VAL B 351 -25.24 44.80 -35.93
CA VAL B 351 -25.42 43.57 -36.66
C VAL B 351 -26.70 42.77 -36.50
N ARG B 352 -27.31 42.51 -37.64
CA ARG B 352 -28.52 41.78 -37.63
C ARG B 352 -28.30 40.55 -38.46
N VAL B 353 -29.31 39.69 -38.41
CA VAL B 353 -29.34 38.44 -39.13
C VAL B 353 -30.77 38.10 -39.31
N TYR B 354 -31.05 37.50 -40.45
CA TYR B 354 -32.39 37.04 -40.80
C TYR B 354 -32.24 35.79 -41.62
N ASP B 355 -33.30 34.99 -41.72
CA ASP B 355 -33.26 33.76 -42.53
C ASP B 355 -34.68 33.61 -42.94
N GLY B 356 -35.53 33.94 -42.00
CA GLY B 356 -36.92 33.82 -42.28
C GLY B 356 -37.55 34.98 -43.02
N THR B 357 -38.87 34.97 -42.97
CA THR B 357 -39.75 35.94 -43.57
C THR B 357 -41.06 36.02 -42.82
N GLU B 358 -41.07 36.80 -41.76
CA GLU B 358 -42.31 36.95 -41.05
C GLU B 358 -43.00 38.05 -41.80
N PRO B 359 -44.30 38.22 -41.57
CA PRO B 359 -44.94 39.30 -42.29
C PRO B 359 -44.56 40.54 -41.49
N VAL B 360 -44.70 41.67 -42.15
CA VAL B 360 -44.36 42.95 -41.61
C VAL B 360 -44.67 42.95 -40.18
N PRO B 361 -43.76 43.44 -39.37
CA PRO B 361 -44.01 43.49 -37.94
C PRO B 361 -44.82 44.80 -37.77
N GLY B 362 -44.71 45.39 -36.58
CA GLY B 362 -45.36 46.64 -36.30
C GLY B 362 -44.11 47.46 -36.13
N ASP B 363 -43.78 47.76 -34.88
CA ASP B 363 -42.56 48.50 -34.54
C ASP B 363 -41.46 47.91 -35.37
N PRO B 364 -40.86 48.72 -36.26
CA PRO B 364 -39.78 48.26 -37.13
C PRO B 364 -38.46 48.22 -36.35
N ASP B 365 -38.28 49.19 -35.48
CA ASP B 365 -37.09 49.24 -34.70
C ASP B 365 -37.19 48.22 -33.52
N MET B 366 -37.86 47.10 -33.78
CA MET B 366 -38.01 46.06 -32.76
C MET B 366 -36.69 45.37 -32.66
N THR B 367 -36.37 44.90 -31.48
CA THR B 367 -35.11 44.23 -31.34
C THR B 367 -35.44 42.75 -31.34
N ARG B 368 -34.46 41.86 -31.21
CA ARG B 368 -34.74 40.40 -31.24
C ARG B 368 -33.50 39.63 -30.81
N TYR B 369 -33.70 38.65 -29.97
CA TYR B 369 -32.56 37.94 -29.47
C TYR B 369 -32.93 36.53 -29.18
N VAL B 370 -31.90 35.75 -28.93
CA VAL B 370 -32.09 34.36 -28.61
C VAL B 370 -31.18 34.21 -27.48
N ASP B 371 -31.63 33.60 -26.41
CA ASP B 371 -30.70 33.43 -25.34
C ASP B 371 -30.88 32.23 -24.50
N ARG B 372 -29.69 31.69 -24.23
CA ARG B 372 -29.41 30.49 -23.51
C ARG B 372 -30.07 29.33 -24.17
N PHE B 373 -31.02 29.61 -25.08
CA PHE B 373 -31.74 28.60 -25.82
C PHE B 373 -32.86 29.20 -26.70
N GLY B 374 -33.68 30.02 -26.06
CA GLY B 374 -34.84 30.60 -26.71
C GLY B 374 -34.68 31.93 -27.40
N LYS B 375 -35.41 32.04 -28.51
CA LYS B 375 -35.45 33.22 -29.39
C LYS B 375 -36.69 34.09 -29.14
N THR B 376 -36.49 35.35 -28.78
CA THR B 376 -37.59 36.24 -28.45
C THR B 376 -37.84 37.61 -29.13
N LYS B 377 -39.12 37.96 -29.29
CA LYS B 377 -39.49 39.27 -29.81
C LYS B 377 -39.02 40.02 -28.59
N THR B 378 -37.88 40.66 -28.70
CA THR B 378 -37.30 41.41 -27.60
C THR B 378 -38.36 42.16 -26.91
N VAL B 379 -38.18 42.35 -25.63
CA VAL B 379 -39.14 43.10 -24.83
C VAL B 379 -39.42 44.44 -25.46
N PHE B 380 -40.72 44.74 -25.53
CA PHE B 380 -41.16 46.00 -26.05
C PHE B 380 -40.28 46.92 -25.27
N PRO B 381 -39.37 47.50 -25.98
CA PRO B 381 -38.36 48.45 -25.54
C PRO B 381 -38.63 49.02 -24.16
N GLY B 382 -39.86 49.50 -24.03
CA GLY B 382 -40.32 50.13 -22.80
C GLY B 382 -40.68 49.18 -21.69
N ASN B 383 -39.64 48.71 -21.01
CA ASN B 383 -39.78 47.78 -19.89
C ASN B 383 -40.56 48.39 -18.70
N LYS C 17 -26.54 -52.97 -0.01
CA LYS C 17 -26.90 -52.12 1.13
C LYS C 17 -26.39 -50.65 1.04
N ALA C 18 -27.04 -49.75 1.79
CA ALA C 18 -26.70 -48.32 1.85
C ALA C 18 -25.90 -47.92 3.11
N CYS C 19 -24.60 -47.80 2.91
CA CYS C 19 -23.66 -47.46 3.95
C CYS C 19 -23.45 -45.95 4.02
N PRO C 20 -23.08 -45.44 5.20
CA PRO C 20 -22.85 -44.00 5.32
C PRO C 20 -21.66 -43.71 4.38
N ARG C 21 -21.59 -42.53 3.77
CA ARG C 21 -20.51 -42.24 2.82
C ARG C 21 -19.55 -41.09 3.23
N PRO C 22 -18.38 -41.41 3.86
CA PRO C 22 -17.40 -40.44 4.30
C PRO C 22 -16.99 -39.51 3.21
N ALA C 23 -16.71 -38.31 3.62
CA ALA C 23 -16.32 -37.31 2.69
C ALA C 23 -15.12 -37.73 1.87
N PRO C 24 -15.21 -37.50 0.58
CA PRO C 24 -14.11 -37.85 -0.30
C PRO C 24 -13.03 -36.79 -0.10
N VAL C 25 -11.84 -37.33 -0.13
CA VAL C 25 -10.64 -36.62 0.14
C VAL C 25 -9.67 -37.13 -0.89
N PRO C 26 -8.62 -36.38 -1.16
CA PRO C 26 -7.63 -36.84 -2.13
C PRO C 26 -7.01 -38.07 -1.52
N LYS C 27 -6.91 -39.11 -2.34
CA LYS C 27 -6.35 -40.38 -1.89
C LYS C 27 -4.84 -40.42 -1.98
N LEU C 28 -4.23 -40.73 -0.86
CA LEU C 28 -2.82 -40.79 -0.82
C LEU C 28 -2.32 -41.97 -1.59
N LEU C 29 -1.17 -41.75 -2.20
CA LEU C 29 -0.51 -42.75 -2.99
C LEU C 29 0.66 -43.31 -2.33
N ILE C 30 1.41 -42.41 -1.76
CA ILE C 30 2.52 -42.83 -1.04
C ILE C 30 3.06 -41.58 -0.46
N LYS C 31 3.62 -41.79 0.71
CA LYS C 31 4.22 -40.79 1.53
C LYS C 31 5.53 -41.43 1.76
N GLY C 32 6.52 -40.60 2.04
CA GLY C 32 7.87 -41.03 2.29
C GLY C 32 8.78 -39.90 1.87
N GLY C 33 10.02 -40.26 1.51
CA GLY C 33 11.00 -39.28 1.09
C GLY C 33 11.11 -38.99 -0.41
N MET C 34 12.23 -38.39 -0.78
CA MET C 34 12.46 -38.04 -2.17
C MET C 34 12.23 -39.20 -3.15
N GLU C 35 12.48 -40.40 -2.67
CA GLU C 35 12.31 -41.55 -3.51
C GLU C 35 10.87 -41.80 -3.87
N VAL C 36 9.96 -41.29 -3.08
CA VAL C 36 8.59 -41.54 -3.42
C VAL C 36 8.32 -40.94 -4.78
N LEU C 37 9.17 -39.99 -5.17
CA LEU C 37 9.01 -39.32 -6.46
C LEU C 37 9.02 -40.24 -7.65
N ASP C 38 10.02 -41.12 -7.63
CA ASP C 38 10.26 -42.09 -8.68
C ASP C 38 9.04 -42.91 -8.93
N LEU C 39 8.11 -42.92 -8.01
CA LEU C 39 6.96 -43.67 -8.31
C LEU C 39 6.28 -43.01 -9.48
N VAL C 40 5.83 -43.84 -10.41
CA VAL C 40 5.10 -43.42 -11.58
C VAL C 40 3.87 -42.74 -11.11
N THR C 41 3.83 -41.46 -11.33
CA THR C 41 2.72 -40.71 -10.85
C THR C 41 1.44 -40.98 -11.61
N GLY C 42 1.35 -40.43 -12.79
CA GLY C 42 0.12 -40.55 -13.53
C GLY C 42 0.06 -39.19 -14.19
N PRO C 43 -1.02 -38.39 -14.05
CA PRO C 43 -0.99 -37.07 -14.72
C PRO C 43 -1.57 -35.94 -13.85
N ASP C 44 -2.56 -36.28 -13.03
CA ASP C 44 -3.17 -35.29 -12.16
C ASP C 44 -2.63 -35.61 -10.79
N SER C 45 -1.56 -36.38 -10.85
CA SER C 45 -0.79 -36.79 -9.73
C SER C 45 -0.30 -35.50 -9.15
N VAL C 46 -0.32 -35.45 -7.83
CA VAL C 46 0.09 -34.28 -7.11
C VAL C 46 1.14 -34.58 -6.10
N THR C 47 2.02 -33.62 -6.00
CA THR C 47 3.09 -33.85 -5.12
C THR C 47 3.26 -32.80 -4.05
N GLU C 48 3.53 -33.29 -2.85
CA GLU C 48 3.69 -32.41 -1.73
C GLU C 48 5.05 -32.54 -1.11
N ILE C 49 5.98 -31.79 -1.68
CA ILE C 49 7.31 -31.77 -1.13
C ILE C 49 7.36 -30.79 0.04
N GLU C 50 8.03 -31.27 1.07
CA GLU C 50 8.10 -30.52 2.26
C GLU C 50 9.48 -30.49 2.86
N ALA C 51 10.14 -29.36 2.69
CA ALA C 51 11.49 -29.17 3.21
C ALA C 51 11.66 -27.83 3.87
N PHE C 52 12.91 -27.50 4.14
CA PHE C 52 13.22 -26.23 4.80
C PHE C 52 14.70 -25.99 4.56
N LEU C 53 15.15 -24.82 5.00
CA LEU C 53 16.56 -24.48 4.93
C LEU C 53 17.00 -23.77 6.18
N ASN C 54 18.22 -24.09 6.53
CA ASN C 54 18.85 -23.51 7.68
C ASN C 54 19.42 -22.22 7.17
N PRO C 55 19.09 -21.16 7.89
CA PRO C 55 19.48 -19.76 7.66
C PRO C 55 20.98 -19.55 7.63
N ARG C 56 21.53 -19.30 6.48
CA ARG C 56 22.96 -19.17 6.50
C ARG C 56 23.59 -17.77 6.36
N MET C 57 23.63 -17.10 7.52
CA MET C 57 24.18 -15.75 7.65
C MET C 57 25.41 -15.79 8.52
N GLY C 58 26.57 -15.66 7.88
CA GLY C 58 27.85 -15.63 8.57
C GLY C 58 28.71 -16.86 8.92
N GLN C 59 28.48 -17.37 10.12
CA GLN C 59 29.21 -18.52 10.60
C GLN C 59 28.65 -19.74 9.97
N PRO C 60 29.49 -20.44 9.23
CA PRO C 60 29.17 -21.66 8.53
C PRO C 60 29.16 -22.77 9.57
N PRO C 61 28.42 -23.82 9.25
CA PRO C 61 28.25 -25.03 10.06
C PRO C 61 29.56 -25.69 10.47
N THR C 62 30.19 -26.32 9.49
CA THR C 62 31.44 -27.04 9.59
C THR C 62 32.12 -27.14 10.93
N PRO C 63 32.66 -26.01 11.41
CA PRO C 63 33.28 -26.27 12.71
C PRO C 63 32.13 -26.52 13.68
N GLU C 64 31.89 -27.80 13.97
CA GLU C 64 30.79 -28.18 14.83
C GLU C 64 31.05 -28.02 16.29
N SER C 65 32.28 -27.70 16.65
CA SER C 65 32.64 -27.53 18.03
C SER C 65 32.26 -26.17 18.55
N LEU C 66 31.58 -26.20 19.67
CA LEU C 66 31.09 -24.99 20.29
C LEU C 66 32.17 -24.26 21.05
N THR C 67 33.42 -24.50 20.65
CA THR C 67 34.55 -23.88 21.30
C THR C 67 35.35 -23.21 20.21
N GLU C 68 35.64 -24.02 19.20
CA GLU C 68 36.42 -23.65 18.04
C GLU C 68 35.55 -22.81 17.11
N GLY C 69 34.32 -23.28 16.95
CA GLY C 69 33.37 -22.55 16.15
C GLY C 69 32.52 -21.79 17.15
N GLY C 70 32.91 -21.91 18.44
CA GLY C 70 32.27 -21.28 19.60
C GLY C 70 30.81 -21.19 19.31
N GLN C 71 30.36 -22.18 18.54
CA GLN C 71 29.04 -22.22 18.00
C GLN C 71 28.17 -21.05 17.89
N TYR C 72 28.48 -20.39 16.78
CA TYR C 72 27.79 -19.21 16.34
C TYR C 72 26.94 -19.65 15.17
N TYR C 73 26.89 -20.96 14.97
CA TYR C 73 26.13 -21.45 13.84
C TYR C 73 24.77 -20.77 13.85
N GLY C 74 24.54 -20.02 12.79
CA GLY C 74 23.27 -19.34 12.68
C GLY C 74 23.34 -18.04 13.43
N TRP C 75 24.39 -17.32 13.09
CA TRP C 75 24.61 -16.03 13.68
C TRP C 75 25.69 -15.41 12.88
N SER C 76 25.70 -14.08 12.85
CA SER C 76 26.74 -13.36 12.14
C SER C 76 27.85 -13.63 13.09
N ARG C 77 28.99 -14.02 12.57
CA ARG C 77 30.10 -14.35 13.42
C ARG C 77 30.33 -13.16 14.35
N GLY C 78 31.26 -12.30 14.00
CA GLY C 78 31.50 -11.13 14.81
C GLY C 78 30.79 -10.09 14.00
N ILE C 79 30.96 -8.85 14.37
CA ILE C 79 30.33 -7.83 13.58
C ILE C 79 31.42 -6.81 13.37
N ASN C 80 32.17 -7.05 12.31
CA ASN C 80 33.26 -6.17 11.98
C ASN C 80 32.73 -4.82 11.57
N LEU C 81 33.33 -3.80 12.17
CA LEU C 81 32.99 -2.42 11.88
C LEU C 81 34.17 -1.88 11.13
N ALA C 82 33.95 -1.24 9.99
CA ALA C 82 35.04 -0.70 9.21
C ALA C 82 35.85 0.36 9.95
N THR C 83 36.87 0.88 9.28
CA THR C 83 37.75 1.89 9.84
C THR C 83 37.21 3.30 9.67
N SER C 84 37.18 3.78 8.44
CA SER C 84 36.70 5.13 8.19
C SER C 84 36.57 5.45 6.73
N ASP C 85 35.37 5.99 6.42
CA ASP C 85 34.92 6.40 5.10
C ASP C 85 35.58 5.72 3.93
N THR C 86 36.88 5.89 3.82
CA THR C 86 37.59 5.23 2.75
C THR C 86 37.83 3.76 3.04
N GLU C 87 37.81 3.36 4.31
CA GLU C 87 38.05 1.97 4.58
C GLU C 87 36.94 1.18 5.21
N ASP C 88 36.38 0.29 4.40
CA ASP C 88 35.32 -0.60 4.86
C ASP C 88 35.53 -2.02 4.40
N SER C 89 36.15 -2.80 5.24
CA SER C 89 36.41 -4.20 4.96
C SER C 89 35.48 -4.96 5.90
N PRO C 90 34.35 -5.47 5.38
CA PRO C 90 33.40 -6.20 6.19
C PRO C 90 33.96 -7.44 6.81
N GLY C 91 34.33 -8.41 6.00
CA GLY C 91 34.84 -9.63 6.59
C GLY C 91 33.70 -10.57 6.30
N ASN C 92 34.02 -11.68 5.69
CA ASN C 92 32.99 -12.61 5.26
C ASN C 92 31.91 -13.00 6.23
N ASN C 93 32.28 -13.66 7.31
CA ASN C 93 31.30 -14.08 8.29
C ASN C 93 30.57 -12.92 9.02
N THR C 94 30.83 -11.69 8.59
CA THR C 94 30.12 -10.55 9.16
C THR C 94 28.96 -10.44 8.24
N LEU C 95 28.85 -11.37 7.29
CA LEU C 95 27.83 -11.25 6.30
C LEU C 95 26.67 -12.16 6.04
N PRO C 96 25.50 -11.63 6.30
CA PRO C 96 24.34 -12.46 6.05
C PRO C 96 24.16 -12.51 4.52
N THR C 97 24.24 -13.74 4.06
CA THR C 97 24.15 -14.12 2.66
C THR C 97 22.88 -14.90 2.44
N TRP C 98 22.45 -14.90 1.19
CA TRP C 98 21.25 -15.59 0.75
C TRP C 98 21.39 -17.07 0.90
N SER C 99 20.30 -17.68 1.35
CA SER C 99 20.19 -19.13 1.54
C SER C 99 19.13 -19.73 0.56
N MET C 100 19.52 -20.77 -0.16
CA MET C 100 18.66 -21.46 -1.13
C MET C 100 19.12 -22.89 -1.42
N ALA C 101 18.41 -23.55 -2.33
CA ALA C 101 18.74 -24.91 -2.73
C ALA C 101 17.79 -25.37 -3.83
N LYS C 102 18.09 -26.52 -4.41
CA LYS C 102 17.25 -27.04 -5.46
C LYS C 102 16.74 -28.44 -5.26
N LEU C 103 15.43 -28.55 -5.28
CA LEU C 103 14.80 -29.83 -5.16
C LEU C 103 14.90 -30.32 -6.56
N GLN C 104 15.46 -31.51 -6.72
CA GLN C 104 15.55 -32.04 -8.06
C GLN C 104 14.45 -33.05 -8.32
N LEU C 105 13.50 -32.65 -9.14
CA LEU C 105 12.38 -33.53 -9.43
C LEU C 105 12.71 -34.48 -10.54
N PRO C 106 11.96 -35.58 -10.65
CA PRO C 106 12.20 -36.57 -11.70
C PRO C 106 11.69 -36.06 -13.03
N MET C 107 12.20 -36.62 -14.11
CA MET C 107 11.81 -36.24 -15.48
C MET C 107 10.44 -36.77 -15.79
N LEU C 108 9.62 -35.94 -16.36
CA LEU C 108 8.30 -36.42 -16.65
C LEU C 108 8.09 -36.89 -18.05
N ASN C 109 8.74 -36.28 -19.02
CA ASN C 109 8.45 -36.76 -20.34
C ASN C 109 9.43 -37.07 -21.42
N GLU C 110 8.97 -37.98 -22.31
CA GLU C 110 9.70 -38.54 -23.46
C GLU C 110 9.20 -38.28 -24.94
N ASP C 111 8.17 -37.43 -25.09
CA ASP C 111 7.51 -37.07 -26.37
C ASP C 111 8.25 -35.99 -27.24
N LEU C 112 9.59 -35.92 -27.21
CA LEU C 112 10.30 -34.92 -28.07
C LEU C 112 10.39 -35.59 -29.43
N THR C 113 9.19 -35.89 -29.88
CA THR C 113 8.85 -36.58 -31.11
C THR C 113 7.51 -35.90 -31.46
N CYS C 114 6.76 -35.51 -30.42
CA CYS C 114 5.55 -34.73 -30.60
C CYS C 114 5.97 -33.44 -29.87
N ASP C 115 5.17 -32.40 -29.98
CA ASP C 115 5.52 -31.13 -29.38
C ASP C 115 5.26 -31.10 -27.90
N THR C 116 4.01 -31.33 -27.59
CA THR C 116 3.54 -31.33 -26.25
C THR C 116 4.48 -32.06 -25.32
N LEU C 117 4.69 -31.45 -24.17
CA LEU C 117 5.54 -32.04 -23.18
C LEU C 117 5.02 -31.61 -21.82
N GLN C 118 5.13 -32.51 -20.84
CA GLN C 118 4.65 -32.16 -19.53
C GLN C 118 5.82 -31.99 -18.59
N MET C 119 5.69 -30.97 -17.74
CA MET C 119 6.69 -30.69 -16.72
C MET C 119 6.16 -30.26 -15.33
N TRP C 120 7.07 -30.31 -14.36
CA TRP C 120 6.76 -29.98 -12.99
C TRP C 120 6.42 -28.56 -12.85
N GLU C 121 5.29 -28.33 -12.22
CA GLU C 121 4.82 -26.98 -12.07
C GLU C 121 4.31 -26.69 -10.67
N ALA C 122 5.02 -25.80 -9.99
CA ALA C 122 4.67 -25.42 -8.62
C ALA C 122 3.47 -24.53 -8.57
N VAL C 123 2.73 -24.71 -7.49
CA VAL C 123 1.48 -24.03 -7.38
C VAL C 123 1.24 -23.13 -6.20
N SER C 124 1.28 -23.77 -5.06
CA SER C 124 1.04 -23.09 -3.85
C SER C 124 2.14 -23.57 -3.00
N VAL C 125 2.30 -22.89 -1.89
CA VAL C 125 3.34 -23.29 -1.02
C VAL C 125 2.99 -22.67 0.29
N LYS C 126 3.33 -23.37 1.35
CA LYS C 126 3.16 -22.84 2.68
C LYS C 126 4.60 -22.70 3.17
N THR C 127 4.92 -21.55 3.73
CA THR C 127 6.26 -21.40 4.29
C THR C 127 6.04 -20.94 5.70
N GLU C 128 7.10 -21.08 6.51
CA GLU C 128 7.05 -20.65 7.88
C GLU C 128 8.45 -20.66 8.45
N VAL C 129 8.71 -19.66 9.28
CA VAL C 129 10.01 -19.52 9.90
C VAL C 129 9.80 -19.97 11.29
N VAL C 130 10.79 -20.61 11.84
CA VAL C 130 10.55 -21.13 13.15
C VAL C 130 11.67 -20.89 14.09
N GLY C 131 11.32 -20.95 15.38
CA GLY C 131 12.34 -20.75 16.39
C GLY C 131 12.26 -19.36 16.96
N SER C 132 11.19 -18.75 16.53
CA SER C 132 10.84 -17.42 16.91
C SER C 132 10.74 -17.49 18.43
N GLY C 133 10.57 -18.69 18.97
CA GLY C 133 10.55 -18.89 20.41
C GLY C 133 11.93 -18.69 21.05
N SER C 134 12.97 -19.20 20.39
CA SER C 134 14.31 -19.10 20.93
C SER C 134 14.66 -17.65 21.28
N LEU C 135 13.81 -16.74 20.85
CA LEU C 135 14.05 -15.33 21.11
C LEU C 135 13.72 -14.92 22.51
N LEU C 136 13.28 -15.90 23.31
CA LEU C 136 12.92 -15.65 24.69
C LEU C 136 13.97 -16.03 25.70
N ASP C 137 15.11 -16.56 25.23
CA ASP C 137 16.17 -16.88 26.17
C ASP C 137 16.63 -15.50 26.53
N VAL C 138 16.70 -15.24 27.81
CA VAL C 138 17.11 -13.93 28.25
C VAL C 138 18.17 -13.94 29.30
N HIS C 139 18.72 -15.14 29.55
CA HIS C 139 19.85 -15.31 30.46
C HIS C 139 20.99 -15.34 29.47
N GLY C 140 22.12 -15.91 29.83
CA GLY C 140 23.24 -15.94 28.89
C GLY C 140 23.93 -14.60 28.88
N PHE C 141 25.09 -14.47 28.24
CA PHE C 141 25.68 -13.15 28.31
C PHE C 141 25.60 -12.16 27.20
N ASN C 142 24.60 -11.32 27.34
CA ASN C 142 24.35 -10.29 26.39
C ASN C 142 24.34 -9.07 27.25
N LYS C 143 24.54 -7.93 26.57
CA LYS C 143 24.53 -6.62 27.19
C LYS C 143 23.33 -6.75 28.07
N PRO C 144 23.41 -6.30 29.30
CA PRO C 144 22.15 -6.54 29.99
C PRO C 144 21.34 -5.33 30.21
N THR C 145 20.07 -5.59 30.48
CA THR C 145 19.07 -4.57 30.76
C THR C 145 19.66 -3.41 31.50
N ASP C 146 20.26 -3.77 32.64
CA ASP C 146 20.93 -2.87 33.55
C ASP C 146 22.41 -3.13 33.38
N THR C 147 23.11 -2.13 32.89
CA THR C 147 24.52 -2.23 32.66
C THR C 147 25.24 -1.99 33.95
N VAL C 148 24.80 -0.93 34.61
CA VAL C 148 25.32 -0.44 35.87
C VAL C 148 25.82 -1.55 36.77
N ASN C 149 24.88 -2.31 37.33
CA ASN C 149 25.27 -3.37 38.22
C ASN C 149 25.35 -4.65 37.46
N THR C 150 25.35 -4.51 36.14
CA THR C 150 25.45 -5.65 35.27
C THR C 150 24.32 -6.59 35.70
N LYS C 151 23.10 -6.10 35.59
CA LYS C 151 21.95 -6.90 35.96
C LYS C 151 20.75 -6.82 35.01
N GLY C 152 19.70 -7.57 35.31
CA GLY C 152 18.54 -7.52 34.46
C GLY C 152 18.29 -8.74 33.62
N ILE C 153 18.49 -8.57 32.32
CA ILE C 153 18.26 -9.62 31.36
C ILE C 153 19.33 -9.52 30.38
N SER C 154 19.67 -10.67 29.81
CA SER C 154 20.64 -10.68 28.77
C SER C 154 19.75 -10.18 27.66
N THR C 155 19.88 -8.88 27.42
CA THR C 155 19.15 -8.14 26.43
C THR C 155 19.07 -8.91 25.16
N PRO C 156 17.83 -9.14 24.69
CA PRO C 156 17.42 -9.86 23.49
C PRO C 156 17.75 -9.25 22.12
N VAL C 157 17.33 -9.99 21.11
CA VAL C 157 17.57 -9.56 19.78
C VAL C 157 16.65 -8.46 19.49
N GLU C 158 17.22 -7.47 18.84
CA GLU C 158 16.48 -6.33 18.43
C GLU C 158 17.21 -5.94 17.18
N GLY C 159 16.82 -4.81 16.59
CA GLY C 159 17.46 -4.30 15.39
C GLY C 159 16.76 -4.54 14.07
N SER C 160 17.40 -4.09 12.99
CA SER C 160 16.85 -4.27 11.64
C SER C 160 16.62 -5.80 11.42
N GLN C 161 15.46 -6.18 10.92
CA GLN C 161 15.24 -7.60 10.63
C GLN C 161 14.88 -7.71 9.15
N TYR C 162 14.82 -8.93 8.63
CA TYR C 162 14.60 -9.08 7.22
C TYR C 162 14.27 -10.51 6.84
N HIS C 163 13.22 -10.66 6.05
CA HIS C 163 12.85 -11.98 5.60
C HIS C 163 12.32 -11.86 4.21
N VAL C 164 12.72 -12.80 3.35
CA VAL C 164 12.28 -12.86 1.97
C VAL C 164 12.44 -14.28 1.58
N PHE C 165 11.73 -14.66 0.53
CA PHE C 165 11.85 -16.01 0.02
C PHE C 165 11.16 -16.07 -1.32
N ALA C 166 11.46 -17.17 -1.98
CA ALA C 166 10.95 -17.43 -3.28
C ALA C 166 11.01 -18.86 -3.69
N VAL C 167 10.02 -19.14 -4.50
CA VAL C 167 9.84 -20.45 -5.03
C VAL C 167 9.82 -20.27 -6.51
N GLY C 168 10.71 -20.96 -7.21
CA GLY C 168 10.79 -20.82 -8.65
C GLY C 168 11.39 -21.95 -9.47
N GLY C 169 11.18 -21.83 -10.80
CA GLY C 169 11.63 -22.78 -11.82
C GLY C 169 13.08 -22.81 -12.28
N GLU C 170 13.84 -21.77 -12.01
CA GLU C 170 15.25 -21.69 -12.32
C GLU C 170 15.76 -20.89 -11.15
N PRO C 171 17.07 -20.75 -10.99
CA PRO C 171 17.51 -19.97 -9.83
C PRO C 171 16.95 -18.57 -9.81
N LEU C 172 17.05 -17.92 -8.65
CA LEU C 172 16.53 -16.57 -8.51
C LEU C 172 17.48 -15.53 -9.14
N ASP C 173 16.88 -14.54 -9.81
CA ASP C 173 17.61 -13.46 -10.46
C ASP C 173 17.75 -12.32 -9.52
N LEU C 174 18.97 -11.83 -9.48
CA LEU C 174 19.29 -10.80 -8.56
C LEU C 174 19.74 -9.59 -9.25
N GLN C 175 19.94 -8.58 -8.42
CA GLN C 175 20.38 -7.26 -8.82
C GLN C 175 21.10 -6.62 -7.69
N GLY C 176 22.14 -5.94 -8.06
CA GLY C 176 22.94 -5.23 -7.11
C GLY C 176 22.73 -3.74 -7.06
N LEU C 177 22.68 -3.38 -5.83
CA LEU C 177 22.59 -2.02 -5.37
C LEU C 177 23.34 -2.17 -4.08
N VAL C 178 24.05 -1.15 -3.66
CA VAL C 178 24.75 -1.25 -2.41
C VAL C 178 24.87 0.09 -1.75
N THR C 179 25.17 0.05 -0.45
CA THR C 179 25.35 1.24 0.37
C THR C 179 26.63 1.90 -0.15
N ASP C 180 27.80 1.36 0.18
CA ASP C 180 29.00 2.03 -0.31
C ASP C 180 29.84 1.31 -1.35
N ALA C 181 30.08 1.97 -2.46
CA ALA C 181 30.82 1.36 -3.53
C ALA C 181 32.28 1.16 -3.17
N ARG C 182 32.73 1.89 -2.17
CA ARG C 182 34.11 1.74 -1.79
C ARG C 182 34.30 0.57 -0.85
N THR C 183 33.19 -0.05 -0.47
CA THR C 183 33.26 -1.20 0.43
C THR C 183 34.16 -2.20 -0.21
N LYS C 184 34.90 -2.86 0.66
CA LYS C 184 35.90 -3.81 0.25
C LYS C 184 35.58 -5.25 0.62
N TYR C 185 34.69 -5.86 -0.14
CA TYR C 185 34.30 -7.24 0.07
C TYR C 185 35.46 -8.06 -0.39
N LYS C 186 35.86 -9.05 0.40
CA LYS C 186 37.00 -9.85 0.02
C LYS C 186 36.44 -10.61 -1.13
N GLU C 187 37.03 -10.41 -2.30
CA GLU C 187 36.54 -11.08 -3.49
C GLU C 187 36.73 -12.55 -3.35
N GLU C 188 37.55 -12.90 -2.39
CA GLU C 188 37.78 -14.29 -2.14
C GLU C 188 36.81 -14.81 -1.10
N GLY C 189 35.86 -15.64 -1.51
CA GLY C 189 34.93 -16.20 -0.55
C GLY C 189 33.51 -15.68 -0.53
N VAL C 190 33.13 -14.94 -1.56
CA VAL C 190 31.77 -14.42 -1.62
C VAL C 190 31.52 -13.72 -2.92
N VAL C 191 30.34 -13.94 -3.50
CA VAL C 191 30.01 -13.27 -4.74
C VAL C 191 29.86 -11.78 -4.41
N THR C 192 30.14 -10.95 -5.40
CA THR C 192 30.07 -9.51 -5.24
C THR C 192 30.19 -8.98 -6.60
N ILE C 193 29.40 -7.97 -6.88
CA ILE C 193 29.43 -7.27 -8.14
C ILE C 193 30.70 -7.58 -8.96
N LYS C 194 31.86 -7.27 -8.39
CA LYS C 194 33.11 -7.52 -9.09
C LYS C 194 33.30 -8.97 -9.38
N THR C 195 33.25 -9.83 -8.38
CA THR C 195 33.46 -11.23 -8.65
C THR C 195 32.59 -11.68 -9.83
N ILE C 196 31.55 -10.91 -10.16
CA ILE C 196 30.68 -11.28 -11.25
C ILE C 196 30.87 -10.34 -12.41
N THR C 197 31.37 -9.17 -12.10
CA THR C 197 31.56 -8.19 -13.11
C THR C 197 33.00 -7.78 -13.34
N LYS C 198 33.87 -8.40 -12.57
CA LYS C 198 35.30 -8.17 -12.62
C LYS C 198 35.63 -6.78 -12.16
N LYS C 199 35.31 -5.81 -12.98
CA LYS C 199 35.57 -4.42 -12.66
C LYS C 199 34.94 -4.08 -11.33
N ASP C 200 35.58 -3.19 -10.60
CA ASP C 200 35.10 -2.79 -9.30
C ASP C 200 33.75 -2.13 -9.35
N MET C 201 33.31 -1.71 -8.19
CA MET C 201 32.02 -1.09 -8.06
C MET C 201 32.07 0.26 -8.71
N VAL C 202 30.90 0.88 -8.80
CA VAL C 202 30.75 2.22 -9.37
C VAL C 202 29.61 2.86 -8.62
N ASN C 203 29.52 4.17 -8.72
CA ASN C 203 28.44 4.83 -8.03
C ASN C 203 27.07 4.28 -8.50
N LYS C 204 26.99 3.81 -9.73
CA LYS C 204 25.71 3.30 -10.20
C LYS C 204 25.20 2.09 -9.40
N ASP C 205 26.14 1.31 -8.93
CA ASP C 205 25.82 0.14 -8.12
C ASP C 205 25.30 0.71 -6.81
N GLN C 206 25.59 1.97 -6.57
CA GLN C 206 25.11 2.56 -5.36
C GLN C 206 23.63 2.80 -5.53
N VAL C 207 23.14 2.49 -6.73
CA VAL C 207 21.72 2.61 -7.05
C VAL C 207 21.40 1.53 -8.05
N LEU C 208 20.59 1.89 -9.03
CA LEU C 208 20.27 0.88 -9.97
C LEU C 208 21.34 0.57 -10.97
N ASN C 209 22.13 -0.44 -10.68
CA ASN C 209 23.07 -0.83 -11.69
C ASN C 209 22.67 -2.05 -12.51
N PRO C 210 22.04 -1.79 -13.65
CA PRO C 210 21.51 -2.72 -14.64
C PRO C 210 22.52 -3.65 -15.13
N ILE C 211 23.75 -3.45 -14.72
CA ILE C 211 24.75 -4.36 -15.19
C ILE C 211 24.91 -5.26 -14.05
N SER C 212 25.05 -4.66 -12.90
CA SER C 212 25.24 -5.40 -11.71
C SER C 212 24.03 -6.29 -11.38
N LYS C 213 23.89 -7.32 -12.19
CA LYS C 213 22.82 -8.28 -12.08
C LYS C 213 23.45 -9.66 -12.07
N ALA C 214 23.00 -10.53 -11.17
CA ALA C 214 23.54 -11.89 -11.08
C ALA C 214 22.47 -12.93 -10.85
N LYS C 215 22.92 -14.17 -10.71
CA LYS C 215 22.00 -15.25 -10.47
C LYS C 215 22.29 -15.92 -9.14
N LEU C 216 21.33 -16.69 -8.65
CA LEU C 216 21.53 -17.41 -7.43
C LEU C 216 22.31 -18.70 -7.63
N ASP C 217 23.26 -18.72 -8.56
CA ASP C 217 23.99 -19.93 -8.88
C ASP C 217 24.55 -20.57 -7.68
N LYS C 218 25.16 -19.80 -6.80
CA LYS C 218 25.71 -20.39 -5.60
C LYS C 218 24.79 -20.32 -4.40
N ASP C 219 25.32 -20.33 -3.19
CA ASP C 219 24.49 -20.29 -2.02
C ASP C 219 25.22 -19.91 -0.74
N GLY C 220 24.54 -19.10 0.08
CA GLY C 220 25.10 -18.66 1.35
C GLY C 220 26.37 -17.99 0.91
N MET C 221 26.19 -17.29 -0.21
CA MET C 221 27.30 -16.66 -0.83
C MET C 221 26.95 -15.30 -1.26
N TYR C 222 25.73 -15.15 -1.72
CA TYR C 222 25.41 -13.83 -2.14
C TYR C 222 24.98 -13.14 -0.89
N PRO C 223 25.80 -12.23 -0.39
CA PRO C 223 25.36 -11.58 0.82
C PRO C 223 24.14 -10.77 0.46
N VAL C 224 23.17 -10.79 1.37
CA VAL C 224 21.94 -10.09 1.12
C VAL C 224 22.24 -8.62 1.12
N GLU C 225 23.27 -8.28 1.86
CA GLU C 225 23.71 -6.90 1.95
C GLU C 225 23.88 -6.21 0.56
N ILE C 226 24.06 -7.05 -0.47
CA ILE C 226 24.31 -6.64 -1.86
C ILE C 226 23.28 -7.01 -2.91
N TRP C 227 22.95 -8.27 -2.87
CA TRP C 227 22.06 -8.86 -3.81
C TRP C 227 20.58 -8.80 -3.55
N HIS C 228 19.82 -8.52 -4.61
CA HIS C 228 18.37 -8.40 -4.50
C HIS C 228 17.60 -9.03 -5.59
N PRO C 229 16.37 -9.40 -5.24
CA PRO C 229 15.46 -10.02 -6.19
C PRO C 229 15.19 -8.90 -7.17
N ASP C 230 15.83 -9.04 -8.32
CA ASP C 230 15.71 -8.08 -9.40
C ASP C 230 14.44 -8.38 -10.11
N PRO C 231 13.57 -7.37 -10.32
CA PRO C 231 12.34 -7.70 -11.06
C PRO C 231 12.64 -7.68 -12.57
N ALA C 232 13.44 -8.68 -12.99
CA ALA C 232 13.81 -8.86 -14.39
C ALA C 232 12.41 -8.97 -14.94
N LYS C 233 12.05 -7.97 -15.72
CA LYS C 233 10.83 -7.92 -16.45
C LYS C 233 10.27 -9.30 -16.74
N ASN C 234 11.19 -10.27 -16.76
CA ASN C 234 10.96 -11.71 -16.99
C ASN C 234 11.22 -12.50 -15.70
N GLU C 235 10.28 -13.39 -15.34
CA GLU C 235 10.41 -14.20 -14.11
C GLU C 235 9.51 -15.46 -14.00
N ASN C 236 10.12 -16.52 -13.45
CA ASN C 236 9.46 -17.82 -13.23
C ASN C 236 9.66 -18.21 -11.73
N THR C 237 9.86 -17.19 -10.90
CA THR C 237 10.01 -17.39 -9.45
C THR C 237 8.99 -16.41 -8.83
N ARG C 238 8.70 -16.58 -7.54
CA ARG C 238 7.78 -15.68 -6.84
C ARG C 238 8.56 -15.46 -5.61
N TYR C 239 8.87 -14.23 -5.34
CA TYR C 239 9.61 -13.97 -4.15
C TYR C 239 8.85 -12.95 -3.41
N PHE C 240 9.12 -12.85 -2.13
CA PHE C 240 8.51 -11.81 -1.34
C PHE C 240 9.30 -11.74 -0.09
N GLY C 241 9.23 -10.56 0.49
CA GLY C 241 9.93 -10.32 1.71
C GLY C 241 9.78 -8.88 2.09
N ASN C 242 10.36 -8.53 3.23
CA ASN C 242 10.35 -7.17 3.75
C ASN C 242 11.53 -6.73 4.66
N TYR C 243 11.82 -5.43 4.60
CA TYR C 243 12.88 -4.83 5.36
C TYR C 243 12.22 -4.07 6.45
N THR C 244 12.83 -4.14 7.62
CA THR C 244 12.33 -3.49 8.81
C THR C 244 13.61 -3.02 9.42
N GLY C 245 13.93 -1.76 9.16
CA GLY C 245 15.17 -1.16 9.66
C GLY C 245 15.23 -0.93 11.14
N GLY C 246 16.09 -0.04 11.58
CA GLY C 246 16.10 0.21 13.00
C GLY C 246 17.24 -0.38 13.78
N THR C 247 17.56 0.32 14.85
CA THR C 247 18.64 -0.04 15.72
C THR C 247 18.20 -0.92 16.88
N THR C 248 17.01 -0.61 17.37
CA THR C 248 16.42 -1.27 18.55
C THR C 248 15.06 -1.82 18.25
N THR C 249 14.84 -2.13 17.00
CA THR C 249 13.55 -2.60 16.60
C THR C 249 13.18 -4.03 16.98
N PRO C 250 12.06 -4.17 17.68
CA PRO C 250 11.46 -5.38 18.20
C PRO C 250 11.06 -6.30 17.13
N PRO C 251 11.48 -7.55 17.26
CA PRO C 251 11.16 -8.56 16.26
C PRO C 251 9.71 -9.06 16.36
N VAL C 252 9.20 -9.52 15.22
CA VAL C 252 7.84 -10.05 15.14
C VAL C 252 7.75 -11.21 14.15
N LEU C 253 6.82 -12.13 14.41
CA LEU C 253 6.67 -13.28 13.54
C LEU C 253 5.31 -13.94 13.55
N GLN C 254 5.11 -14.95 12.71
CA GLN C 254 3.83 -15.65 12.61
C GLN C 254 3.94 -17.14 12.68
N PHE C 255 4.08 -17.59 13.90
CA PHE C 255 4.17 -18.98 14.12
C PHE C 255 2.83 -19.59 13.66
N THR C 256 2.74 -19.99 12.37
CA THR C 256 1.54 -20.73 11.84
C THR C 256 1.44 -21.44 10.49
N ASN C 257 0.77 -22.58 10.64
CA ASN C 257 0.50 -23.56 9.61
C ASN C 257 -0.95 -23.47 9.12
N THR C 258 -1.53 -22.31 9.09
CA THR C 258 -2.89 -22.38 8.64
C THR C 258 -3.05 -22.12 7.18
N LEU C 259 -2.76 -20.90 6.72
CA LEU C 259 -2.91 -20.73 5.30
C LEU C 259 -1.63 -20.69 4.46
N THR C 260 -1.91 -21.11 3.23
CA THR C 260 -1.05 -21.28 2.08
C THR C 260 -1.02 -20.08 1.17
N THR C 261 -0.03 -20.12 0.29
CA THR C 261 0.25 -19.09 -0.69
C THR C 261 0.37 -19.57 -2.12
N VAL C 262 -0.23 -18.80 -3.01
CA VAL C 262 -0.19 -19.21 -4.38
C VAL C 262 0.84 -18.67 -5.29
N LEU C 263 1.61 -19.63 -5.75
CA LEU C 263 2.68 -19.38 -6.68
C LEU C 263 2.04 -19.31 -8.02
N LEU C 264 0.71 -19.35 -8.08
CA LEU C 264 0.11 -19.29 -9.37
C LEU C 264 0.34 -17.98 -10.02
N ASP C 265 0.48 -18.03 -11.33
CA ASP C 265 0.77 -16.83 -12.07
C ASP C 265 -0.49 -16.13 -12.52
N GLU C 266 -0.34 -15.03 -13.24
CA GLU C 266 -1.45 -14.21 -13.73
C GLU C 266 -2.37 -14.94 -14.66
N ASN C 267 -1.85 -15.92 -15.38
CA ASN C 267 -2.63 -16.69 -16.33
C ASN C 267 -3.00 -18.01 -15.73
N GLY C 268 -2.59 -18.22 -14.49
CA GLY C 268 -2.89 -19.47 -13.83
C GLY C 268 -1.82 -20.44 -14.19
N VAL C 269 -0.62 -20.06 -13.78
CA VAL C 269 0.46 -20.88 -14.16
C VAL C 269 1.39 -21.26 -13.10
N GLY C 270 1.99 -20.32 -12.42
CA GLY C 270 2.91 -20.79 -11.43
C GLY C 270 4.21 -21.18 -12.08
N PRO C 271 5.18 -21.52 -11.26
CA PRO C 271 6.44 -21.87 -11.86
C PRO C 271 6.37 -23.23 -12.43
N LEU C 272 7.33 -23.42 -13.32
CA LEU C 272 7.52 -24.62 -14.05
C LEU C 272 8.98 -24.84 -13.89
N CYS C 273 9.29 -25.92 -13.22
CA CYS C 273 10.65 -26.27 -12.96
C CYS C 273 11.28 -26.61 -14.26
N LYS C 274 12.02 -25.65 -14.78
CA LYS C 274 12.72 -25.87 -16.02
C LYS C 274 13.94 -26.62 -15.50
N GLY C 275 14.53 -27.42 -16.36
CA GLY C 275 15.58 -28.31 -15.89
C GLY C 275 14.51 -29.15 -15.23
N GLU C 276 14.76 -29.73 -14.08
CA GLU C 276 13.60 -30.37 -13.47
C GLU C 276 13.68 -29.83 -12.06
N GLY C 277 14.20 -28.60 -12.03
CA GLY C 277 14.45 -27.91 -10.78
C GLY C 277 13.38 -27.13 -10.06
N LEU C 278 13.38 -27.33 -8.77
CA LEU C 278 12.45 -26.62 -7.95
C LEU C 278 13.42 -25.85 -7.11
N TYR C 279 13.34 -24.54 -7.25
CA TYR C 279 14.25 -23.66 -6.55
C TYR C 279 13.64 -22.85 -5.39
N LEU C 280 14.14 -23.18 -4.22
CA LEU C 280 13.70 -22.56 -3.00
C LEU C 280 14.79 -21.63 -2.56
N SER C 281 14.43 -20.44 -2.11
CA SER C 281 15.42 -19.46 -1.70
C SER C 281 14.78 -18.50 -0.74
N CYS C 282 15.52 -18.07 0.28
CA CYS C 282 14.98 -17.14 1.27
C CYS C 282 16.05 -16.62 2.23
N VAL C 283 15.62 -15.79 3.17
CA VAL C 283 16.49 -15.20 4.21
C VAL C 283 15.74 -14.69 5.40
N ASP C 284 16.30 -14.93 6.57
CA ASP C 284 15.57 -14.50 7.73
C ASP C 284 16.33 -13.89 8.87
N ILE C 285 16.60 -12.61 8.73
CA ILE C 285 17.32 -11.90 9.75
C ILE C 285 16.35 -11.53 10.81
N MET C 286 16.76 -11.75 12.04
CA MET C 286 15.87 -11.41 13.10
C MET C 286 16.30 -10.18 13.82
N GLY C 287 17.51 -9.75 13.53
CA GLY C 287 18.08 -8.59 14.18
C GLY C 287 19.38 -9.13 14.75
N TRP C 288 20.03 -8.37 15.64
CA TRP C 288 21.27 -8.86 16.20
C TRP C 288 21.26 -8.99 17.71
N ARG C 289 22.10 -9.93 18.11
CA ARG C 289 22.36 -10.28 19.48
C ARG C 289 23.56 -9.39 19.70
N VAL C 290 23.57 -8.76 20.85
CA VAL C 290 24.67 -7.87 21.26
C VAL C 290 25.48 -8.31 22.51
N THR C 291 26.72 -8.65 22.31
CA THR C 291 27.47 -9.09 23.45
C THR C 291 27.53 -8.20 24.66
N ARG C 292 27.56 -8.84 25.84
CA ARG C 292 27.71 -8.17 27.09
C ARG C 292 29.21 -8.28 27.05
N ASN C 293 29.85 -7.21 26.57
CA ASN C 293 31.29 -7.17 26.42
C ASN C 293 31.43 -5.75 25.91
N TYR C 294 31.70 -5.64 24.62
CA TYR C 294 31.80 -4.37 23.95
C TYR C 294 30.55 -4.39 23.16
N ASP C 295 30.39 -3.44 22.29
CA ASP C 295 29.18 -3.49 21.54
C ASP C 295 29.34 -4.17 20.22
N VAL C 296 29.42 -5.47 20.31
CA VAL C 296 29.57 -6.26 19.13
C VAL C 296 28.26 -6.93 18.96
N HIS C 297 27.52 -6.55 17.94
CA HIS C 297 26.26 -7.22 17.72
C HIS C 297 26.64 -8.32 16.79
N HIS C 298 25.64 -9.08 16.41
CA HIS C 298 25.78 -10.10 15.41
C HIS C 298 24.56 -10.92 15.34
N TRP C 299 23.83 -10.48 14.32
CA TRP C 299 22.55 -10.97 13.86
C TRP C 299 22.33 -12.44 14.06
N ARG C 300 21.05 -12.79 14.07
CA ARG C 300 20.60 -14.17 14.15
C ARG C 300 19.50 -14.30 13.17
N GLY C 301 19.46 -15.48 12.60
CA GLY C 301 18.44 -15.81 11.62
C GLY C 301 17.85 -17.14 11.99
N LEU C 302 16.67 -17.40 11.46
CA LEU C 302 15.99 -18.64 11.72
C LEU C 302 15.75 -19.36 10.42
N PRO C 303 15.50 -20.65 10.53
CA PRO C 303 15.27 -21.44 9.33
C PRO C 303 13.84 -21.28 8.91
N ARG C 304 13.66 -21.50 7.62
CA ARG C 304 12.35 -21.44 7.02
C ARG C 304 12.00 -22.79 6.42
N TYR C 305 10.73 -23.07 6.46
CA TYR C 305 10.27 -24.32 5.94
C TYR C 305 9.39 -24.01 4.76
N PHE C 306 9.23 -25.02 3.93
CA PHE C 306 8.46 -24.93 2.74
C PHE C 306 7.60 -26.13 2.46
N LYS C 307 6.43 -25.88 1.92
CA LYS C 307 5.57 -26.97 1.56
C LYS C 307 5.00 -26.62 0.19
N ILE C 308 5.74 -27.10 -0.80
CA ILE C 308 5.41 -26.87 -2.17
C ILE C 308 4.44 -27.90 -2.70
N THR C 309 3.46 -27.38 -3.41
CA THR C 309 2.47 -28.22 -3.99
C THR C 309 2.69 -28.01 -5.48
N LEU C 310 2.96 -29.13 -6.16
CA LEU C 310 3.24 -29.10 -7.59
C LEU C 310 2.43 -30.12 -8.31
N ARG C 311 2.10 -29.79 -9.56
CA ARG C 311 1.32 -30.62 -10.48
C ARG C 311 2.08 -30.83 -11.78
N LYS C 312 1.45 -31.63 -12.62
CA LYS C 312 2.06 -31.94 -13.87
C LYS C 312 1.40 -31.11 -14.94
N ARG C 313 2.22 -30.35 -15.69
CA ARG C 313 1.63 -29.57 -16.76
C ARG C 313 2.22 -29.68 -18.12
N TRP C 314 1.27 -29.67 -19.05
CA TRP C 314 1.48 -29.73 -20.45
C TRP C 314 1.87 -28.41 -21.03
N VAL C 315 2.89 -28.43 -21.87
CA VAL C 315 3.38 -27.23 -22.50
C VAL C 315 3.92 -27.57 -23.85
N LYS C 316 4.22 -26.56 -24.65
CA LYS C 316 4.74 -26.82 -25.97
C LYS C 316 6.17 -27.07 -25.74
N ASN C 317 6.72 -27.97 -26.53
CA ASN C 317 8.12 -28.31 -26.40
C ASN C 317 9.04 -27.09 -26.55
N PRO C 318 10.05 -27.01 -25.67
CA PRO C 318 11.08 -25.95 -25.59
C PRO C 318 12.44 -26.31 -26.28
N TYR C 319 12.67 -27.62 -26.43
CA TYR C 319 13.88 -28.19 -26.99
C TYR C 319 13.88 -28.41 -28.52
N PRO C 320 14.74 -27.70 -29.27
CA PRO C 320 14.74 -27.92 -30.72
C PRO C 320 15.87 -28.88 -31.02
N MET C 321 15.52 -30.13 -31.26
CA MET C 321 16.52 -31.17 -31.56
C MET C 321 17.47 -30.64 -32.61
N ALA C 322 16.98 -29.66 -33.34
CA ALA C 322 17.75 -28.97 -34.35
C ALA C 322 19.00 -28.48 -33.64
N SER C 323 18.83 -27.67 -32.60
CA SER C 323 19.97 -27.15 -31.85
C SER C 323 20.98 -28.26 -31.61
N LEU C 324 20.49 -29.36 -31.05
CA LEU C 324 21.29 -30.53 -30.73
C LEU C 324 22.13 -30.92 -31.89
N ILE C 325 21.41 -31.25 -32.96
CA ILE C 325 21.97 -31.70 -34.22
C ILE C 325 22.77 -30.58 -34.96
N SER C 326 22.44 -29.33 -34.67
CA SER C 326 23.10 -28.20 -35.30
C SER C 326 24.26 -27.73 -34.45
N SER C 327 24.39 -28.37 -33.30
CA SER C 327 25.52 -28.15 -32.41
C SER C 327 26.59 -28.80 -33.32
N LEU C 328 26.22 -29.98 -33.85
CA LEU C 328 27.04 -30.81 -34.75
C LEU C 328 27.35 -30.14 -36.12
N PHE C 329 26.60 -29.09 -36.45
CA PHE C 329 26.79 -28.37 -37.69
C PHE C 329 27.95 -27.40 -37.56
N ASN C 330 28.06 -26.72 -36.42
CA ASN C 330 29.15 -25.76 -36.22
C ASN C 330 30.47 -26.50 -35.96
N ASN C 331 30.43 -27.81 -36.16
CA ASN C 331 31.63 -28.63 -35.98
C ASN C 331 31.99 -29.21 -37.32
N MET C 332 31.26 -28.71 -38.31
CA MET C 332 31.49 -29.03 -39.72
C MET C 332 32.36 -27.81 -40.14
N LEU C 333 32.61 -26.94 -39.16
CA LEU C 333 33.39 -25.72 -39.30
C LEU C 333 33.94 -25.33 -37.94
N PRO C 334 35.03 -24.55 -37.92
CA PRO C 334 35.63 -24.11 -36.67
C PRO C 334 34.98 -22.84 -36.10
N GLN C 335 35.64 -22.29 -35.08
CA GLN C 335 35.17 -21.07 -34.47
C GLN C 335 35.83 -19.87 -35.10
N VAL C 336 34.96 -19.05 -35.61
CA VAL C 336 35.35 -17.87 -36.29
C VAL C 336 34.79 -16.78 -35.43
N GLN C 337 37.87 -15.69 -36.07
CA GLN C 337 36.98 -14.90 -35.24
C GLN C 337 36.28 -13.86 -36.06
N GLY C 338 37.04 -12.93 -36.64
CA GLY C 338 36.44 -11.89 -37.48
C GLY C 338 35.59 -10.74 -36.94
N GLN C 339 35.54 -9.65 -37.69
CA GLN C 339 34.77 -8.48 -37.33
C GLN C 339 33.37 -8.79 -36.76
N PRO C 340 32.85 -7.85 -35.94
CA PRO C 340 31.58 -7.82 -35.23
C PRO C 340 30.28 -7.68 -35.99
N MET C 341 29.49 -8.72 -36.00
CA MET C 341 28.22 -8.63 -36.68
C MET C 341 27.21 -8.85 -35.58
N GLU C 342 27.51 -8.19 -34.47
CA GLU C 342 26.76 -8.25 -33.24
C GLU C 342 27.68 -7.54 -32.23
N GLY C 343 27.10 -6.87 -31.23
CA GLY C 343 27.91 -6.17 -30.24
C GLY C 343 27.50 -4.72 -30.13
N GLU C 344 28.47 -3.85 -29.88
CA GLU C 344 28.18 -2.42 -29.80
C GLU C 344 28.82 -1.89 -31.05
N ASN C 345 29.40 -2.80 -31.81
CA ASN C 345 30.08 -2.43 -33.02
C ASN C 345 29.65 -3.26 -34.20
N THR C 346 28.41 -3.74 -34.15
CA THR C 346 27.90 -4.53 -35.25
C THR C 346 28.15 -3.68 -36.45
N GLN C 347 28.71 -4.28 -37.48
CA GLN C 347 28.97 -3.52 -38.66
C GLN C 347 27.84 -3.88 -39.58
N VAL C 348 26.73 -4.23 -38.94
CA VAL C 348 25.49 -4.54 -39.59
C VAL C 348 24.89 -3.20 -39.44
N GLU C 349 24.79 -2.47 -40.53
CA GLU C 349 24.18 -1.17 -40.45
C GLU C 349 22.69 -1.34 -40.38
N GLU C 350 22.17 -2.44 -40.91
CA GLU C 350 20.75 -2.56 -40.92
C GLU C 350 20.07 -3.80 -41.46
N VAL C 351 18.91 -4.10 -40.87
CA VAL C 351 18.10 -5.25 -41.22
C VAL C 351 16.62 -5.02 -41.34
N ARG C 352 16.00 -5.54 -42.36
CA ARG C 352 14.57 -5.44 -42.39
C ARG C 352 14.01 -6.69 -42.93
N VAL C 353 12.82 -7.00 -42.48
CA VAL C 353 12.19 -8.21 -42.89
C VAL C 353 10.88 -7.87 -43.42
N TYR C 354 10.53 -8.59 -44.47
CA TYR C 354 9.28 -8.41 -45.19
C TYR C 354 8.65 -9.77 -45.32
N ASP C 355 7.34 -9.84 -45.37
CA ASP C 355 6.69 -11.13 -45.54
C ASP C 355 5.46 -10.96 -46.39
N GLY C 356 4.67 -9.98 -46.04
CA GLY C 356 3.47 -9.78 -46.82
C GLY C 356 3.59 -8.93 -48.07
N THR C 357 2.51 -8.21 -48.33
CA THR C 357 2.40 -7.33 -49.47
C THR C 357 1.36 -6.25 -49.23
N GLU C 358 1.84 -5.02 -49.21
CA GLU C 358 0.98 -3.89 -49.00
C GLU C 358 1.09 -3.04 -50.22
N PRO C 359 0.10 -2.18 -50.42
CA PRO C 359 0.21 -1.35 -51.59
C PRO C 359 1.27 -0.36 -51.24
N VAL C 360 1.79 0.30 -52.25
CA VAL C 360 2.83 1.21 -51.96
C VAL C 360 2.43 2.31 -51.10
N PRO C 361 3.22 2.50 -50.08
CA PRO C 361 3.14 3.51 -49.03
C PRO C 361 3.81 4.72 -49.64
N GLY C 362 3.78 5.84 -48.94
CA GLY C 362 4.51 7.01 -49.42
C GLY C 362 5.82 6.77 -48.72
N ASP C 363 6.30 7.71 -47.92
CA ASP C 363 7.54 7.50 -47.17
C ASP C 363 7.28 6.37 -46.18
N PRO C 364 7.71 5.17 -46.51
CA PRO C 364 7.56 3.93 -45.74
C PRO C 364 8.46 3.89 -44.53
N ASP C 365 9.41 4.80 -44.47
CA ASP C 365 10.32 4.88 -43.33
C ASP C 365 9.77 6.01 -42.46
N MET C 366 8.46 5.91 -42.21
CA MET C 366 7.78 6.91 -41.43
C MET C 366 8.24 6.97 -40.00
N THR C 367 8.42 8.19 -39.53
CA THR C 367 8.83 8.42 -38.17
C THR C 367 7.59 8.11 -37.34
N ARG C 368 7.49 6.85 -36.95
CA ARG C 368 6.35 6.38 -36.17
C ARG C 368 6.31 7.08 -34.82
N TYR C 369 7.41 7.72 -34.46
CA TYR C 369 7.45 8.42 -33.21
C TYR C 369 7.12 9.86 -33.47
N VAL C 370 6.29 10.42 -32.61
CA VAL C 370 5.81 11.79 -32.76
C VAL C 370 6.83 12.94 -32.73
N ASP C 371 7.74 12.85 -31.78
CA ASP C 371 8.75 13.88 -31.59
C ASP C 371 9.79 13.96 -32.72
N ARG C 372 9.87 12.91 -33.53
CA ARG C 372 10.82 12.88 -34.65
C ARG C 372 10.42 13.99 -35.62
N PHE C 373 9.13 14.34 -35.57
CA PHE C 373 8.56 15.38 -36.41
C PHE C 373 9.11 16.74 -35.98
N LYS D 17 -49.50 -21.35 13.25
CA LYS D 17 -50.94 -21.14 13.08
C LYS D 17 -51.34 -19.67 13.40
N ALA D 18 -52.20 -19.49 14.41
CA ALA D 18 -52.64 -18.16 14.83
C ALA D 18 -51.46 -17.50 15.56
N CYS D 19 -50.82 -18.29 16.43
CA CYS D 19 -49.68 -17.85 17.21
C CYS D 19 -48.42 -17.85 16.34
N PRO D 20 -47.83 -16.66 16.12
CA PRO D 20 -46.62 -16.54 15.30
C PRO D 20 -45.52 -17.40 15.89
N ARG D 21 -44.91 -18.27 15.08
CA ARG D 21 -43.82 -19.11 15.57
C ARG D 21 -42.57 -18.32 15.35
N PRO D 22 -41.73 -18.20 16.37
CA PRO D 22 -40.53 -17.42 16.15
C PRO D 22 -39.55 -18.25 15.39
N ALA D 23 -38.35 -17.73 15.44
CA ALA D 23 -37.24 -18.32 14.78
C ALA D 23 -36.78 -19.62 15.37
N PRO D 24 -36.19 -20.45 14.53
CA PRO D 24 -35.64 -21.76 14.83
C PRO D 24 -34.19 -21.54 15.04
N VAL D 25 -33.69 -22.30 15.97
CA VAL D 25 -32.31 -22.23 16.29
C VAL D 25 -32.02 -23.62 16.78
N PRO D 26 -30.76 -23.96 16.95
CA PRO D 26 -30.40 -25.27 17.42
C PRO D 26 -31.02 -25.53 18.79
N LYS D 27 -31.54 -26.74 18.93
CA LYS D 27 -32.17 -27.13 20.16
C LYS D 27 -31.15 -27.78 21.08
N LEU D 28 -30.88 -27.10 22.18
CA LEU D 28 -29.98 -27.62 23.15
C LEU D 28 -30.61 -28.86 23.72
N LEU D 29 -29.79 -29.76 24.21
CA LEU D 29 -30.30 -30.98 24.80
C LEU D 29 -29.96 -31.05 26.20
N ILE D 30 -28.79 -30.53 26.49
CA ILE D 30 -28.34 -30.65 27.81
C ILE D 30 -27.13 -29.80 27.95
N LYS D 31 -27.13 -29.09 29.03
CA LYS D 31 -26.06 -28.20 29.39
C LYS D 31 -25.53 -29.00 30.52
N GLY D 32 -24.28 -28.76 30.86
CA GLY D 32 -23.68 -29.46 31.97
C GLY D 32 -22.18 -29.44 31.88
N GLY D 33 -21.56 -30.60 32.01
CA GLY D 33 -20.12 -30.70 31.95
C GLY D 33 -19.79 -31.99 31.25
N MET D 34 -18.54 -32.45 31.36
CA MET D 34 -18.14 -33.66 30.66
C MET D 34 -19.16 -34.79 30.71
N GLU D 35 -19.76 -34.96 31.86
CA GLU D 35 -20.75 -35.97 32.02
C GLU D 35 -21.82 -35.84 30.98
N VAL D 36 -22.23 -34.63 30.72
CA VAL D 36 -23.26 -34.39 29.74
C VAL D 36 -23.06 -35.25 28.47
N LEU D 37 -21.80 -35.38 28.04
CA LEU D 37 -21.39 -36.08 26.82
C LEU D 37 -22.09 -37.37 26.45
N ASP D 38 -22.14 -38.18 27.48
CA ASP D 38 -22.66 -39.53 27.51
C ASP D 38 -24.03 -39.79 26.97
N LEU D 39 -24.96 -38.91 27.29
CA LEU D 39 -26.31 -39.09 26.77
C LEU D 39 -26.11 -39.30 25.29
N VAL D 40 -26.93 -40.16 24.70
CA VAL D 40 -26.68 -40.40 23.32
C VAL D 40 -27.09 -39.48 22.24
N THR D 41 -26.07 -38.71 21.96
CA THR D 41 -25.99 -37.70 20.97
C THR D 41 -26.87 -37.92 19.72
N GLY D 42 -26.52 -38.87 18.88
CA GLY D 42 -27.27 -39.03 17.67
C GLY D 42 -26.16 -38.98 16.63
N PRO D 43 -26.33 -38.29 15.49
CA PRO D 43 -25.20 -38.30 14.57
C PRO D 43 -24.76 -36.88 14.15
N ASP D 44 -25.62 -35.91 14.35
CA ASP D 44 -25.29 -34.55 13.95
C ASP D 44 -25.20 -33.71 15.18
N SER D 45 -25.42 -34.39 16.27
CA SER D 45 -25.33 -33.83 17.59
C SER D 45 -24.08 -33.01 17.68
N VAL D 46 -24.25 -31.75 17.91
CA VAL D 46 -23.07 -30.97 18.03
C VAL D 46 -22.73 -30.83 19.47
N THR D 47 -21.45 -30.87 19.73
CA THR D 47 -21.03 -30.74 21.08
C THR D 47 -20.11 -29.56 21.24
N GLU D 48 -20.42 -28.71 22.22
CA GLU D 48 -19.64 -27.51 22.53
C GLU D 48 -18.97 -27.71 23.88
N ILE D 49 -17.69 -27.43 23.94
CA ILE D 49 -17.00 -27.60 25.18
C ILE D 49 -16.19 -26.38 25.48
N GLU D 50 -16.47 -25.77 26.62
CA GLU D 50 -15.73 -24.61 27.03
C GLU D 50 -14.76 -25.09 28.05
N ALA D 51 -13.59 -24.49 28.05
CA ALA D 51 -12.55 -24.84 28.99
C ALA D 51 -11.44 -23.84 28.94
N PHE D 52 -10.34 -24.14 29.61
CA PHE D 52 -9.27 -23.20 29.60
C PHE D 52 -8.02 -23.78 30.14
N LEU D 53 -6.96 -22.99 30.06
CA LEU D 53 -5.70 -23.43 30.56
C LEU D 53 -5.11 -22.30 31.37
N ASN D 54 -4.55 -22.68 32.51
CA ASN D 54 -3.92 -21.71 33.37
C ASN D 54 -2.48 -21.75 32.92
N PRO D 55 -1.97 -20.57 32.59
CA PRO D 55 -0.64 -20.22 32.09
C PRO D 55 0.50 -20.74 32.90
N ARG D 56 0.91 -21.95 32.62
CA ARG D 56 1.98 -22.49 33.45
C ARG D 56 3.47 -22.24 33.03
N MET D 57 3.96 -21.08 33.46
CA MET D 57 5.31 -20.61 33.18
C MET D 57 5.94 -20.17 34.48
N GLY D 58 6.91 -20.96 34.92
CA GLY D 58 7.61 -20.67 36.17
C GLY D 58 7.11 -21.35 37.45
N GLN D 59 6.39 -20.58 38.27
CA GLN D 59 5.92 -21.11 39.52
C GLN D 59 4.65 -21.85 39.38
N PRO D 60 4.69 -23.10 39.82
CA PRO D 60 3.60 -24.06 39.82
C PRO D 60 2.69 -23.73 40.98
N PRO D 61 1.45 -24.16 40.86
CA PRO D 61 0.29 -24.03 41.75
C PRO D 61 0.49 -24.37 43.22
N THR D 62 1.13 -25.52 43.42
CA THR D 62 1.37 -26.10 44.72
C THR D 62 1.81 -25.27 45.90
N PRO D 63 2.82 -24.43 45.71
CA PRO D 63 3.12 -23.68 46.93
C PRO D 63 1.92 -22.77 47.13
N GLU D 64 0.96 -23.28 47.89
CA GLU D 64 -0.29 -22.63 48.18
C GLU D 64 -0.28 -21.25 48.77
N SER D 65 0.74 -20.93 49.56
CA SER D 65 0.77 -19.62 50.17
C SER D 65 1.61 -18.63 49.50
N LEU D 66 1.13 -17.41 49.65
CA LEU D 66 1.72 -16.26 49.04
C LEU D 66 2.80 -15.70 49.92
N THR D 67 3.38 -16.56 50.73
CA THR D 67 4.44 -16.17 51.62
C THR D 67 5.63 -17.04 51.26
N GLU D 68 5.37 -18.34 51.15
CA GLU D 68 6.37 -19.36 50.81
C GLU D 68 6.60 -19.56 49.29
N GLY D 69 5.53 -19.45 48.53
CA GLY D 69 5.64 -19.53 47.08
C GLY D 69 5.49 -18.09 46.62
N GLY D 70 5.50 -17.18 47.61
CA GLY D 70 5.34 -15.74 47.45
C GLY D 70 4.40 -15.51 46.31
N GLN D 71 3.43 -16.41 46.20
CA GLN D 71 2.55 -16.42 45.08
C GLN D 71 2.87 -15.65 43.86
N TYR D 72 3.78 -16.37 43.24
CA TYR D 72 4.37 -16.04 42.01
C TYR D 72 3.56 -16.84 40.98
N TYR D 73 2.61 -17.63 41.48
CA TYR D 73 1.84 -18.47 40.60
C TYR D 73 1.34 -17.66 39.47
N GLY D 74 1.92 -17.94 38.32
CA GLY D 74 1.55 -17.22 37.14
C GLY D 74 2.60 -16.19 36.86
N TRP D 75 3.82 -16.59 37.15
CA TRP D 75 4.92 -15.71 36.95
C TRP D 75 6.17 -16.55 36.93
N SER D 76 7.17 -16.08 36.18
CA SER D 76 8.47 -16.78 36.08
C SER D 76 8.99 -16.51 37.46
N ARG D 77 9.98 -17.24 37.93
CA ARG D 77 10.37 -16.93 39.28
C ARG D 77 11.23 -15.74 39.37
N GLY D 78 12.35 -15.78 38.71
CA GLY D 78 13.18 -14.63 38.80
C GLY D 78 14.05 -14.95 37.65
N ILE D 79 14.39 -13.95 36.89
CA ILE D 79 15.19 -14.31 35.79
C ILE D 79 16.58 -14.54 36.24
N ASN D 80 16.91 -15.80 36.36
CA ASN D 80 18.24 -16.21 36.75
C ASN D 80 19.10 -15.89 35.54
N LEU D 81 20.30 -15.33 35.75
CA LEU D 81 21.16 -15.00 34.62
C LEU D 81 22.26 -15.98 34.22
N ALA D 82 23.48 -15.50 34.04
CA ALA D 82 24.53 -16.42 33.66
C ALA D 82 25.92 -15.92 34.00
N THR D 83 26.85 -16.86 33.99
CA THR D 83 28.25 -16.63 34.27
C THR D 83 28.82 -15.82 33.13
N SER D 84 28.73 -16.42 31.95
CA SER D 84 29.14 -15.88 30.67
C SER D 84 29.66 -17.01 29.83
N ASP D 85 29.25 -16.96 28.57
CA ASP D 85 29.54 -17.91 27.51
C ASP D 85 29.72 -19.30 28.02
N THR D 86 30.90 -19.60 28.55
CA THR D 86 31.17 -20.92 29.08
C THR D 86 30.06 -21.40 30.02
N GLU D 87 29.29 -20.49 30.60
CA GLU D 87 28.25 -20.93 31.48
C GLU D 87 26.96 -20.13 31.56
N ASP D 88 25.87 -20.88 31.38
CA ASP D 88 24.49 -20.40 31.42
C ASP D 88 23.66 -21.53 31.92
N SER D 89 23.25 -21.45 33.13
CA SER D 89 22.42 -22.48 33.65
C SER D 89 21.20 -21.71 34.09
N PRO D 90 20.08 -21.91 33.38
CA PRO D 90 18.72 -21.39 33.45
C PRO D 90 18.01 -21.43 34.74
N GLY D 91 17.67 -22.61 35.22
CA GLY D 91 16.95 -22.64 36.47
C GLY D 91 15.51 -22.91 36.12
N ASN D 92 15.08 -24.09 36.47
CA ASN D 92 13.76 -24.54 36.12
C ASN D 92 12.52 -23.68 36.27
N ASN D 93 12.60 -22.55 36.94
CA ASN D 93 11.39 -21.74 37.09
C ASN D 93 11.63 -20.41 36.42
N THR D 94 12.73 -20.36 35.70
CA THR D 94 13.08 -19.19 34.96
C THR D 94 12.57 -19.53 33.60
N LEU D 95 11.80 -20.59 33.50
CA LEU D 95 11.39 -21.01 32.21
C LEU D 95 9.98 -21.27 31.94
N PRO D 96 9.38 -20.36 31.23
CA PRO D 96 7.98 -20.52 30.87
C PRO D 96 8.00 -21.74 29.93
N THR D 97 7.03 -22.59 30.19
CA THR D 97 6.88 -23.84 29.53
C THR D 97 5.55 -23.96 28.89
N TRP D 98 5.51 -24.73 27.80
CA TRP D 98 4.29 -25.01 27.07
C TRP D 98 3.23 -25.52 28.04
N SER D 99 1.98 -25.05 27.87
CA SER D 99 0.82 -25.44 28.70
C SER D 99 -0.18 -26.17 27.82
N MET D 100 -0.77 -27.26 28.34
CA MET D 100 -1.75 -28.07 27.57
C MET D 100 -2.56 -29.05 28.40
N ALA D 101 -3.52 -29.71 27.76
CA ALA D 101 -4.39 -30.69 28.44
C ALA D 101 -5.12 -31.55 27.39
N LYS D 102 -5.87 -32.57 27.84
CA LYS D 102 -6.61 -33.42 26.90
C LYS D 102 -8.02 -33.71 27.27
N LEU D 103 -8.92 -33.35 26.40
CA LEU D 103 -10.32 -33.58 26.67
C LEU D 103 -10.71 -34.96 26.31
N GLN D 104 -11.21 -35.68 27.29
CA GLN D 104 -11.59 -37.02 26.99
C GLN D 104 -13.02 -37.23 26.56
N LEU D 105 -13.14 -37.51 25.28
CA LEU D 105 -14.44 -37.75 24.69
C LEU D 105 -14.86 -39.20 24.78
N PRO D 106 -16.09 -39.49 24.43
CA PRO D 106 -16.55 -40.88 24.51
C PRO D 106 -16.52 -41.56 23.16
N MET D 107 -16.37 -42.87 23.14
CA MET D 107 -16.34 -43.61 21.86
C MET D 107 -17.67 -43.47 21.10
N LEU D 108 -17.63 -43.51 19.77
CA LEU D 108 -18.86 -43.38 18.99
C LEU D 108 -19.38 -44.67 18.35
N ASN D 109 -20.18 -44.58 17.29
CA ASN D 109 -20.71 -45.79 16.64
C ASN D 109 -19.84 -46.28 15.50
N GLU D 110 -20.11 -47.49 15.03
CA GLU D 110 -19.36 -48.04 13.92
C GLU D 110 -20.30 -48.80 13.02
N ASP D 111 -19.76 -49.43 12.00
CA ASP D 111 -20.53 -50.21 11.04
C ASP D 111 -19.46 -50.91 10.24
N LEU D 112 -18.90 -51.93 10.87
CA LEU D 112 -17.84 -52.75 10.27
C LEU D 112 -18.33 -53.33 8.98
N THR D 113 -19.64 -53.33 8.83
CA THR D 113 -20.29 -53.83 7.64
C THR D 113 -19.72 -53.02 6.48
N CYS D 114 -19.55 -51.73 6.74
CA CYS D 114 -19.04 -50.83 5.75
C CYS D 114 -17.71 -50.27 6.19
N ASP D 115 -17.03 -50.96 7.10
CA ASP D 115 -15.72 -50.54 7.59
C ASP D 115 -15.71 -49.02 7.88
N THR D 116 -16.84 -48.54 8.32
CA THR D 116 -16.99 -47.15 8.60
C THR D 116 -17.01 -46.93 10.11
N LEU D 117 -16.43 -45.82 10.49
CA LEU D 117 -16.29 -45.49 11.86
C LEU D 117 -16.76 -44.11 12.05
N GLN D 118 -17.09 -43.76 13.28
CA GLN D 118 -17.52 -42.40 13.53
C GLN D 118 -16.47 -41.81 14.46
N MET D 119 -15.94 -40.63 14.17
CA MET D 119 -15.02 -40.02 15.12
C MET D 119 -15.22 -38.55 15.38
N TRP D 120 -14.68 -38.14 16.52
CA TRP D 120 -14.83 -36.77 16.96
C TRP D 120 -14.01 -35.83 16.12
N GLU D 121 -14.69 -34.86 15.53
CA GLU D 121 -14.08 -33.88 14.64
C GLU D 121 -14.23 -32.43 15.10
N ALA D 122 -13.10 -31.84 15.46
CA ALA D 122 -13.09 -30.45 15.89
C ALA D 122 -13.29 -29.58 14.69
N VAL D 123 -14.08 -28.54 14.89
CA VAL D 123 -14.40 -27.64 13.81
C VAL D 123 -13.93 -26.21 13.91
N SER D 124 -14.40 -25.56 14.94
CA SER D 124 -14.07 -24.19 15.13
C SER D 124 -13.81 -24.10 16.59
N VAL D 125 -13.38 -22.95 16.99
CA VAL D 125 -13.08 -22.79 18.38
C VAL D 125 -12.99 -21.34 18.57
N LYS D 126 -13.60 -20.88 19.64
CA LYS D 126 -13.43 -19.50 19.97
C LYS D 126 -12.44 -19.65 21.13
N THR D 127 -11.37 -18.88 21.07
CA THR D 127 -10.48 -18.91 22.22
C THR D 127 -10.35 -17.46 22.50
N GLU D 128 -9.92 -17.17 23.73
CA GLU D 128 -9.72 -15.80 24.21
C GLU D 128 -8.90 -15.82 25.49
N VAL D 129 -7.94 -14.91 25.54
CA VAL D 129 -7.10 -14.86 26.70
C VAL D 129 -7.63 -13.71 27.45
N VAL D 130 -7.79 -13.91 28.75
CA VAL D 130 -8.37 -12.90 29.62
C VAL D 130 -7.33 -12.47 30.59
N GLY D 131 -7.64 -11.37 31.25
CA GLY D 131 -6.73 -10.90 32.28
C GLY D 131 -5.90 -9.75 31.80
N SER D 132 -6.27 -9.34 30.61
CA SER D 132 -5.62 -8.25 29.95
C SER D 132 -5.67 -7.12 30.94
N GLY D 133 -6.83 -6.94 31.58
CA GLY D 133 -6.97 -5.88 32.58
C GLY D 133 -6.00 -5.88 33.78
N SER D 134 -5.59 -7.07 34.17
CA SER D 134 -4.69 -7.22 35.28
C SER D 134 -3.50 -6.31 35.08
N LEU D 135 -3.14 -6.09 33.84
CA LEU D 135 -1.97 -5.29 33.57
C LEU D 135 -2.04 -3.82 33.95
N LEU D 136 -3.15 -3.43 34.56
CA LEU D 136 -3.41 -2.05 34.95
C LEU D 136 -3.09 -1.57 36.40
N ASP D 137 -2.66 -2.53 37.22
CA ASP D 137 -2.25 -2.27 38.60
C ASP D 137 -0.87 -1.71 38.43
N VAL D 138 -0.74 -0.42 38.66
CA VAL D 138 0.56 0.23 38.53
C VAL D 138 1.25 0.62 39.82
N HIS D 139 0.72 0.08 40.92
CA HIS D 139 1.27 0.26 42.27
C HIS D 139 2.20 -0.94 42.50
N GLY D 140 2.24 -1.45 43.72
CA GLY D 140 3.12 -2.59 44.02
C GLY D 140 4.61 -2.26 43.84
N PHE D 141 5.50 -3.20 44.14
CA PHE D 141 6.87 -2.80 43.94
C PHE D 141 7.71 -3.26 42.79
N ASN D 142 7.38 -2.68 41.65
CA ASN D 142 8.11 -2.87 40.41
C ASN D 142 8.92 -1.60 40.43
N LYS D 143 9.95 -1.51 39.61
CA LYS D 143 10.73 -0.28 39.59
C LYS D 143 9.71 0.76 39.27
N PRO D 144 9.99 2.00 39.62
CA PRO D 144 8.87 2.81 39.21
C PRO D 144 9.34 3.75 38.15
N THR D 145 8.38 4.50 37.64
CA THR D 145 8.57 5.50 36.62
C THR D 145 9.84 6.28 36.90
N ASP D 146 9.80 7.02 38.00
CA ASP D 146 10.91 7.85 38.46
C ASP D 146 11.52 7.01 39.54
N THR D 147 12.72 6.59 39.26
CA THR D 147 13.44 5.74 40.18
C THR D 147 14.21 6.61 41.14
N VAL D 148 14.71 7.71 40.58
CA VAL D 148 15.51 8.69 41.28
C VAL D 148 14.97 8.98 42.67
N ASN D 149 13.77 9.51 42.71
CA ASN D 149 13.11 9.86 43.95
C ASN D 149 12.07 8.80 44.24
N THR D 150 12.41 7.57 43.85
CA THR D 150 11.59 6.39 44.04
C THR D 150 10.13 6.78 43.95
N LYS D 151 9.78 7.49 42.89
CA LYS D 151 8.44 7.99 42.73
C LYS D 151 7.78 7.63 41.40
N GLY D 152 6.47 7.75 41.34
CA GLY D 152 5.81 7.46 40.09
C GLY D 152 4.82 6.32 40.04
N ILE D 153 5.15 5.34 39.23
CA ILE D 153 4.31 4.18 39.01
C ILE D 153 5.17 2.97 39.03
N SER D 154 4.71 1.92 39.67
CA SER D 154 5.48 0.69 39.67
C SER D 154 5.20 0.09 38.34
N THR D 155 6.18 0.40 37.51
CA THR D 155 6.27 0.00 36.15
C THR D 155 5.56 -1.28 35.83
N PRO D 156 4.57 -1.21 34.92
CA PRO D 156 3.72 -2.30 34.45
C PRO D 156 4.55 -3.31 33.67
N VAL D 157 3.86 -4.28 33.08
CA VAL D 157 4.60 -5.26 32.32
C VAL D 157 4.92 -4.65 31.00
N GLU D 158 6.05 -5.07 30.47
CA GLU D 158 6.54 -4.65 29.17
C GLU D 158 7.40 -5.83 28.69
N GLY D 159 8.05 -5.69 27.53
CA GLY D 159 8.91 -6.74 27.02
C GLY D 159 8.30 -7.64 25.98
N SER D 160 9.11 -8.62 25.58
CA SER D 160 8.67 -9.58 24.58
C SER D 160 7.38 -10.27 25.04
N GLN D 161 6.48 -10.48 24.13
CA GLN D 161 5.27 -11.20 24.48
C GLN D 161 5.17 -12.35 23.43
N TYR D 162 4.47 -13.44 23.79
CA TYR D 162 4.33 -14.59 22.92
C TYR D 162 3.00 -15.21 23.26
N HIS D 163 2.29 -15.58 22.20
CA HIS D 163 1.00 -16.22 22.34
C HIS D 163 0.89 -17.14 21.15
N VAL D 164 0.67 -18.40 21.44
CA VAL D 164 0.52 -19.39 20.42
C VAL D 164 -0.41 -20.33 21.08
N PHE D 165 -1.14 -21.08 20.28
CA PHE D 165 -2.01 -22.08 20.81
C PHE D 165 -2.39 -22.98 19.66
N ALA D 166 -3.02 -24.10 20.00
CA ALA D 166 -3.40 -25.06 18.99
C ALA D 166 -4.41 -26.03 19.46
N VAL D 167 -5.24 -26.38 18.52
CA VAL D 167 -6.24 -27.32 18.85
C VAL D 167 -6.02 -28.48 17.94
N GLY D 168 -5.66 -29.62 18.54
CA GLY D 168 -5.42 -30.86 17.80
C GLY D 168 -6.12 -32.13 18.27
N GLY D 169 -6.18 -33.14 17.42
CA GLY D 169 -6.84 -34.39 17.77
C GLY D 169 -5.85 -35.49 18.09
N GLU D 170 -4.67 -35.08 18.49
CA GLU D 170 -3.60 -35.96 18.87
C GLU D 170 -2.66 -34.91 19.36
N PRO D 171 -1.68 -35.29 20.20
CA PRO D 171 -0.73 -34.31 20.75
C PRO D 171 0.02 -33.55 19.69
N LEU D 172 0.47 -32.37 20.08
CA LEU D 172 1.19 -31.48 19.18
C LEU D 172 2.63 -31.91 18.86
N ASP D 173 2.96 -31.92 17.56
CA ASP D 173 4.31 -32.29 17.12
C ASP D 173 5.12 -31.05 17.14
N LEU D 174 6.35 -31.15 17.61
CA LEU D 174 7.14 -29.95 17.72
C LEU D 174 8.63 -30.12 17.55
N GLN D 175 9.25 -29.06 17.05
CA GLN D 175 10.67 -29.07 16.82
C GLN D 175 11.40 -28.14 17.70
N GLY D 176 12.57 -28.62 18.09
CA GLY D 176 13.39 -27.86 18.96
C GLY D 176 14.44 -27.13 18.18
N LEU D 177 14.56 -25.89 18.58
CA LEU D 177 15.59 -24.96 18.10
C LEU D 177 15.81 -24.07 19.30
N VAL D 178 17.06 -23.81 19.57
CA VAL D 178 17.45 -22.99 20.68
C VAL D 178 18.39 -21.91 20.20
N THR D 179 18.70 -20.99 21.05
CA THR D 179 19.63 -19.94 20.80
C THR D 179 20.96 -20.68 21.12
N ASP D 180 21.70 -20.26 22.15
CA ASP D 180 22.97 -20.94 22.45
C ASP D 180 22.79 -22.41 22.77
N ALA D 181 23.50 -23.27 22.07
CA ALA D 181 23.32 -24.69 22.30
C ALA D 181 24.08 -25.25 23.49
N ARG D 182 24.72 -24.37 24.24
CA ARG D 182 25.44 -24.88 25.38
C ARG D 182 24.54 -24.88 26.59
N THR D 183 23.72 -23.84 26.68
CA THR D 183 22.74 -23.63 27.76
C THR D 183 22.56 -24.85 28.63
N LYS D 184 23.15 -24.78 29.80
CA LYS D 184 23.12 -25.87 30.74
C LYS D 184 21.78 -26.01 31.41
N TYR D 185 20.83 -26.56 30.66
CA TYR D 185 19.51 -26.78 31.17
C TYR D 185 19.63 -27.88 32.20
N LYS D 186 18.79 -27.83 33.22
CA LYS D 186 18.81 -28.82 34.28
C LYS D 186 18.11 -29.96 33.62
N GLU D 187 18.87 -30.98 33.29
CA GLU D 187 18.30 -32.11 32.60
C GLU D 187 17.16 -32.78 33.31
N GLU D 188 16.99 -32.45 34.58
CA GLU D 188 15.89 -33.06 35.31
C GLU D 188 14.80 -32.05 35.69
N GLY D 189 13.54 -32.48 35.63
CA GLY D 189 12.41 -31.61 35.93
C GLY D 189 11.96 -30.74 34.76
N VAL D 190 12.29 -31.16 33.54
CA VAL D 190 11.93 -30.41 32.35
C VAL D 190 12.51 -31.07 31.12
N VAL D 191 11.70 -31.17 30.07
CA VAL D 191 12.18 -31.78 28.87
C VAL D 191 13.00 -30.85 28.03
N THR D 192 14.18 -31.30 27.69
CA THR D 192 15.06 -30.55 26.85
C THR D 192 15.35 -31.52 25.77
N ILE D 193 15.92 -30.99 24.72
CA ILE D 193 16.32 -31.80 23.61
C ILE D 193 17.12 -32.96 24.16
N LYS D 194 18.04 -32.71 25.09
CA LYS D 194 18.83 -33.81 25.61
C LYS D 194 17.91 -34.78 26.27
N THR D 195 16.95 -34.21 26.96
CA THR D 195 15.97 -35.00 27.65
C THR D 195 15.29 -35.92 26.65
N ILE D 196 15.45 -35.65 25.38
CA ILE D 196 14.85 -36.51 24.40
C ILE D 196 15.87 -37.14 23.45
N THR D 197 16.68 -36.37 22.73
CA THR D 197 17.69 -37.07 21.94
C THR D 197 18.53 -37.48 23.09
N LYS D 198 18.95 -38.72 23.14
CA LYS D 198 19.69 -39.00 24.32
C LYS D 198 21.08 -38.44 24.45
N LYS D 199 21.37 -37.37 23.74
CA LYS D 199 22.68 -36.79 23.79
C LYS D 199 22.64 -35.30 23.90
N ASP D 200 23.82 -34.69 23.92
CA ASP D 200 23.91 -33.25 24.05
C ASP D 200 23.74 -32.47 22.78
N MET D 201 23.26 -31.25 22.95
CA MET D 201 22.94 -30.35 21.85
C MET D 201 24.05 -30.15 20.88
N VAL D 202 23.68 -29.69 19.69
CA VAL D 202 24.68 -29.44 18.67
C VAL D 202 24.32 -28.19 17.94
N ASN D 203 25.32 -27.59 17.31
CA ASN D 203 25.09 -26.36 16.57
C ASN D 203 23.84 -26.51 15.72
N LYS D 204 23.69 -27.69 15.16
CA LYS D 204 22.53 -27.92 14.32
C LYS D 204 21.21 -27.61 15.03
N ASP D 205 21.09 -28.06 16.27
CA ASP D 205 19.87 -27.83 17.04
C ASP D 205 19.69 -26.32 17.09
N GLN D 206 20.81 -25.63 17.26
CA GLN D 206 20.84 -24.18 17.37
C GLN D 206 20.23 -23.49 16.19
N VAL D 207 19.86 -24.26 15.17
CA VAL D 207 19.26 -23.67 13.99
C VAL D 207 18.17 -24.46 13.36
N LEU D 208 18.07 -25.73 13.67
CA LEU D 208 17.01 -26.57 13.14
C LEU D 208 17.54 -27.94 13.10
N ASN D 209 17.31 -28.65 14.17
CA ASN D 209 17.76 -30.01 14.15
C ASN D 209 16.56 -30.91 13.97
N PRO D 210 16.49 -31.52 12.83
CA PRO D 210 15.45 -32.43 12.40
C PRO D 210 15.34 -33.61 13.31
N ILE D 211 16.32 -33.78 14.18
CA ILE D 211 16.29 -34.89 15.10
C ILE D 211 15.58 -34.41 16.33
N SER D 212 15.89 -33.17 16.63
CA SER D 212 15.37 -32.51 17.76
C SER D 212 13.91 -32.19 17.58
N LYS D 213 13.14 -33.24 17.56
CA LYS D 213 11.73 -33.13 17.40
C LYS D 213 11.13 -33.94 18.54
N ALA D 214 9.88 -33.67 18.91
CA ALA D 214 9.26 -34.43 19.99
C ALA D 214 7.74 -34.27 20.02
N LYS D 215 7.13 -34.60 21.16
CA LYS D 215 5.68 -34.47 21.34
C LYS D 215 5.27 -33.73 22.64
N LEU D 216 3.98 -33.45 22.79
CA LEU D 216 3.50 -32.74 23.96
C LEU D 216 3.30 -33.48 25.25
N ASP D 217 3.01 -34.76 25.13
CA ASP D 217 2.73 -35.65 26.24
C ASP D 217 2.72 -35.11 27.63
N LYS D 218 3.76 -34.39 28.01
CA LYS D 218 3.79 -33.89 29.35
C LYS D 218 3.00 -32.65 29.60
N ASP D 219 3.68 -31.49 29.61
CA ASP D 219 3.07 -30.18 29.88
C ASP D 219 3.82 -29.48 31.03
N GLY D 220 3.72 -28.14 31.08
CA GLY D 220 4.38 -27.36 32.11
C GLY D 220 5.77 -27.93 32.19
N MET D 221 6.25 -28.47 31.08
CA MET D 221 7.54 -29.12 31.13
C MET D 221 8.32 -28.84 29.91
N TYR D 222 7.61 -28.65 28.83
CA TYR D 222 8.36 -28.35 27.67
C TYR D 222 8.42 -26.87 27.70
N PRO D 223 9.62 -26.32 27.89
CA PRO D 223 9.87 -24.87 27.93
C PRO D 223 9.67 -24.34 26.55
N VAL D 224 9.21 -23.10 26.48
CA VAL D 224 8.92 -22.51 25.20
C VAL D 224 10.14 -22.00 24.49
N GLU D 225 11.12 -21.69 25.32
CA GLU D 225 12.40 -21.20 24.85
C GLU D 225 13.06 -22.21 23.89
N ILE D 226 12.52 -23.43 23.92
CA ILE D 226 13.04 -24.56 23.17
C ILE D 226 12.20 -25.20 22.04
N TRP D 227 11.00 -25.62 22.39
CA TRP D 227 10.12 -26.29 21.44
C TRP D 227 9.14 -25.38 20.72
N HIS D 228 8.96 -25.66 19.44
CA HIS D 228 8.06 -24.86 18.67
C HIS D 228 7.28 -25.82 17.84
N PRO D 229 6.06 -25.43 17.53
CA PRO D 229 5.16 -26.23 16.74
C PRO D 229 5.94 -26.48 15.48
N ASP D 230 6.21 -27.74 15.21
CA ASP D 230 6.96 -28.12 14.02
C ASP D 230 5.99 -28.44 12.93
N PRO D 231 6.15 -27.83 11.73
CA PRO D 231 5.24 -28.14 10.62
C PRO D 231 5.66 -29.54 10.08
N ALA D 232 5.16 -30.54 10.80
CA ALA D 232 5.43 -31.90 10.47
C ALA D 232 4.79 -31.98 9.12
N LYS D 233 5.45 -32.78 8.31
CA LYS D 233 5.04 -33.14 6.99
C LYS D 233 3.55 -33.21 6.91
N ASN D 234 3.01 -33.89 7.93
CA ASN D 234 1.59 -34.20 8.16
C ASN D 234 1.20 -33.71 9.61
N GLU D 235 -0.04 -33.18 9.76
CA GLU D 235 -0.54 -32.63 11.03
C GLU D 235 -2.06 -32.65 11.27
N ASN D 236 -2.47 -33.01 12.51
CA ASN D 236 -3.91 -33.06 12.91
C ASN D 236 -4.17 -31.96 13.95
N THR D 237 -3.34 -30.92 13.93
CA THR D 237 -3.48 -29.80 14.86
C THR D 237 -3.44 -28.47 14.11
N ARG D 238 -4.15 -27.49 14.63
CA ARG D 238 -4.12 -26.19 14.03
C ARG D 238 -3.38 -25.39 15.02
N TYR D 239 -2.31 -24.77 14.62
CA TYR D 239 -1.65 -23.96 15.59
C TYR D 239 -1.52 -22.60 15.04
N PHE D 240 -1.30 -21.68 15.95
CA PHE D 240 -1.12 -20.30 15.56
C PHE D 240 -0.57 -19.58 16.72
N GLY D 241 0.19 -18.55 16.37
CA GLY D 241 0.78 -17.68 17.35
C GLY D 241 1.76 -16.75 16.72
N ASN D 242 2.20 -15.81 17.55
CA ASN D 242 3.16 -14.82 17.15
C ASN D 242 4.07 -14.34 18.28
N TYR D 243 5.25 -13.87 17.88
CA TYR D 243 6.26 -13.38 18.79
C TYR D 243 6.35 -11.92 18.52
N THR D 244 6.64 -11.19 19.56
CA THR D 244 6.72 -9.75 19.47
C THR D 244 7.80 -9.50 20.46
N GLY D 245 9.02 -9.55 19.95
CA GLY D 245 10.17 -9.39 20.80
C GLY D 245 10.36 -8.03 21.38
N GLY D 246 11.54 -7.79 21.92
CA GLY D 246 11.79 -6.49 22.47
C GLY D 246 11.93 -6.49 23.97
N THR D 247 12.53 -5.41 24.46
CA THR D 247 12.77 -5.26 25.87
C THR D 247 11.71 -4.48 26.63
N THR D 248 11.20 -3.43 26.00
CA THR D 248 10.21 -2.52 26.57
C THR D 248 8.93 -2.50 25.76
N THR D 249 8.88 -3.42 24.84
CA THR D 249 7.76 -3.57 23.98
C THR D 249 6.46 -3.71 24.76
N PRO D 250 5.54 -2.82 24.49
CA PRO D 250 4.23 -2.72 25.10
C PRO D 250 3.34 -3.80 24.66
N PRO D 251 2.63 -4.36 25.62
CA PRO D 251 1.66 -5.44 25.55
C PRO D 251 0.40 -4.96 24.91
N VAL D 252 -0.30 -5.87 24.26
CA VAL D 252 -1.54 -5.56 23.58
C VAL D 252 -2.34 -6.80 23.53
N LEU D 253 -3.65 -6.66 23.43
CA LEU D 253 -4.39 -7.88 23.48
C LEU D 253 -5.80 -7.76 23.12
N GLN D 254 -6.38 -8.92 22.84
CA GLN D 254 -7.79 -9.02 22.43
C GLN D 254 -8.97 -9.52 23.21
N PHE D 255 -9.75 -8.55 23.59
CA PHE D 255 -10.89 -8.91 24.31
C PHE D 255 -12.10 -9.27 23.54
N THR D 256 -12.17 -10.49 22.98
CA THR D 256 -13.47 -10.81 22.43
C THR D 256 -14.23 -12.12 22.37
N ASN D 257 -15.49 -11.88 22.67
CA ASN D 257 -16.49 -12.86 22.76
C ASN D 257 -17.05 -13.05 21.39
N THR D 258 -17.03 -12.00 20.60
CA THR D 258 -17.63 -12.11 19.29
C THR D 258 -17.18 -13.13 18.28
N LEU D 259 -15.88 -13.22 18.00
CA LEU D 259 -15.47 -14.15 16.97
C LEU D 259 -14.70 -15.46 17.11
N THR D 260 -15.11 -16.36 16.20
CA THR D 260 -14.69 -17.74 16.06
C THR D 260 -13.68 -18.10 15.01
N THR D 261 -12.98 -19.19 15.30
CA THR D 261 -11.98 -19.67 14.41
C THR D 261 -12.17 -21.09 13.98
N VAL D 262 -11.87 -21.30 12.71
CA VAL D 262 -12.05 -22.60 12.15
C VAL D 262 -10.88 -23.52 12.01
N LEU D 263 -11.02 -24.61 12.73
CA LEU D 263 -10.06 -25.67 12.76
C LEU D 263 -10.18 -26.43 11.46
N LEU D 264 -11.20 -26.14 10.66
CA LEU D 264 -11.36 -26.87 9.41
C LEU D 264 -10.23 -26.95 8.44
N ASP D 265 -9.97 -28.20 8.11
CA ASP D 265 -8.88 -28.53 7.24
C ASP D 265 -9.14 -28.13 5.81
N GLU D 266 -8.12 -28.29 4.98
CA GLU D 266 -8.17 -27.93 3.58
C GLU D 266 -9.36 -28.49 2.81
N ASN D 267 -9.96 -29.57 3.31
CA ASN D 267 -11.09 -30.18 2.63
C ASN D 267 -12.23 -30.22 3.60
N GLY D 268 -12.05 -29.52 4.71
CA GLY D 268 -13.10 -29.43 5.70
C GLY D 268 -13.20 -30.65 6.53
N VAL D 269 -12.24 -30.75 7.42
CA VAL D 269 -12.17 -31.89 8.27
C VAL D 269 -11.74 -31.45 9.64
N GLY D 270 -10.86 -30.49 9.68
CA GLY D 270 -10.42 -30.06 10.97
C GLY D 270 -9.74 -31.26 11.58
N PRO D 271 -9.64 -31.26 12.90
CA PRO D 271 -8.98 -32.42 13.47
C PRO D 271 -10.00 -33.41 13.88
N LEU D 272 -9.49 -34.62 14.05
CA LEU D 272 -10.28 -35.75 14.48
C LEU D 272 -9.55 -36.23 15.66
N CYS D 273 -10.26 -36.82 16.57
CA CYS D 273 -9.60 -37.23 17.75
C CYS D 273 -9.20 -38.63 17.65
N LYS D 274 -7.89 -38.80 17.43
CA LYS D 274 -7.23 -40.10 17.38
C LYS D 274 -7.33 -40.42 18.88
N GLY D 275 -7.84 -41.58 19.26
CA GLY D 275 -7.97 -41.79 20.69
C GLY D 275 -9.18 -40.93 20.92
N GLU D 276 -10.02 -41.22 21.90
CA GLU D 276 -11.18 -40.36 21.95
C GLU D 276 -10.91 -38.95 22.52
N GLY D 277 -9.67 -38.50 22.30
CA GLY D 277 -9.20 -37.23 22.81
C GLY D 277 -8.91 -36.01 21.95
N LEU D 278 -9.29 -34.89 22.56
CA LEU D 278 -9.14 -33.61 21.98
C LEU D 278 -8.03 -32.97 22.78
N TYR D 279 -7.11 -32.34 22.07
CA TYR D 279 -5.96 -31.70 22.65
C TYR D 279 -5.84 -30.17 22.51
N LEU D 280 -5.56 -29.53 23.63
CA LEU D 280 -5.42 -28.08 23.67
C LEU D 280 -3.99 -27.74 24.04
N SER D 281 -3.45 -26.66 23.51
CA SER D 281 -2.07 -26.28 23.80
C SER D 281 -1.89 -24.83 23.47
N CYS D 282 -1.06 -24.14 24.26
CA CYS D 282 -0.80 -22.71 24.08
C CYS D 282 0.18 -22.22 25.10
N VAL D 283 0.41 -20.91 25.09
CA VAL D 283 1.34 -20.21 25.99
C VAL D 283 1.03 -18.74 25.85
N ASP D 284 1.13 -17.98 26.93
CA ASP D 284 0.80 -16.57 26.76
C ASP D 284 1.61 -15.55 27.54
N ILE D 285 2.79 -15.30 27.02
CA ILE D 285 3.64 -14.38 27.70
C ILE D 285 3.22 -13.02 27.36
N MET D 286 3.06 -12.27 28.42
CA MET D 286 2.65 -10.93 28.27
C MET D 286 3.84 -10.05 28.37
N GLY D 287 4.93 -10.62 28.84
CA GLY D 287 6.15 -9.87 29.02
C GLY D 287 6.55 -10.12 30.47
N TRP D 288 7.22 -9.15 31.08
CA TRP D 288 7.65 -9.31 32.46
C TRP D 288 7.53 -8.07 33.33
N ARG D 289 7.49 -8.39 34.62
CA ARG D 289 7.40 -7.46 35.69
C ARG D 289 8.80 -7.39 36.23
N VAL D 290 9.29 -6.18 36.40
CA VAL D 290 10.60 -5.96 36.99
C VAL D 290 10.51 -5.43 38.44
N THR D 291 11.24 -6.05 39.36
CA THR D 291 11.07 -5.59 40.72
C THR D 291 11.84 -4.39 41.12
N ARG D 292 11.17 -3.51 41.89
CA ARG D 292 11.76 -2.31 42.42
C ARG D 292 12.71 -2.95 43.38
N ASN D 293 13.93 -3.12 42.92
CA ASN D 293 14.97 -3.78 43.67
C ASN D 293 16.11 -3.74 42.66
N TYR D 294 16.52 -4.92 42.20
CA TYR D 294 17.55 -5.04 41.19
C TYR D 294 16.78 -5.31 39.95
N ASP D 295 17.47 -5.73 38.91
CA ASP D 295 16.72 -6.01 37.73
C ASP D 295 16.27 -7.43 37.70
N VAL D 296 15.55 -7.70 38.75
CA VAL D 296 14.97 -8.98 38.98
C VAL D 296 13.92 -8.89 37.91
N HIS D 297 13.77 -9.91 37.09
CA HIS D 297 12.84 -9.73 36.00
C HIS D 297 11.57 -10.46 35.77
N HIS D 298 11.50 -11.74 36.11
CA HIS D 298 10.33 -12.61 35.87
C HIS D 298 8.98 -12.26 35.15
N TRP D 299 8.81 -12.90 33.99
CA TRP D 299 7.67 -12.80 33.05
C TRP D 299 6.33 -13.06 33.67
N ARG D 300 5.26 -12.62 32.99
CA ARG D 300 3.89 -12.84 33.43
C ARG D 300 3.14 -13.48 32.33
N GLY D 301 2.30 -14.44 32.72
CA GLY D 301 1.47 -15.16 31.78
C GLY D 301 0.02 -14.80 32.02
N LEU D 302 -0.84 -15.38 31.19
CA LEU D 302 -2.27 -15.19 31.29
C LEU D 302 -2.92 -16.46 30.83
N PRO D 303 -4.10 -16.72 31.35
CA PRO D 303 -4.79 -17.93 30.98
C PRO D 303 -5.62 -17.77 29.74
N ARG D 304 -5.90 -18.91 29.14
CA ARG D 304 -6.69 -18.93 27.92
C ARG D 304 -8.03 -19.73 27.94
N TYR D 305 -9.06 -19.24 27.27
CA TYR D 305 -10.35 -19.93 27.21
C TYR D 305 -10.42 -20.67 25.92
N PHE D 306 -11.35 -21.61 25.81
CA PHE D 306 -11.54 -22.36 24.57
C PHE D 306 -12.95 -22.86 24.50
N LYS D 307 -13.60 -22.56 23.42
CA LYS D 307 -14.93 -23.07 23.21
C LYS D 307 -14.74 -23.86 21.92
N ILE D 308 -14.59 -25.16 22.08
CA ILE D 308 -14.42 -26.00 20.93
C ILE D 308 -15.75 -26.54 20.49
N THR D 309 -15.98 -26.47 19.20
CA THR D 309 -17.21 -26.93 18.63
C THR D 309 -16.82 -28.14 17.83
N LEU D 310 -17.36 -29.29 18.19
CA LEU D 310 -17.03 -30.52 17.47
C LEU D 310 -18.20 -31.39 17.10
N ARG D 311 -17.99 -32.21 16.07
CA ARG D 311 -19.03 -33.07 15.51
C ARG D 311 -18.69 -34.53 15.29
N LYS D 312 -19.77 -35.23 14.95
CA LYS D 312 -19.72 -36.64 14.71
C LYS D 312 -19.40 -36.96 13.25
N ARG D 313 -18.14 -37.26 12.95
CA ARG D 313 -17.85 -37.55 11.56
C ARG D 313 -17.43 -38.95 11.18
N TRP D 314 -18.03 -39.37 10.08
CA TRP D 314 -17.83 -40.67 9.47
C TRP D 314 -16.54 -40.81 8.69
N VAL D 315 -15.83 -41.88 8.96
CA VAL D 315 -14.58 -42.14 8.31
C VAL D 315 -14.51 -43.57 7.84
N LYS D 316 -13.47 -43.84 7.09
CA LYS D 316 -13.29 -45.17 6.62
C LYS D 316 -12.33 -45.78 7.60
N ASN D 317 -12.51 -47.05 7.92
CA ASN D 317 -11.54 -47.64 8.78
C ASN D 317 -10.40 -47.82 7.81
N PRO D 318 -9.26 -47.28 8.16
CA PRO D 318 -8.15 -47.42 7.26
C PRO D 318 -7.28 -48.56 7.72
N TYR D 319 -7.86 -49.51 8.41
CA TYR D 319 -7.00 -50.53 8.80
C TYR D 319 -7.64 -51.85 8.56
N PRO D 320 -6.97 -52.91 8.96
CA PRO D 320 -7.55 -54.24 8.75
C PRO D 320 -7.77 -55.06 10.01
N MET D 321 -9.05 -55.28 10.30
CA MET D 321 -9.49 -56.02 11.49
C MET D 321 -8.39 -56.87 12.06
N ALA D 322 -8.26 -58.01 11.41
CA ALA D 322 -7.27 -59.01 11.71
C ALA D 322 -6.15 -58.44 12.52
N SER D 323 -5.30 -57.77 11.78
CA SER D 323 -4.11 -57.17 12.28
C SER D 323 -4.38 -56.23 13.41
N LEU D 324 -5.36 -55.34 13.26
CA LEU D 324 -5.54 -54.46 14.38
C LEU D 324 -5.93 -55.23 15.64
N ILE D 325 -6.52 -56.41 15.46
CA ILE D 325 -6.86 -57.23 16.62
C ILE D 325 -5.51 -57.64 17.17
N SER D 326 -4.76 -58.26 16.28
CA SER D 326 -3.44 -58.75 16.58
C SER D 326 -2.65 -57.75 17.38
N SER D 327 -2.57 -56.52 16.88
CA SER D 327 -1.83 -55.52 17.59
C SER D 327 -2.39 -55.55 18.98
N LEU D 328 -3.67 -55.23 19.11
CA LEU D 328 -4.31 -55.21 20.40
C LEU D 328 -3.82 -56.31 21.27
N PHE D 329 -4.03 -57.53 20.81
CA PHE D 329 -3.61 -58.65 21.59
C PHE D 329 -2.17 -58.44 22.03
N ASN D 330 -1.32 -58.09 21.08
CA ASN D 330 0.08 -57.88 21.37
C ASN D 330 0.38 -56.80 22.38
N ASN D 331 -0.28 -55.67 22.21
CA ASN D 331 -0.11 -54.51 23.08
C ASN D 331 -0.57 -54.89 24.48
N MET D 332 -1.63 -55.68 24.52
CA MET D 332 -2.21 -56.14 25.76
C MET D 332 -1.23 -57.11 26.46
N LEU D 333 -0.70 -58.07 25.70
CA LEU D 333 0.21 -59.06 26.25
C LEU D 333 1.63 -58.58 26.45
N PRO D 334 2.22 -58.89 27.59
CA PRO D 334 3.57 -58.52 27.97
C PRO D 334 4.56 -59.09 27.05
N GLN D 335 5.71 -58.48 27.13
CA GLN D 335 6.75 -58.93 26.29
C GLN D 335 7.50 -59.80 27.23
N VAL D 336 8.01 -60.87 26.64
CA VAL D 336 8.82 -61.88 27.30
C VAL D 336 9.63 -62.40 26.14
N GLN D 337 11.63 -64.26 30.05
CA GLN D 337 11.80 -63.53 28.81
C GLN D 337 11.82 -64.48 27.65
N GLY D 338 11.89 -65.76 27.99
CA GLY D 338 11.84 -66.79 26.97
C GLY D 338 13.08 -67.48 26.48
N GLN D 339 13.18 -68.77 26.79
CA GLN D 339 14.29 -69.52 26.29
C GLN D 339 14.10 -69.43 24.77
N PRO D 340 15.20 -69.49 24.04
CA PRO D 340 15.19 -69.38 22.59
C PRO D 340 14.25 -70.33 21.89
N MET D 341 13.17 -69.83 21.35
CA MET D 341 12.31 -70.73 20.65
C MET D 341 12.33 -70.34 19.19
N GLU D 342 13.56 -70.07 18.77
CA GLU D 342 13.95 -69.67 17.42
C GLU D 342 15.32 -68.98 17.54
N GLY D 343 15.96 -68.71 16.41
CA GLY D 343 17.26 -68.09 16.48
C GLY D 343 18.27 -69.12 16.08
N GLU D 344 19.35 -69.19 16.84
CA GLU D 344 20.38 -70.15 16.51
C GLU D 344 20.33 -71.33 17.43
N ASN D 345 19.67 -71.14 18.57
CA ASN D 345 19.62 -72.20 19.57
C ASN D 345 18.21 -72.65 19.92
N THR D 346 17.34 -72.56 18.93
CA THR D 346 15.95 -72.92 19.11
C THR D 346 15.89 -74.20 19.88
N GLN D 347 15.26 -74.15 21.04
CA GLN D 347 15.10 -75.33 21.85
C GLN D 347 13.89 -76.08 21.31
N VAL D 348 13.59 -75.74 20.07
CA VAL D 348 12.55 -76.32 19.26
C VAL D 348 13.33 -77.28 18.46
N GLU D 349 13.00 -78.56 18.56
CA GLU D 349 13.73 -79.48 17.74
C GLU D 349 13.03 -79.60 16.42
N GLU D 350 11.72 -79.86 16.43
CA GLU D 350 11.05 -80.08 15.16
C GLU D 350 9.64 -79.64 14.87
N VAL D 351 9.27 -79.80 13.61
CA VAL D 351 7.98 -79.41 13.12
C VAL D 351 7.51 -80.22 11.95
N ARG D 352 6.23 -80.52 11.94
CA ARG D 352 5.69 -81.30 10.87
C ARG D 352 4.35 -80.76 10.54
N VAL D 353 4.10 -80.76 9.26
CA VAL D 353 2.84 -80.31 8.82
C VAL D 353 2.27 -81.42 8.04
N TYR D 354 1.15 -81.90 8.54
CA TYR D 354 0.43 -82.98 7.94
C TYR D 354 -0.87 -82.43 7.46
N ASP D 355 -1.43 -83.00 6.41
CA ASP D 355 -2.72 -82.54 5.95
C ASP D 355 -3.85 -83.54 6.10
N GLY D 356 -3.85 -84.56 5.23
CA GLY D 356 -4.90 -85.57 5.29
C GLY D 356 -4.89 -86.62 4.18
N LYS E 17 -47.78 16.42 -15.05
CA LYS E 17 -46.47 15.76 -15.14
C LYS E 17 -46.33 14.62 -14.10
N ALA E 18 -47.26 14.56 -13.15
CA ALA E 18 -47.28 13.56 -12.07
C ALA E 18 -45.93 13.54 -11.34
N CYS E 19 -45.51 14.73 -10.93
CA CYS E 19 -44.24 14.97 -10.24
C CYS E 19 -43.72 13.74 -9.51
N PRO E 20 -42.59 13.20 -9.98
CA PRO E 20 -41.86 12.01 -9.50
C PRO E 20 -42.08 11.57 -8.05
N ARG E 21 -42.06 10.25 -7.83
CA ARG E 21 -42.20 9.67 -6.49
C ARG E 21 -40.81 9.64 -5.85
N PRO E 22 -40.60 10.54 -4.88
CA PRO E 22 -39.41 10.81 -4.08
C PRO E 22 -38.68 9.72 -3.34
N ALA E 23 -37.81 10.19 -2.47
CA ALA E 23 -36.96 9.38 -1.60
C ALA E 23 -37.78 8.52 -0.64
N PRO E 24 -37.64 7.18 -0.75
CA PRO E 24 -38.29 6.15 0.07
C PRO E 24 -37.52 6.00 1.39
N VAL E 25 -37.64 7.01 2.24
CA VAL E 25 -36.97 7.03 3.52
C VAL E 25 -37.88 6.27 4.50
N PRO E 26 -37.27 5.61 5.52
CA PRO E 26 -38.06 4.87 6.52
C PRO E 26 -38.83 5.84 7.44
N LYS E 27 -40.13 5.59 7.54
CA LYS E 27 -41.08 6.35 8.34
C LYS E 27 -40.73 6.60 9.81
N LEU E 28 -40.41 7.84 10.18
CA LEU E 28 -40.15 8.09 11.59
C LEU E 28 -41.50 8.22 12.26
N LEU E 29 -41.68 7.46 13.32
CA LEU E 29 -42.93 7.54 14.00
C LEU E 29 -42.93 8.65 14.94
N ILE E 30 -41.78 8.79 15.57
CA ILE E 30 -41.61 9.84 16.53
C ILE E 30 -40.28 9.73 17.24
N LYS E 31 -39.69 10.89 17.43
CA LYS E 31 -38.43 10.94 18.10
C LYS E 31 -38.71 11.51 19.48
N GLY E 32 -37.74 11.37 20.38
CA GLY E 32 -37.86 11.91 21.72
C GLY E 32 -37.00 11.14 22.70
N GLY E 33 -37.42 11.17 23.96
CA GLY E 33 -36.74 10.45 25.02
C GLY E 33 -37.47 9.15 25.32
N MET E 34 -37.10 8.48 26.40
CA MET E 34 -37.69 7.18 26.76
C MET E 34 -39.20 7.06 26.62
N GLU E 35 -39.86 8.06 27.17
CA GLU E 35 -41.30 8.18 27.15
C GLU E 35 -41.96 7.66 25.87
N VAL E 36 -41.30 7.93 24.77
CA VAL E 36 -41.83 7.53 23.51
C VAL E 36 -42.28 6.05 23.53
N LEU E 37 -41.37 5.17 23.89
CA LEU E 37 -41.64 3.74 23.91
C LEU E 37 -43.00 3.38 24.37
N ASP E 38 -43.33 3.99 25.50
CA ASP E 38 -44.55 3.78 26.23
C ASP E 38 -45.82 3.76 25.46
N LEU E 39 -45.94 4.64 24.50
CA LEU E 39 -47.15 4.59 23.72
C LEU E 39 -46.98 3.43 22.77
N VAL E 40 -48.10 2.95 22.24
CA VAL E 40 -48.08 1.84 21.30
C VAL E 40 -46.94 2.05 20.39
N THR E 41 -46.04 1.09 20.37
CA THR E 41 -44.94 1.22 19.45
C THR E 41 -45.52 0.61 18.16
N GLY E 42 -45.86 -0.67 18.23
CA GLY E 42 -46.38 -1.34 17.06
C GLY E 42 -45.93 -2.77 17.24
N PRO E 43 -45.66 -3.54 16.16
CA PRO E 43 -45.24 -4.94 16.27
C PRO E 43 -43.79 -5.21 15.88
N ASP E 44 -43.49 -4.91 14.63
CA ASP E 44 -42.15 -5.07 14.12
C ASP E 44 -41.72 -3.64 13.89
N SER E 45 -42.16 -2.79 14.80
CA SER E 45 -41.77 -1.40 14.74
C SER E 45 -40.31 -1.44 15.23
N VAL E 46 -39.68 -0.27 15.24
CA VAL E 46 -38.29 -0.17 15.64
C VAL E 46 -37.91 0.92 16.58
N THR E 47 -36.89 0.65 17.36
CA THR E 47 -36.50 1.67 18.24
C THR E 47 -35.05 1.87 18.30
N GLU E 48 -34.72 3.15 18.34
CA GLU E 48 -33.34 3.61 18.38
C GLU E 48 -33.15 4.39 19.64
N ILE E 49 -32.08 4.07 20.33
CA ILE E 49 -31.79 4.75 21.56
C ILE E 49 -30.34 5.14 21.64
N GLU E 50 -30.15 6.45 21.64
CA GLU E 50 -28.82 7.03 21.75
C GLU E 50 -28.77 7.26 23.27
N ALA E 51 -27.58 7.21 23.84
CA ALA E 51 -27.37 7.39 25.27
C ALA E 51 -25.87 7.28 25.44
N PHE E 52 -25.42 7.40 26.68
CA PHE E 52 -24.00 7.32 26.87
C PHE E 52 -23.67 7.10 28.28
N LEU E 53 -22.40 6.83 28.51
CA LEU E 53 -21.95 6.61 29.83
C LEU E 53 -20.78 7.51 30.07
N ASN E 54 -20.77 8.20 31.18
CA ASN E 54 -19.58 8.96 31.49
C ASN E 54 -18.72 7.89 32.13
N PRO E 55 -17.41 7.99 31.93
CA PRO E 55 -16.46 7.00 32.48
C PRO E 55 -16.46 7.18 33.96
N ARG E 56 -15.80 6.32 34.72
CA ARG E 56 -15.78 6.46 36.18
C ARG E 56 -14.66 5.69 36.84
N MET E 57 -13.47 6.24 36.68
CA MET E 57 -12.25 5.65 37.17
C MET E 57 -11.60 6.66 38.10
N GLY E 58 -11.59 6.34 39.38
CA GLY E 58 -11.03 7.26 40.36
C GLY E 58 -12.08 8.09 41.10
N GLN E 59 -12.09 9.39 40.83
CA GLN E 59 -13.01 10.33 41.45
C GLN E 59 -14.41 10.39 40.89
N PRO E 60 -15.40 10.40 41.78
CA PRO E 60 -16.81 10.47 41.44
C PRO E 60 -17.17 11.94 41.30
N PRO E 61 -18.28 12.19 40.63
CA PRO E 61 -18.86 13.49 40.33
C PRO E 61 -19.06 14.42 41.51
N THR E 62 -19.86 13.93 42.45
CA THR E 62 -20.27 14.61 43.66
C THR E 62 -19.56 15.81 44.19
N PRO E 63 -18.23 15.71 44.44
CA PRO E 63 -17.60 16.93 44.96
C PRO E 63 -17.62 17.95 43.78
N GLU E 64 -18.83 18.45 43.53
CA GLU E 64 -19.14 19.33 42.44
C GLU E 64 -18.12 20.39 42.14
N SER E 65 -17.38 20.84 43.13
CA SER E 65 -16.42 21.88 42.85
C SER E 65 -14.99 21.53 42.68
N LEU E 66 -14.47 22.18 41.68
CA LEU E 66 -13.10 22.02 41.29
C LEU E 66 -12.27 22.86 42.22
N THR E 67 -12.18 22.40 43.46
CA THR E 67 -11.44 23.09 44.50
C THR E 67 -11.01 22.04 45.51
N GLU E 68 -12.02 21.38 46.09
CA GLU E 68 -11.80 20.31 47.06
C GLU E 68 -12.00 19.00 46.31
N GLY E 69 -12.86 19.05 45.30
CA GLY E 69 -13.07 17.91 44.42
C GLY E 69 -12.04 18.12 43.32
N GLY E 70 -11.50 19.36 43.28
CA GLY E 70 -10.47 19.79 42.34
C GLY E 70 -10.69 19.21 40.97
N GLN E 71 -11.95 18.89 40.72
CA GLN E 71 -12.35 18.25 39.51
C GLN E 71 -11.36 17.52 38.73
N TYR E 72 -11.29 16.39 39.40
CA TYR E 72 -10.51 15.27 39.04
C TYR E 72 -11.56 14.39 38.33
N TYR E 73 -12.85 14.80 38.40
CA TYR E 73 -13.93 14.04 37.79
C TYR E 73 -13.44 13.70 36.41
N GLY E 74 -13.19 12.40 36.26
CA GLY E 74 -12.70 11.88 35.01
C GLY E 74 -11.20 11.70 35.13
N TRP E 75 -10.79 11.25 36.29
CA TRP E 75 -9.39 11.01 36.51
C TRP E 75 -9.24 10.17 37.69
N SER E 76 -8.19 9.36 37.63
CA SER E 76 -7.86 8.49 38.74
C SER E 76 -7.48 9.60 39.69
N ARG E 77 -7.69 9.40 40.97
CA ARG E 77 -7.36 10.48 41.86
C ARG E 77 -5.87 10.63 41.91
N GLY E 78 -5.22 10.26 43.00
CA GLY E 78 -3.78 10.39 43.01
C GLY E 78 -3.35 9.10 42.38
N ILE E 79 -2.35 8.50 42.97
CA ILE E 79 -1.84 7.25 42.49
C ILE E 79 -1.25 6.57 43.70
N ASN E 80 -2.13 5.89 44.42
CA ASN E 80 -1.74 5.19 45.65
C ASN E 80 -0.61 4.19 45.41
N LEU E 81 0.61 4.63 45.59
CA LEU E 81 1.72 3.72 45.41
C LEU E 81 1.78 2.89 46.66
N ALA E 82 2.06 1.61 46.53
CA ALA E 82 2.13 0.75 47.68
C ALA E 82 3.48 0.83 48.38
N THR E 83 3.51 0.27 49.58
CA THR E 83 4.70 0.24 50.44
C THR E 83 5.81 -0.60 49.87
N SER E 84 5.61 -1.91 49.90
CA SER E 84 6.60 -2.82 49.38
C SER E 84 6.13 -4.22 49.58
N ASP E 85 6.27 -4.98 48.48
CA ASP E 85 5.85 -6.36 48.31
C ASP E 85 4.75 -6.75 49.22
N THR E 86 5.06 -6.82 50.51
CA THR E 86 4.08 -7.19 51.51
C THR E 86 2.99 -6.16 51.70
N GLU E 87 3.23 -4.94 51.31
CA GLU E 87 2.21 -3.97 51.49
C GLU E 87 1.82 -3.22 50.26
N ASP E 88 0.57 -3.46 49.88
CA ASP E 88 -0.02 -2.82 48.73
C ASP E 88 -1.37 -2.26 49.02
N SER E 89 -1.43 -1.00 49.31
CA SER E 89 -2.74 -0.45 49.51
C SER E 89 -3.02 0.22 48.18
N PRO E 90 -4.25 0.04 47.69
CA PRO E 90 -4.89 0.50 46.47
C PRO E 90 -5.49 1.85 46.62
N GLY E 91 -6.41 1.97 47.55
CA GLY E 91 -7.03 3.27 47.74
C GLY E 91 -8.01 3.48 46.62
N ASN E 92 -9.23 3.10 46.91
CA ASN E 92 -10.32 3.18 45.96
C ASN E 92 -10.32 4.29 44.93
N ASN E 93 -10.29 5.53 45.37
CA ASN E 93 -10.26 6.66 44.46
C ASN E 93 -9.06 6.64 43.51
N THR E 94 -8.26 5.59 43.58
CA THR E 94 -7.09 5.45 42.75
C THR E 94 -7.32 4.40 41.71
N LEU E 95 -8.47 3.76 41.75
CA LEU E 95 -8.68 2.67 40.80
C LEU E 95 -9.75 2.82 39.75
N PRO E 96 -9.33 2.68 38.50
CA PRO E 96 -10.32 2.80 37.44
C PRO E 96 -11.25 1.59 37.51
N THR E 97 -12.54 1.89 37.36
CA THR E 97 -13.64 0.96 37.55
C THR E 97 -14.68 0.81 36.47
N TRP E 98 -15.16 -0.41 36.35
CA TRP E 98 -16.19 -0.78 35.36
C TRP E 98 -17.42 0.11 35.44
N SER E 99 -17.76 0.77 34.33
CA SER E 99 -18.91 1.68 34.23
C SER E 99 -20.08 1.07 33.46
N MET E 100 -21.30 1.19 33.98
CA MET E 100 -22.49 0.62 33.31
C MET E 100 -23.82 1.26 33.68
N ALA E 101 -24.90 0.70 33.14
CA ALA E 101 -26.26 1.20 33.40
C ALA E 101 -27.26 0.30 32.72
N LYS E 102 -28.53 0.45 33.08
CA LYS E 102 -29.58 -0.38 32.51
C LYS E 102 -30.71 0.43 31.96
N LEU E 103 -31.03 0.18 30.71
CA LEU E 103 -32.11 0.89 30.09
C LEU E 103 -33.37 0.18 30.40
N GLN E 104 -34.37 0.97 30.75
CA GLN E 104 -35.60 0.31 31.06
C GLN E 104 -36.66 0.39 30.01
N LEU E 105 -36.63 -0.63 29.17
CA LEU E 105 -37.60 -0.66 28.11
C LEU E 105 -38.91 -1.04 28.74
N PRO E 106 -40.00 -0.72 28.08
CA PRO E 106 -41.31 -1.04 28.61
C PRO E 106 -41.58 -2.51 28.33
N MET E 107 -42.40 -3.16 29.14
CA MET E 107 -42.75 -4.55 28.89
C MET E 107 -43.79 -4.53 27.78
N LEU E 108 -44.11 -5.67 27.21
CA LEU E 108 -45.04 -5.64 26.11
C LEU E 108 -45.88 -6.86 25.84
N ASN E 109 -45.32 -8.03 26.03
CA ASN E 109 -46.10 -9.20 25.72
C ASN E 109 -47.30 -9.33 26.65
N GLU E 110 -48.36 -9.96 26.13
CA GLU E 110 -49.60 -10.22 26.87
C GLU E 110 -49.98 -11.70 26.69
N ASP E 111 -49.38 -12.53 27.53
CA ASP E 111 -49.55 -13.98 27.56
C ASP E 111 -49.30 -14.76 26.23
N LEU E 112 -50.26 -14.68 25.31
CA LEU E 112 -50.21 -15.43 24.05
C LEU E 112 -49.68 -16.83 24.35
N THR E 113 -50.47 -17.50 25.20
CA THR E 113 -50.26 -18.84 25.76
C THR E 113 -49.42 -19.88 25.01
N CYS E 114 -49.22 -19.68 23.72
CA CYS E 114 -48.45 -20.59 22.91
C CYS E 114 -47.00 -20.38 23.24
N ASP E 115 -46.75 -19.99 24.49
CA ASP E 115 -45.41 -19.68 24.97
C ASP E 115 -44.85 -18.77 23.92
N THR E 116 -45.72 -18.09 23.21
CA THR E 116 -45.23 -17.25 22.20
C THR E 116 -45.05 -15.93 22.91
N LEU E 117 -43.84 -15.78 23.37
CA LEU E 117 -43.45 -14.61 24.09
C LEU E 117 -42.89 -13.63 23.12
N GLN E 118 -42.83 -12.38 23.54
CA GLN E 118 -42.29 -11.36 22.71
C GLN E 118 -41.41 -10.51 23.59
N MET E 119 -40.13 -10.38 23.27
CA MET E 119 -39.28 -9.51 24.08
C MET E 119 -38.34 -8.58 23.30
N TRP E 120 -37.64 -7.71 24.03
CA TRP E 120 -36.75 -6.78 23.38
C TRP E 120 -35.47 -7.41 22.89
N GLU E 121 -35.08 -6.97 21.71
CA GLU E 121 -33.91 -7.47 21.00
C GLU E 121 -32.95 -6.45 20.46
N ALA E 122 -31.74 -6.53 20.95
CA ALA E 122 -30.67 -5.63 20.53
C ALA E 122 -30.07 -6.15 19.26
N VAL E 123 -29.93 -5.25 18.32
CA VAL E 123 -29.42 -5.71 17.07
C VAL E 123 -28.08 -5.18 16.65
N SER E 124 -28.05 -3.86 16.62
CA SER E 124 -26.85 -3.19 16.22
C SER E 124 -26.59 -2.09 17.20
N VAL E 125 -25.42 -1.53 17.06
CA VAL E 125 -25.05 -0.53 17.99
C VAL E 125 -23.91 0.21 17.45
N LYS E 126 -24.02 1.50 17.55
CA LYS E 126 -22.87 2.27 17.17
C LYS E 126 -22.41 2.79 18.51
N THR E 127 -21.11 2.94 18.66
CA THR E 127 -20.62 3.53 19.87
C THR E 127 -19.46 4.41 19.48
N GLU E 128 -19.03 5.28 20.39
CA GLU E 128 -17.91 6.16 20.10
C GLU E 128 -17.39 6.76 21.33
N VAL E 129 -16.09 6.75 21.46
CA VAL E 129 -15.56 7.37 22.64
C VAL E 129 -15.32 8.72 22.11
N VAL E 130 -15.82 9.68 22.84
CA VAL E 130 -15.70 11.02 22.36
C VAL E 130 -14.68 11.77 23.16
N GLY E 131 -14.18 12.84 22.56
CA GLY E 131 -13.26 13.68 23.31
C GLY E 131 -11.81 13.37 23.19
N SER E 132 -11.56 12.60 22.18
CA SER E 132 -10.24 12.21 21.88
C SER E 132 -9.47 13.51 21.65
N GLY E 133 -10.19 14.57 21.28
CA GLY E 133 -9.53 15.86 21.06
C GLY E 133 -8.98 16.48 22.34
N SER E 134 -9.64 16.14 23.42
CA SER E 134 -9.28 16.66 24.71
C SER E 134 -7.80 16.50 25.02
N LEU E 135 -7.21 15.44 24.52
CA LEU E 135 -5.82 15.17 24.82
C LEU E 135 -4.85 16.09 24.11
N LEU E 136 -5.44 17.08 23.46
CA LEU E 136 -4.72 18.11 22.71
C LEU E 136 -4.32 19.30 23.58
N ASP E 137 -4.74 19.26 24.85
CA ASP E 137 -4.37 20.33 25.75
C ASP E 137 -2.98 20.03 26.10
N VAL E 138 -2.13 20.98 25.81
CA VAL E 138 -0.75 20.75 26.09
C VAL E 138 -0.08 21.78 26.93
N HIS E 139 -0.91 22.73 27.39
CA HIS E 139 -0.47 23.75 28.33
C HIS E 139 -0.86 23.01 29.60
N GLY E 140 -1.44 23.70 30.58
CA GLY E 140 -1.82 23.01 31.82
C GLY E 140 -0.63 22.62 32.70
N PHE E 141 -0.88 22.15 33.92
CA PHE E 141 0.26 21.82 34.72
C PHE E 141 0.66 20.40 34.92
N ASN E 142 1.14 19.85 33.84
CA ASN E 142 1.60 18.50 33.83
C ASN E 142 3.07 18.70 33.75
N LYS E 143 3.80 17.63 33.99
CA LYS E 143 5.24 17.61 33.93
C LYS E 143 5.47 18.16 32.56
N PRO E 144 6.63 18.78 32.31
CA PRO E 144 6.56 19.21 30.93
C PRO E 144 7.56 18.55 30.04
N THR E 145 7.47 18.95 28.78
CA THR E 145 8.34 18.49 27.75
C THR E 145 9.74 18.48 28.34
N ASP E 146 10.28 19.70 28.50
CA ASP E 146 11.58 19.90 29.08
C ASP E 146 11.32 20.12 30.54
N THR E 147 12.23 19.59 31.35
CA THR E 147 12.10 19.67 32.79
C THR E 147 13.12 20.66 33.31
N VAL E 148 14.33 20.48 32.82
CA VAL E 148 15.47 21.29 33.16
C VAL E 148 15.06 22.75 33.38
N ASN E 149 14.72 23.43 32.30
CA ASN E 149 14.33 24.82 32.41
C ASN E 149 12.85 24.91 32.69
N THR E 150 12.20 23.75 32.85
CA THR E 150 10.78 23.67 33.11
C THR E 150 10.13 24.23 31.85
N LYS E 151 10.41 23.58 30.73
CA LYS E 151 9.89 24.08 29.46
C LYS E 151 9.09 23.15 28.58
N GLY E 152 8.63 23.72 27.47
CA GLY E 152 7.93 22.94 26.49
C GLY E 152 6.44 22.96 26.42
N ILE E 153 5.91 21.80 26.74
CA ILE E 153 4.50 21.49 26.71
C ILE E 153 4.26 20.74 27.96
N SER E 154 3.08 20.90 28.52
CA SER E 154 2.79 20.11 29.69
C SER E 154 2.37 18.78 29.12
N THR E 155 3.41 17.95 29.02
CA THR E 155 3.37 16.58 28.56
C THR E 155 1.99 16.00 28.67
N PRO E 156 1.41 15.59 27.54
CA PRO E 156 0.07 15.00 27.49
C PRO E 156 -0.09 13.65 28.19
N VAL E 157 -1.28 13.11 27.94
CA VAL E 157 -1.71 11.83 28.45
C VAL E 157 -0.92 10.83 27.67
N GLU E 158 -0.58 9.74 28.31
CA GLU E 158 0.20 8.70 27.67
C GLU E 158 0.00 7.45 28.54
N GLY E 159 0.67 6.34 28.21
CA GLY E 159 0.62 5.09 28.98
C GLY E 159 -0.29 3.98 28.50
N SER E 160 -0.43 2.95 29.33
CA SER E 160 -1.31 1.85 28.97
C SER E 160 -2.72 2.42 28.69
N GLN E 161 -3.50 1.73 27.89
CA GLN E 161 -4.82 2.20 27.58
C GLN E 161 -5.72 0.98 27.55
N TYR E 162 -7.03 1.21 27.70
CA TYR E 162 -7.98 0.10 27.72
C TYR E 162 -9.38 0.60 27.45
N HIS E 163 -10.06 -0.14 26.60
CA HIS E 163 -11.41 0.21 26.26
C HIS E 163 -12.00 -1.10 25.98
N VAL E 164 -13.21 -1.30 26.46
CA VAL E 164 -13.92 -2.52 26.23
C VAL E 164 -15.27 -2.09 26.53
N PHE E 165 -16.21 -2.91 26.12
CA PHE E 165 -17.59 -2.66 26.45
C PHE E 165 -18.42 -3.81 25.97
N ALA E 166 -19.70 -3.71 26.27
CA ALA E 166 -20.58 -4.77 25.92
C ALA E 166 -21.91 -4.23 25.92
N VAL E 167 -22.78 -5.07 25.44
CA VAL E 167 -24.15 -4.74 25.39
C VAL E 167 -24.91 -6.03 25.53
N GLY E 168 -25.85 -6.06 26.48
CA GLY E 168 -26.66 -7.26 26.71
C GLY E 168 -28.06 -7.18 27.35
N GLY E 169 -28.71 -8.36 27.40
CA GLY E 169 -30.06 -8.53 27.95
C GLY E 169 -30.12 -8.78 29.45
N GLU E 170 -29.00 -9.15 30.05
CA GLU E 170 -28.87 -9.33 31.48
C GLU E 170 -27.57 -8.62 31.69
N PRO E 171 -27.08 -8.53 32.92
CA PRO E 171 -25.81 -7.81 33.10
C PRO E 171 -24.59 -8.58 32.63
N LEU E 172 -23.47 -7.88 32.77
CA LEU E 172 -22.17 -8.38 32.35
C LEU E 172 -21.55 -9.42 33.27
N ASP E 173 -21.36 -10.61 32.72
CA ASP E 173 -20.76 -11.71 33.47
C ASP E 173 -19.28 -11.60 33.43
N LEU E 174 -18.68 -11.44 34.59
CA LEU E 174 -17.25 -11.28 34.64
C LEU E 174 -16.69 -12.26 35.59
N GLN E 175 -15.40 -12.42 35.41
CA GLN E 175 -14.60 -13.27 36.24
C GLN E 175 -13.41 -12.44 36.37
N GLY E 176 -12.89 -12.41 37.60
CA GLY E 176 -11.73 -11.64 37.79
C GLY E 176 -10.50 -12.49 37.94
N LEU E 177 -9.44 -11.73 37.88
CA LEU E 177 -8.10 -12.25 38.07
C LEU E 177 -7.28 -11.00 38.37
N VAL E 178 -6.29 -11.13 39.28
CA VAL E 178 -5.44 -10.01 39.66
C VAL E 178 -3.97 -10.28 39.45
N THR E 179 -3.18 -9.23 39.54
CA THR E 179 -1.74 -9.23 39.48
C THR E 179 -1.43 -9.90 40.82
N ASP E 180 -1.53 -9.17 41.94
CA ASP E 180 -1.23 -9.81 43.23
C ASP E 180 -2.35 -10.11 44.20
N ALA E 181 -2.58 -11.39 44.41
CA ALA E 181 -3.67 -11.84 45.27
C ALA E 181 -3.49 -11.47 46.74
N ARG E 182 -2.42 -10.75 47.01
CA ARG E 182 -2.12 -10.30 48.36
C ARG E 182 -2.51 -8.82 48.48
N THR E 183 -3.17 -8.27 47.47
CA THR E 183 -3.52 -6.85 47.48
C THR E 183 -4.53 -6.38 48.52
N LYS E 184 -4.19 -5.24 49.12
CA LYS E 184 -4.98 -4.64 50.17
C LYS E 184 -6.12 -3.82 49.70
N TYR E 185 -6.96 -4.40 48.87
CA TYR E 185 -8.11 -3.68 48.39
C TYR E 185 -8.88 -3.34 49.63
N LYS E 186 -9.53 -2.19 49.66
CA LYS E 186 -10.31 -1.87 50.84
C LYS E 186 -11.53 -2.73 50.66
N GLU E 187 -12.07 -3.26 51.74
CA GLU E 187 -13.21 -4.16 51.60
C GLU E 187 -14.52 -3.48 51.30
N GLU E 188 -14.67 -2.25 51.80
CA GLU E 188 -15.90 -1.51 51.54
C GLU E 188 -15.50 -0.36 50.65
N GLY E 189 -16.38 -0.08 49.68
CA GLY E 189 -16.17 0.99 48.72
C GLY E 189 -15.67 0.48 47.37
N VAL E 190 -15.81 -0.81 47.14
CA VAL E 190 -15.34 -1.42 45.92
C VAL E 190 -15.68 -2.89 45.96
N VAL E 191 -16.15 -3.41 44.86
CA VAL E 191 -16.45 -4.81 44.87
C VAL E 191 -15.20 -5.48 44.45
N THR E 192 -14.62 -6.23 45.36
CA THR E 192 -13.41 -6.95 45.10
C THR E 192 -13.75 -8.40 45.15
N ILE E 193 -12.73 -9.23 44.96
CA ILE E 193 -12.87 -10.69 45.00
C ILE E 193 -13.45 -11.20 46.33
N LYS E 194 -12.81 -10.85 47.43
CA LYS E 194 -13.31 -11.32 48.72
C LYS E 194 -14.67 -10.70 48.87
N THR E 195 -14.80 -9.47 48.39
CA THR E 195 -16.05 -8.75 48.49
C THR E 195 -17.15 -9.67 48.03
N ILE E 196 -16.77 -10.65 47.21
CA ILE E 196 -17.73 -11.59 46.73
C ILE E 196 -17.46 -12.97 47.33
N THR E 197 -16.28 -13.52 47.16
CA THR E 197 -16.09 -14.78 47.83
C THR E 197 -15.64 -14.31 49.16
N LYS E 198 -16.42 -14.61 50.16
CA LYS E 198 -16.05 -14.13 51.47
C LYS E 198 -14.61 -14.36 51.86
N LYS E 199 -14.00 -15.39 51.31
CA LYS E 199 -12.62 -15.66 51.64
C LYS E 199 -11.70 -14.77 50.85
N ASP E 200 -10.44 -14.78 51.25
CA ASP E 200 -9.42 -13.98 50.60
C ASP E 200 -9.02 -14.57 49.29
N MET E 201 -8.29 -13.77 48.52
CA MET E 201 -7.84 -14.18 47.22
C MET E 201 -6.79 -15.22 47.47
N VAL E 202 -6.48 -15.96 46.41
CA VAL E 202 -5.45 -16.99 46.46
C VAL E 202 -4.74 -16.99 45.14
N ASN E 203 -3.59 -17.66 45.12
CA ASN E 203 -2.80 -17.71 43.90
C ASN E 203 -3.64 -17.98 42.64
N LYS E 204 -4.70 -18.74 42.75
CA LYS E 204 -5.51 -19.00 41.58
C LYS E 204 -6.17 -17.77 40.97
N ASP E 205 -6.63 -16.89 41.83
CA ASP E 205 -7.26 -15.67 41.36
C ASP E 205 -6.16 -14.88 40.68
N GLN E 206 -4.92 -15.18 41.03
CA GLN E 206 -3.82 -14.51 40.40
C GLN E 206 -3.81 -14.98 38.96
N VAL E 207 -4.25 -16.21 38.74
CA VAL E 207 -4.27 -16.70 37.37
C VAL E 207 -5.66 -16.93 36.90
N LEU E 208 -6.37 -17.95 37.30
CA LEU E 208 -7.74 -18.00 36.82
C LEU E 208 -8.60 -18.60 37.85
N ASN E 209 -9.18 -17.78 38.69
CA ASN E 209 -10.03 -18.40 39.66
C ASN E 209 -11.43 -18.52 39.13
N PRO E 210 -11.85 -19.74 38.85
CA PRO E 210 -13.13 -20.17 38.31
C PRO E 210 -14.21 -19.88 39.30
N ILE E 211 -13.78 -19.65 40.52
CA ILE E 211 -14.69 -19.33 41.61
C ILE E 211 -14.98 -17.85 41.45
N SER E 212 -13.90 -17.11 41.44
CA SER E 212 -13.90 -15.69 41.33
C SER E 212 -14.61 -15.11 40.11
N LYS E 213 -15.92 -15.22 40.13
CA LYS E 213 -16.75 -14.70 39.08
C LYS E 213 -17.89 -13.97 39.73
N ALA E 214 -18.24 -12.83 39.20
CA ALA E 214 -19.35 -12.08 39.76
C ALA E 214 -20.24 -11.68 38.61
N LYS E 215 -20.96 -10.59 38.84
CA LYS E 215 -21.84 -10.03 37.87
C LYS E 215 -21.54 -8.54 37.91
N LEU E 216 -22.06 -7.75 36.99
CA LEU E 216 -21.81 -6.32 37.05
C LEU E 216 -22.98 -5.64 37.70
N ASP E 217 -23.37 -6.10 38.88
CA ASP E 217 -24.53 -5.54 39.54
C ASP E 217 -24.34 -4.10 39.93
N LYS E 218 -23.15 -3.78 40.36
CA LYS E 218 -22.95 -2.41 40.72
C LYS E 218 -22.24 -1.66 39.63
N ASP E 219 -22.03 -0.38 39.87
CA ASP E 219 -21.45 0.45 38.87
C ASP E 219 -20.48 1.49 39.42
N GLY E 220 -19.45 1.78 38.62
CA GLY E 220 -18.36 2.67 39.01
C GLY E 220 -17.88 1.86 40.18
N MET E 221 -18.05 0.55 40.07
CA MET E 221 -17.77 -0.28 41.20
C MET E 221 -16.75 -1.38 41.17
N TYR E 222 -16.79 -2.23 40.16
CA TYR E 222 -15.78 -3.25 40.17
C TYR E 222 -14.65 -2.63 39.41
N PRO E 223 -13.52 -2.48 40.07
CA PRO E 223 -12.32 -1.88 39.46
C PRO E 223 -11.96 -2.77 38.32
N VAL E 224 -11.43 -2.20 37.27
CA VAL E 224 -11.11 -3.05 36.15
C VAL E 224 -9.82 -3.73 36.40
N GLU E 225 -9.11 -3.19 37.36
CA GLU E 225 -7.86 -3.78 37.72
C GLU E 225 -8.07 -5.24 38.16
N ILE E 226 -9.37 -5.60 38.33
CA ILE E 226 -9.83 -6.91 38.81
C ILE E 226 -10.74 -7.76 37.92
N TRP E 227 -11.86 -7.17 37.54
CA TRP E 227 -12.85 -7.87 36.74
C TRP E 227 -12.78 -7.85 35.21
N HIS E 228 -12.77 -9.04 34.63
CA HIS E 228 -12.73 -9.13 33.19
C HIS E 228 -13.94 -9.87 32.75
N PRO E 229 -14.39 -9.53 31.55
CA PRO E 229 -15.55 -10.10 30.89
C PRO E 229 -15.18 -11.52 30.82
N ASP E 230 -15.99 -12.33 31.43
CA ASP E 230 -15.66 -13.71 31.46
C ASP E 230 -16.43 -14.46 30.40
N PRO E 231 -15.70 -15.26 29.57
CA PRO E 231 -16.39 -16.04 28.54
C PRO E 231 -17.10 -17.19 29.28
N ALA E 232 -18.18 -16.78 29.94
CA ALA E 232 -19.02 -17.71 30.66
C ALA E 232 -19.61 -18.37 29.47
N LYS E 233 -19.12 -19.56 29.22
CA LYS E 233 -19.61 -20.46 28.21
C LYS E 233 -20.97 -20.16 27.59
N ASN E 234 -21.79 -19.37 28.29
CA ASN E 234 -23.14 -18.93 27.87
C ASN E 234 -23.25 -17.42 28.01
N GLU E 235 -23.79 -16.75 26.99
CA GLU E 235 -23.90 -15.28 27.06
C GLU E 235 -24.95 -14.63 26.21
N ASN E 236 -25.42 -13.50 26.73
CA ASN E 236 -26.48 -12.67 26.12
C ASN E 236 -25.98 -11.21 26.01
N THR E 237 -24.68 -11.04 26.21
CA THR E 237 -24.03 -9.74 26.12
C THR E 237 -22.95 -9.89 25.03
N ARG E 238 -22.60 -8.80 24.39
CA ARG E 238 -21.59 -8.88 23.39
C ARG E 238 -20.64 -7.91 23.91
N TYR E 239 -19.43 -8.34 24.10
CA TYR E 239 -18.49 -7.38 24.56
C TYR E 239 -17.28 -7.54 23.75
N PHE E 240 -16.44 -6.53 23.91
CA PHE E 240 -15.15 -6.44 23.26
C PHE E 240 -14.47 -5.23 23.73
N GLY E 241 -13.16 -5.37 23.68
CA GLY E 241 -12.28 -4.30 24.07
C GLY E 241 -10.89 -4.79 23.81
N ASN E 242 -9.92 -4.04 24.30
CA ASN E 242 -8.52 -4.39 24.11
C ASN E 242 -7.56 -3.68 25.09
N TYR E 243 -6.46 -4.34 25.40
CA TYR E 243 -5.49 -3.79 26.32
C TYR E 243 -4.35 -3.28 25.52
N THR E 244 -3.84 -2.14 25.95
CA THR E 244 -2.71 -1.58 25.28
C THR E 244 -1.74 -1.18 26.36
N GLY E 245 -0.84 -2.11 26.65
CA GLY E 245 0.15 -1.90 27.69
C GLY E 245 1.10 -0.76 27.58
N GLY E 246 1.94 -0.59 28.59
CA GLY E 246 2.96 0.45 28.52
C GLY E 246 3.00 1.68 29.39
N THR E 247 4.15 2.32 29.32
CA THR E 247 4.46 3.53 30.08
C THR E 247 4.18 4.82 29.34
N THR E 248 4.70 4.92 28.12
CA THR E 248 4.55 6.11 27.25
C THR E 248 3.42 5.83 26.28
N THR E 249 3.52 4.67 25.67
CA THR E 249 2.50 4.12 24.80
C THR E 249 1.40 5.11 24.38
N PRO E 250 1.67 5.87 23.35
CA PRO E 250 0.76 6.88 22.79
C PRO E 250 -0.62 6.41 22.51
N PRO E 251 -1.60 7.21 22.91
CA PRO E 251 -3.05 7.06 22.80
C PRO E 251 -3.43 7.15 21.37
N VAL E 252 -4.57 6.56 21.05
CA VAL E 252 -5.04 6.55 19.69
C VAL E 252 -6.51 6.31 19.76
N LEU E 253 -7.25 6.84 18.79
CA LEU E 253 -8.69 6.68 18.89
C LEU E 253 -9.48 6.98 17.64
N GLN E 254 -10.68 6.43 17.55
CA GLN E 254 -11.54 6.57 16.38
C GLN E 254 -12.84 7.36 16.29
N PHE E 255 -12.71 8.52 15.68
CA PHE E 255 -13.84 9.36 15.54
C PHE E 255 -14.77 8.95 14.46
N THR E 256 -15.94 8.47 14.85
CA THR E 256 -16.93 8.22 13.84
C THR E 256 -18.39 7.86 13.96
N ASN E 257 -19.01 8.57 13.03
CA ASN E 257 -20.39 8.61 12.70
C ASN E 257 -20.66 7.22 12.20
N THR E 258 -20.69 7.13 10.87
CA THR E 258 -20.81 5.95 10.04
C THR E 258 -21.13 4.50 10.48
N LEU E 259 -20.29 4.01 11.39
CA LEU E 259 -20.30 2.62 11.88
C LEU E 259 -21.20 1.96 12.86
N THR E 260 -21.78 0.89 12.34
CA THR E 260 -22.68 0.09 13.11
C THR E 260 -22.12 -1.28 13.30
N THR E 261 -22.42 -1.81 14.47
CA THR E 261 -21.97 -3.11 14.84
C THR E 261 -23.11 -3.97 15.18
N VAL E 262 -22.86 -5.23 14.95
CA VAL E 262 -23.90 -6.18 15.14
C VAL E 262 -23.94 -7.08 16.32
N LEU E 263 -24.88 -6.70 17.13
CA LEU E 263 -25.13 -7.40 18.32
C LEU E 263 -25.65 -8.70 17.84
N LEU E 264 -26.22 -8.72 16.64
CA LEU E 264 -26.76 -9.97 16.18
C LEU E 264 -25.83 -11.12 16.37
N ASP E 265 -26.41 -12.16 16.95
CA ASP E 265 -25.65 -13.32 17.31
C ASP E 265 -25.44 -14.30 16.19
N GLU E 266 -24.75 -15.39 16.50
CA GLU E 266 -24.46 -16.41 15.50
C GLU E 266 -25.68 -16.94 14.77
N ASN E 267 -26.85 -16.93 15.40
CA ASN E 267 -28.05 -17.47 14.76
C ASN E 267 -29.04 -16.44 14.35
N GLY E 268 -28.60 -15.19 14.44
CA GLY E 268 -29.43 -14.08 14.04
C GLY E 268 -30.36 -13.78 15.16
N VAL E 269 -29.76 -13.63 16.32
CA VAL E 269 -30.59 -13.43 17.46
C VAL E 269 -30.21 -12.27 18.28
N GLY E 270 -28.92 -11.95 18.27
CA GLY E 270 -28.47 -10.83 19.07
C GLY E 270 -28.89 -11.01 20.53
N PRO E 271 -29.05 -9.91 21.26
CA PRO E 271 -29.44 -10.12 22.64
C PRO E 271 -30.88 -9.83 22.77
N LEU E 272 -31.35 -10.36 23.88
CA LEU E 272 -32.73 -10.26 24.29
C LEU E 272 -32.65 -9.80 25.68
N CYS E 273 -33.52 -8.88 26.00
CA CYS E 273 -33.49 -8.37 27.32
C CYS E 273 -34.22 -9.32 28.24
N LYS E 274 -33.43 -10.04 29.06
CA LYS E 274 -33.93 -10.96 30.10
C LYS E 274 -34.46 -9.86 31.03
N GLY E 275 -35.77 -9.80 31.23
CA GLY E 275 -36.24 -8.70 32.05
C GLY E 275 -36.25 -7.60 31.04
N GLU E 276 -37.05 -6.58 31.21
CA GLU E 276 -37.10 -5.60 30.14
C GLU E 276 -35.86 -4.68 30.07
N GLY E 277 -34.72 -5.22 30.53
CA GLY E 277 -33.48 -4.46 30.56
C GLY E 277 -32.47 -4.50 29.42
N LEU E 278 -31.85 -3.37 29.20
CA LEU E 278 -30.87 -3.30 28.17
C LEU E 278 -29.64 -2.92 28.97
N TYR E 279 -28.53 -3.62 28.73
CA TYR E 279 -27.34 -3.36 29.51
C TYR E 279 -26.05 -2.94 28.81
N LEU E 280 -25.74 -1.68 28.97
CA LEU E 280 -24.54 -1.14 28.37
C LEU E 280 -23.46 -1.23 29.44
N SER E 281 -22.22 -1.41 29.03
CA SER E 281 -21.12 -1.55 29.98
C SER E 281 -19.82 -1.29 29.21
N CYS E 282 -18.86 -0.60 29.82
CA CYS E 282 -17.61 -0.23 29.14
C CYS E 282 -16.50 0.41 29.98
N VAL E 283 -15.41 0.79 29.33
CA VAL E 283 -14.29 1.41 30.04
C VAL E 283 -13.41 2.07 29.05
N ASP E 284 -12.89 3.23 29.41
CA ASP E 284 -12.11 3.91 28.43
C ASP E 284 -10.95 4.69 28.97
N ILE E 285 -9.90 3.95 29.22
CA ILE E 285 -8.71 4.51 29.77
C ILE E 285 -7.80 4.94 28.65
N MET E 286 -7.57 6.24 28.61
CA MET E 286 -6.72 6.79 27.60
C MET E 286 -5.33 6.80 28.14
N GLY E 287 -5.18 6.40 29.39
CA GLY E 287 -3.86 6.43 29.98
C GLY E 287 -3.77 7.59 30.97
N TRP E 288 -2.55 7.89 31.44
CA TRP E 288 -2.38 8.93 32.43
C TRP E 288 -1.74 10.26 32.18
N ARG E 289 -2.24 11.18 33.01
CA ARG E 289 -1.83 12.56 33.09
C ARG E 289 -0.77 12.54 34.18
N VAL E 290 0.36 13.20 33.97
CA VAL E 290 1.41 13.24 35.00
C VAL E 290 1.66 14.65 35.56
N THR E 291 1.75 14.76 36.88
CA THR E 291 1.91 16.09 37.43
C THR E 291 3.19 16.84 37.33
N ARG E 292 3.06 18.12 36.96
CA ARG E 292 4.15 19.08 36.86
C ARG E 292 4.28 19.18 38.35
N ASN E 293 5.06 18.29 38.93
CA ASN E 293 5.19 18.22 40.36
C ASN E 293 6.10 17.06 40.61
N TYR E 294 5.47 15.92 40.87
CA TYR E 294 6.16 14.68 41.10
C TYR E 294 5.60 13.76 40.10
N ASP E 295 5.86 12.49 40.33
CA ASP E 295 5.36 11.56 39.40
C ASP E 295 4.05 10.96 39.84
N VAL E 296 3.18 11.89 40.20
CA VAL E 296 1.84 11.56 40.59
C VAL E 296 1.26 11.26 39.22
N HIS E 297 0.64 10.11 39.10
CA HIS E 297 0.17 9.75 37.80
C HIS E 297 -1.27 9.81 37.36
N HIS E 298 -2.25 9.92 38.25
CA HIS E 298 -3.65 9.84 37.76
C HIS E 298 -4.09 9.78 36.29
N TRP E 299 -4.67 8.64 35.95
CA TRP E 299 -5.09 8.44 34.60
C TRP E 299 -6.45 8.94 34.19
N ARG E 300 -6.54 9.41 32.95
CA ARG E 300 -7.79 9.96 32.40
C ARG E 300 -8.61 9.03 31.55
N GLY E 301 -9.91 9.31 31.52
CA GLY E 301 -10.82 8.52 30.74
C GLY E 301 -11.77 9.40 29.95
N LEU E 302 -12.49 8.79 29.03
CA LEU E 302 -13.43 9.50 28.20
C LEU E 302 -14.71 8.76 28.21
N PRO E 303 -15.76 9.48 27.93
CA PRO E 303 -17.09 8.90 27.91
C PRO E 303 -17.37 8.17 26.63
N ARG E 304 -18.53 7.51 26.64
CA ARG E 304 -18.97 6.70 25.50
C ARG E 304 -20.43 6.80 25.03
N TYR E 305 -20.61 6.89 23.71
CA TYR E 305 -21.93 7.00 23.09
C TYR E 305 -22.44 5.63 22.80
N PHE E 306 -23.74 5.46 22.81
CA PHE E 306 -24.27 4.16 22.46
C PHE E 306 -25.52 4.33 21.67
N LYS E 307 -25.53 3.79 20.47
CA LYS E 307 -26.74 3.87 19.71
C LYS E 307 -27.25 2.47 19.52
N ILE E 308 -28.26 2.18 20.32
CA ILE E 308 -28.85 0.89 20.29
C ILE E 308 -30.11 0.88 19.51
N THR E 309 -30.06 -0.05 18.56
CA THR E 309 -31.09 -0.31 17.61
C THR E 309 -31.65 -1.62 18.06
N LEU E 310 -32.95 -1.62 18.32
CA LEU E 310 -33.57 -2.87 18.75
C LEU E 310 -35.03 -3.05 18.36
N ARG E 311 -35.41 -4.34 18.33
CA ARG E 311 -36.73 -4.84 17.89
C ARG E 311 -37.55 -5.77 18.78
N LYS E 312 -38.77 -6.00 18.32
CA LYS E 312 -39.71 -6.84 19.02
C LYS E 312 -39.60 -8.23 18.48
N ARG E 313 -38.99 -9.10 19.26
CA ARG E 313 -38.78 -10.47 18.81
C ARG E 313 -39.68 -11.49 19.45
N TRP E 314 -40.07 -12.47 18.66
CA TRP E 314 -40.88 -13.53 19.21
C TRP E 314 -39.92 -14.53 19.76
N VAL E 315 -40.33 -15.17 20.84
CA VAL E 315 -39.55 -16.17 21.54
C VAL E 315 -40.54 -17.20 21.94
N LYS E 316 -40.09 -18.16 22.73
CA LYS E 316 -41.00 -19.18 23.19
C LYS E 316 -40.62 -19.38 24.62
N ASN E 317 -41.61 -19.45 25.50
CA ASN E 317 -41.28 -19.65 26.89
C ASN E 317 -40.74 -21.04 27.00
N PRO E 318 -39.50 -21.13 27.48
CA PRO E 318 -38.86 -22.41 27.62
C PRO E 318 -39.44 -23.14 28.78
N TYR E 319 -39.95 -22.35 29.72
CA TYR E 319 -40.46 -22.86 30.97
C TYR E 319 -41.85 -23.46 31.18
N PRO E 320 -42.00 -24.07 32.36
CA PRO E 320 -43.25 -24.70 32.77
C PRO E 320 -43.97 -23.86 33.80
N MET E 321 -45.24 -23.61 33.48
CA MET E 321 -46.17 -22.82 34.30
C MET E 321 -45.82 -23.08 35.75
N ALA E 322 -45.90 -24.36 36.06
CA ALA E 322 -45.60 -24.85 37.37
C ALA E 322 -44.41 -24.12 37.96
N SER E 323 -43.26 -24.43 37.39
CA SER E 323 -42.01 -23.86 37.83
C SER E 323 -42.29 -22.42 38.07
N LEU E 324 -42.67 -21.76 37.00
CA LEU E 324 -42.94 -20.35 37.04
C LEU E 324 -43.67 -19.86 38.27
N ILE E 325 -44.76 -20.53 38.59
CA ILE E 325 -45.53 -20.14 39.75
C ILE E 325 -44.68 -20.35 40.98
N SER E 326 -44.28 -21.60 41.20
CA SER E 326 -43.48 -21.90 42.35
C SER E 326 -42.39 -20.87 42.44
N SER E 327 -41.64 -20.77 41.35
CA SER E 327 -40.53 -19.85 41.25
C SER E 327 -40.95 -18.50 41.78
N LEU E 328 -42.15 -18.09 41.38
CA LEU E 328 -42.71 -16.84 41.82
C LEU E 328 -43.00 -16.94 43.32
N PHE E 329 -43.93 -17.81 43.66
CA PHE E 329 -44.29 -17.99 45.03
C PHE E 329 -43.04 -18.10 45.85
N ASN E 330 -42.27 -19.14 45.59
CA ASN E 330 -41.07 -19.37 46.34
C ASN E 330 -40.27 -18.15 46.67
N ASN E 331 -40.38 -17.12 45.84
CA ASN E 331 -39.64 -15.90 46.08
C ASN E 331 -40.29 -15.10 47.17
N MET E 332 -41.62 -15.15 47.18
CA MET E 332 -42.48 -14.47 48.18
C MET E 332 -42.16 -14.86 49.63
N LEU E 333 -42.20 -16.17 49.83
CA LEU E 333 -41.98 -16.73 51.11
C LEU E 333 -40.57 -16.58 51.60
N PRO E 334 -40.45 -15.92 52.75
CA PRO E 334 -39.22 -15.61 53.45
C PRO E 334 -38.62 -16.95 53.78
N GLN E 335 -37.32 -16.96 53.98
CA GLN E 335 -36.78 -18.25 54.28
C GLN E 335 -36.66 -18.72 55.67
N VAL E 336 -37.10 -19.96 55.77
CA VAL E 336 -37.19 -20.67 57.00
C VAL E 336 -36.03 -21.62 57.19
N GLN E 337 -35.70 -21.31 58.28
CA GLN E 337 -34.97 -22.13 59.23
C GLN E 337 -35.75 -23.37 59.60
N GLY E 338 -36.12 -23.45 60.88
CA GLY E 338 -36.92 -24.57 61.36
C GLY E 338 -36.37 -25.98 61.29
N GLN E 339 -36.95 -26.84 62.12
CA GLN E 339 -36.55 -28.22 62.17
C GLN E 339 -36.42 -28.86 60.80
N PRO E 340 -35.58 -29.90 60.74
CA PRO E 340 -35.17 -30.75 59.64
C PRO E 340 -36.20 -31.65 59.06
N MET E 341 -36.96 -31.14 58.13
CA MET E 341 -37.94 -32.00 57.52
C MET E 341 -37.35 -32.60 56.27
N GLU E 342 -36.19 -33.20 56.51
CA GLU E 342 -35.34 -33.86 55.52
C GLU E 342 -33.96 -33.62 56.10
N GLY E 343 -32.94 -34.27 55.56
CA GLY E 343 -31.59 -34.07 56.07
C GLY E 343 -31.06 -35.37 56.63
N GLU E 344 -30.33 -35.27 57.74
CA GLU E 344 -29.77 -36.46 58.34
C GLU E 344 -30.49 -36.73 59.64
N ASN E 345 -31.22 -35.73 60.10
CA ASN E 345 -31.93 -35.86 61.35
C ASN E 345 -33.41 -35.55 61.15
N THR E 346 -33.92 -35.98 60.00
CA THR E 346 -35.29 -35.72 59.66
C THR E 346 -36.25 -36.19 60.70
N GLN E 347 -37.12 -35.29 61.12
CA GLN E 347 -38.11 -35.63 62.10
C GLN E 347 -39.26 -36.33 61.34
N VAL E 348 -38.98 -36.69 60.09
CA VAL E 348 -39.93 -37.40 59.28
C VAL E 348 -39.68 -38.86 59.62
N GLU E 349 -40.65 -39.52 60.23
CA GLU E 349 -40.40 -40.91 60.54
C GLU E 349 -40.89 -41.84 59.43
N GLU E 350 -41.71 -41.33 58.54
CA GLU E 350 -42.22 -42.18 57.49
C GLU E 350 -43.15 -41.52 56.50
N VAL E 351 -43.25 -42.15 55.33
CA VAL E 351 -44.06 -41.69 54.26
C VAL E 351 -44.55 -42.86 53.44
N ARG E 352 -45.72 -42.67 52.86
CA ARG E 352 -46.29 -43.70 52.04
C ARG E 352 -47.21 -43.09 51.03
N VAL E 353 -47.39 -43.80 49.94
CA VAL E 353 -48.23 -43.28 48.93
C VAL E 353 -49.03 -44.41 48.40
N TYR E 354 -50.34 -44.19 48.38
CA TYR E 354 -51.28 -45.17 47.86
C TYR E 354 -51.99 -44.47 46.73
N ASP E 355 -52.64 -45.28 45.90
CA ASP E 355 -53.45 -44.81 44.79
C ASP E 355 -54.45 -45.90 44.44
N GLY E 356 -54.03 -47.13 44.69
CA GLY E 356 -54.90 -48.24 44.37
C GLY E 356 -55.89 -48.81 45.37
N THR E 357 -56.20 -50.08 45.16
CA THR E 357 -57.14 -50.78 45.99
C THR E 357 -56.92 -52.27 46.02
N GLU E 358 -56.07 -52.74 46.92
CA GLU E 358 -55.93 -54.17 46.96
C GLU E 358 -56.77 -54.72 48.07
N PRO E 359 -56.97 -56.02 48.03
CA PRO E 359 -57.74 -56.56 49.13
C PRO E 359 -56.81 -56.72 50.30
N VAL E 360 -57.36 -56.41 51.45
CA VAL E 360 -56.67 -56.51 52.69
C VAL E 360 -55.52 -57.45 52.75
N PRO E 361 -54.36 -56.89 52.68
CA PRO E 361 -53.11 -57.61 52.74
C PRO E 361 -52.96 -58.10 54.17
N GLY E 362 -52.47 -59.33 54.27
CA GLY E 362 -52.23 -59.94 55.56
C GLY E 362 -51.38 -59.13 56.51
N ASP E 363 -50.14 -58.83 56.13
CA ASP E 363 -49.28 -58.03 56.99
C ASP E 363 -49.57 -56.60 56.66
N PRO E 364 -49.96 -55.88 57.67
CA PRO E 364 -50.31 -54.48 57.63
C PRO E 364 -49.02 -53.65 57.76
N ASP E 365 -48.07 -54.11 58.58
CA ASP E 365 -46.81 -53.41 58.76
C ASP E 365 -45.87 -53.88 57.65
N MET E 366 -46.49 -54.28 56.54
CA MET E 366 -45.78 -54.76 55.38
C MET E 366 -45.22 -53.55 54.62
N THR E 367 -44.16 -53.76 53.86
CA THR E 367 -43.53 -52.69 53.09
C THR E 367 -43.68 -52.93 51.61
N ARG E 368 -43.50 -51.87 50.86
CA ARG E 368 -43.58 -51.95 49.44
C ARG E 368 -42.71 -50.85 48.92
N TYR E 369 -41.93 -51.21 47.94
CA TYR E 369 -41.04 -50.28 47.34
C TYR E 369 -41.07 -50.68 45.91
N VAL E 370 -41.38 -49.76 45.04
CA VAL E 370 -41.33 -50.10 43.64
C VAL E 370 -39.90 -49.68 43.42
N ASP E 371 -39.04 -50.60 43.83
CA ASP E 371 -37.60 -50.46 43.77
C ASP E 371 -37.12 -49.57 42.64
N ARG E 372 -37.13 -50.14 41.46
CA ARG E 372 -36.70 -49.45 40.24
C ARG E 372 -37.26 -50.26 39.09
N PHE E 373 -38.17 -51.18 39.42
CA PHE E 373 -38.76 -52.04 38.42
C PHE E 373 -40.26 -52.17 38.64
N GLY E 374 -40.66 -53.20 39.37
CA GLY E 374 -42.06 -53.42 39.67
C GLY E 374 -42.23 -53.08 41.13
N LYS E 375 -43.47 -53.01 41.57
CA LYS E 375 -43.75 -52.71 42.96
C LYS E 375 -43.43 -54.01 43.69
N THR E 376 -42.63 -53.94 44.75
CA THR E 376 -42.30 -55.15 45.50
C THR E 376 -42.86 -55.16 46.93
N LYS E 377 -43.11 -56.35 47.46
CA LYS E 377 -43.62 -56.52 48.82
C LYS E 377 -42.53 -57.18 49.67
N THR E 378 -42.24 -56.65 50.87
CA THR E 378 -41.18 -57.23 51.68
C THR E 378 -41.45 -57.62 53.11
N VAL E 379 -40.90 -58.77 53.48
CA VAL E 379 -40.99 -59.23 54.86
C VAL E 379 -39.91 -58.35 55.45
N PHE E 380 -39.30 -58.79 56.54
CA PHE E 380 -38.24 -57.99 57.15
C PHE E 380 -37.20 -58.97 57.70
N PRO E 381 -35.89 -58.58 57.64
CA PRO E 381 -34.71 -59.34 58.10
C PRO E 381 -34.84 -60.67 58.90
N GLY E 382 -35.55 -61.57 58.22
CA GLY E 382 -35.80 -62.95 58.61
C GLY E 382 -35.49 -63.65 57.30
N ASN E 383 -35.43 -62.84 56.23
CA ASN E 383 -35.11 -63.25 54.85
C ASN E 383 -33.67 -62.80 54.50
N ALA F 18 -11.25 8.33 -94.21
CA ALA F 18 -10.26 9.39 -94.46
C ALA F 18 -9.09 8.96 -95.38
N CYS F 19 -8.07 9.81 -95.42
CA CYS F 19 -6.88 9.57 -96.23
C CYS F 19 -5.77 8.93 -95.33
N PRO F 20 -4.49 9.40 -95.37
CA PRO F 20 -3.57 8.71 -94.47
C PRO F 20 -3.85 8.97 -92.98
N ARG F 21 -3.15 8.24 -92.10
CA ARG F 21 -3.30 8.37 -90.64
C ARG F 21 -1.93 8.24 -89.98
N PRO F 22 -1.21 9.37 -89.77
CA PRO F 22 0.11 9.31 -89.16
C PRO F 22 0.08 8.47 -87.94
N ALA F 23 1.27 8.17 -87.52
CA ALA F 23 1.43 7.35 -86.36
C ALA F 23 1.17 8.13 -85.08
N PRO F 24 0.65 7.46 -84.10
CA PRO F 24 0.34 8.00 -82.79
C PRO F 24 1.59 8.11 -82.01
N VAL F 25 1.67 9.29 -81.43
CA VAL F 25 2.77 9.71 -80.64
C VAL F 25 2.11 10.31 -79.45
N PRO F 26 2.83 10.40 -78.36
CA PRO F 26 2.22 11.01 -77.19
C PRO F 26 2.06 12.49 -77.54
N LYS F 27 0.83 12.98 -77.33
CA LYS F 27 0.50 14.37 -77.59
C LYS F 27 1.08 15.26 -76.52
N LEU F 28 1.77 16.31 -76.95
CA LEU F 28 2.36 17.25 -76.04
C LEU F 28 1.32 18.25 -75.69
N LEU F 29 1.24 18.60 -74.41
CA LEU F 29 0.26 19.55 -73.91
C LEU F 29 0.80 20.92 -73.92
N ILE F 30 1.97 21.06 -73.35
CA ILE F 30 2.56 22.35 -73.37
C ILE F 30 3.96 22.13 -72.97
N LYS F 31 4.80 23.03 -73.43
CA LYS F 31 6.16 22.95 -73.09
C LYS F 31 6.45 24.34 -72.72
N GLY F 32 7.53 24.51 -71.98
CA GLY F 32 7.98 25.81 -71.51
C GLY F 32 8.72 25.53 -70.20
N GLY F 33 8.69 26.48 -69.28
CA GLY F 33 9.36 26.28 -68.00
C GLY F 33 8.61 25.50 -66.92
N MET F 34 9.12 25.69 -65.71
CA MET F 34 8.59 25.03 -64.53
C MET F 34 7.11 25.30 -64.30
N GLU F 35 6.64 26.43 -64.79
CA GLU F 35 5.25 26.79 -64.62
C GLU F 35 4.37 25.93 -65.48
N VAL F 36 4.92 25.47 -66.58
CA VAL F 36 4.15 24.63 -67.45
C VAL F 36 3.50 23.56 -66.53
N LEU F 37 4.29 23.18 -65.51
CA LEU F 37 3.91 22.17 -64.53
C LEU F 37 2.55 22.35 -64.01
N ASP F 38 2.27 23.62 -63.71
CA ASP F 38 1.04 24.14 -63.14
C ASP F 38 -0.17 23.72 -63.87
N LEU F 39 -0.08 23.62 -65.18
CA LEU F 39 -1.26 23.21 -65.86
C LEU F 39 -1.67 21.90 -65.26
N VAL F 40 -2.93 21.88 -64.84
CA VAL F 40 -3.66 20.78 -64.26
C VAL F 40 -3.46 19.42 -64.96
N THR F 41 -2.21 19.03 -65.10
CA THR F 41 -1.80 17.79 -65.76
C THR F 41 -2.88 16.80 -66.23
N GLY F 42 -3.31 15.93 -65.32
CA GLY F 42 -4.27 14.90 -65.66
C GLY F 42 -3.70 13.80 -64.80
N PRO F 43 -3.85 12.50 -65.09
CA PRO F 43 -3.25 11.53 -64.17
C PRO F 43 -2.12 10.69 -64.79
N ASP F 44 -2.17 10.52 -66.10
CA ASP F 44 -1.17 9.73 -66.79
C ASP F 44 -0.29 10.67 -67.57
N SER F 45 -0.58 11.94 -67.34
CA SER F 45 0.18 12.99 -67.91
C SER F 45 1.60 12.72 -67.50
N VAL F 46 2.51 13.27 -68.27
CA VAL F 46 3.89 13.06 -67.97
C VAL F 46 4.72 14.25 -68.19
N THR F 47 5.78 14.28 -67.44
CA THR F 47 6.58 15.42 -67.54
C THR F 47 8.01 15.17 -67.73
N GLU F 48 8.54 15.99 -68.62
CA GLU F 48 9.93 15.94 -68.99
C GLU F 48 10.53 17.27 -68.55
N ILE F 49 11.49 17.15 -67.64
CA ILE F 49 12.16 18.31 -67.14
C ILE F 49 13.62 18.13 -67.41
N GLU F 50 14.20 19.18 -67.95
CA GLU F 50 15.60 19.16 -68.28
C GLU F 50 16.26 20.25 -67.60
N ALA F 51 17.20 19.92 -66.75
CA ALA F 51 17.92 20.98 -66.11
C ALA F 51 19.35 20.58 -66.20
N PHE F 52 20.11 21.15 -65.30
CA PHE F 52 21.49 20.80 -65.27
C PHE F 52 22.05 21.48 -64.08
N LEU F 53 23.24 21.05 -63.74
CA LEU F 53 23.94 21.61 -62.63
C LEU F 53 25.24 21.96 -63.26
N ASN F 54 25.84 23.02 -62.75
CA ASN F 54 27.15 23.43 -63.22
C ASN F 54 28.08 22.81 -62.16
N PRO F 55 29.31 22.49 -62.52
CA PRO F 55 30.19 21.89 -61.52
C PRO F 55 30.76 22.83 -60.50
N ARG F 56 30.31 22.76 -59.27
CA ARG F 56 30.87 23.66 -58.29
C ARG F 56 32.00 23.05 -57.44
N MET F 57 33.18 23.00 -58.06
CA MET F 57 34.39 22.45 -57.45
C MET F 57 35.43 23.54 -57.43
N GLY F 58 35.71 24.05 -56.23
CA GLY F 58 36.70 25.11 -56.02
C GLY F 58 36.26 26.60 -56.02
N GLN F 59 36.54 27.26 -57.15
CA GLN F 59 36.17 28.65 -57.30
C GLN F 59 34.72 28.72 -57.66
N PRO F 60 33.97 29.48 -56.85
CA PRO F 60 32.55 29.78 -56.88
C PRO F 60 32.30 30.80 -57.95
N PRO F 61 31.02 31.07 -58.24
CA PRO F 61 30.67 32.06 -59.26
C PRO F 61 31.20 33.45 -58.88
N THR F 62 30.30 34.30 -58.39
CA THR F 62 30.59 35.67 -57.94
C THR F 62 31.73 36.49 -58.50
N PRO F 63 32.98 36.26 -58.07
CA PRO F 63 33.97 37.13 -58.71
C PRO F 63 33.88 36.86 -60.22
N GLU F 64 33.06 37.63 -60.91
CA GLU F 64 32.83 37.45 -62.31
C GLU F 64 33.93 37.97 -63.18
N SER F 65 34.61 39.02 -62.75
CA SER F 65 35.65 39.49 -63.63
C SER F 65 36.75 38.52 -63.52
N LEU F 66 37.15 38.07 -64.69
CA LEU F 66 38.19 37.11 -64.82
C LEU F 66 39.53 37.71 -64.52
N THR F 67 39.58 38.42 -63.41
CA THR F 67 40.77 39.07 -62.94
C THR F 67 40.66 38.97 -61.44
N GLU F 68 39.42 39.09 -60.98
CA GLU F 68 39.06 39.01 -59.57
C GLU F 68 39.32 37.60 -59.13
N GLY F 69 38.55 36.70 -59.73
CA GLY F 69 38.71 35.29 -59.45
C GLY F 69 39.39 34.72 -60.67
N GLY F 70 40.04 35.61 -61.45
CA GLY F 70 40.77 35.30 -62.69
C GLY F 70 40.03 34.18 -63.36
N GLN F 71 38.72 34.27 -63.21
CA GLN F 71 37.81 33.24 -63.62
C GLN F 71 38.26 31.84 -63.77
N TYR F 72 38.30 31.34 -62.54
CA TYR F 72 38.67 30.01 -62.22
C TYR F 72 37.34 29.26 -62.04
N TYR F 73 36.24 29.94 -62.34
CA TYR F 73 34.95 29.33 -62.18
C TYR F 73 35.02 27.97 -62.83
N GLY F 74 34.56 26.94 -62.13
CA GLY F 74 34.62 25.62 -62.70
C GLY F 74 36.07 25.16 -62.80
N TRP F 75 36.77 25.50 -61.74
CA TRP F 75 38.14 25.15 -61.63
C TRP F 75 38.52 25.22 -60.19
N SER F 76 39.35 24.27 -59.78
CA SER F 76 39.87 24.17 -58.41
C SER F 76 40.78 25.37 -58.41
N ARG F 77 40.66 26.22 -57.41
CA ARG F 77 41.46 27.43 -57.40
C ARG F 77 42.93 27.15 -57.53
N GLY F 78 43.60 26.99 -56.42
CA GLY F 78 45.00 26.71 -56.51
C GLY F 78 45.05 25.32 -56.04
N ILE F 79 46.25 24.85 -55.82
CA ILE F 79 46.35 23.53 -55.35
C ILE F 79 47.08 23.55 -54.01
N ASN F 80 46.36 24.01 -53.00
CA ASN F 80 46.91 24.16 -51.65
C ASN F 80 47.49 22.89 -51.06
N LEU F 81 48.80 22.79 -51.05
CA LEU F 81 49.45 21.62 -50.51
C LEU F 81 49.53 21.62 -48.98
N ALA F 82 49.94 20.49 -48.42
CA ALA F 82 50.11 20.37 -46.98
C ALA F 82 51.57 20.74 -46.65
N THR F 83 51.89 20.78 -45.36
CA THR F 83 53.24 21.15 -44.90
C THR F 83 54.11 19.98 -44.47
N SER F 84 53.48 19.04 -43.80
CA SER F 84 54.17 17.87 -43.36
C SER F 84 53.13 16.96 -42.80
N ASP F 85 53.48 15.68 -42.65
CA ASP F 85 52.59 14.64 -42.11
C ASP F 85 51.66 15.24 -41.08
N THR F 86 52.22 16.13 -40.28
CA THR F 86 51.48 16.80 -39.25
C THR F 86 50.55 17.87 -39.76
N GLU F 87 51.01 18.70 -40.68
CA GLU F 87 50.17 19.74 -41.18
C GLU F 87 49.60 19.59 -42.57
N ASP F 88 48.27 19.53 -42.64
CA ASP F 88 47.55 19.45 -43.90
C ASP F 88 46.41 20.43 -43.86
N SER F 89 46.63 21.56 -44.46
CA SER F 89 45.60 22.56 -44.54
C SER F 89 45.11 22.46 -45.96
N PRO F 90 43.82 22.23 -46.09
CA PRO F 90 43.15 22.10 -47.36
C PRO F 90 42.99 23.39 -48.10
N GLY F 91 42.12 24.26 -47.62
CA GLY F 91 41.90 25.50 -48.32
C GLY F 91 40.64 25.26 -49.15
N ASN F 92 39.54 25.74 -48.61
CA ASN F 92 38.23 25.57 -49.19
C ASN F 92 37.95 25.89 -50.67
N ASN F 93 38.99 26.17 -51.42
CA ASN F 93 38.86 26.53 -52.81
C ASN F 93 39.85 25.65 -53.53
N THR F 94 40.29 24.66 -52.80
CA THR F 94 41.20 23.69 -53.34
C THR F 94 40.38 22.44 -53.22
N LEU F 95 39.19 22.56 -52.65
CA LEU F 95 38.37 21.39 -52.47
C LEU F 95 37.08 21.26 -53.25
N PRO F 96 37.11 20.42 -54.29
CA PRO F 96 35.89 20.24 -55.07
C PRO F 96 34.85 19.58 -54.17
N THR F 97 33.66 20.12 -54.31
CA THR F 97 32.50 19.77 -53.53
C THR F 97 31.31 19.30 -54.32
N TRP F 98 30.47 18.53 -53.64
CA TRP F 98 29.25 17.98 -54.18
C TRP F 98 28.30 19.02 -54.69
N SER F 99 27.88 18.88 -55.95
CA SER F 99 26.92 19.80 -56.57
C SER F 99 25.53 19.19 -56.57
N MET F 100 24.53 19.96 -56.18
CA MET F 100 23.19 19.43 -56.13
C MET F 100 22.13 20.51 -56.23
N ALA F 101 20.87 20.10 -56.39
CA ALA F 101 19.72 21.04 -56.45
C ALA F 101 18.38 20.33 -56.28
N LYS F 102 17.31 21.10 -56.19
CA LYS F 102 15.99 20.53 -56.01
C LYS F 102 14.95 21.12 -56.91
N LEU F 103 14.21 20.26 -57.57
CA LEU F 103 13.20 20.74 -58.44
C LEU F 103 11.98 20.76 -57.62
N GLN F 104 11.37 21.92 -57.52
CA GLN F 104 10.17 21.95 -56.74
C GLN F 104 9.01 21.69 -57.67
N LEU F 105 8.35 20.58 -57.47
CA LEU F 105 7.21 20.23 -58.29
C LEU F 105 5.92 20.67 -57.67
N PRO F 106 4.80 20.51 -58.39
CA PRO F 106 3.44 20.90 -57.94
C PRO F 106 2.96 19.96 -56.88
N MET F 107 1.67 20.06 -56.57
CA MET F 107 1.06 19.21 -55.59
C MET F 107 0.03 18.41 -56.32
N LEU F 108 0.07 17.12 -56.16
CA LEU F 108 -0.89 16.26 -56.83
C LEU F 108 -2.02 15.94 -55.85
N ASN F 109 -3.09 15.31 -56.33
CA ASN F 109 -4.28 14.99 -55.51
C ASN F 109 -4.14 14.01 -54.36
N GLU F 110 -5.12 14.08 -53.45
CA GLU F 110 -5.19 13.23 -52.27
C GLU F 110 -6.60 12.64 -52.23
N ASP F 111 -6.80 11.75 -51.29
CA ASP F 111 -8.10 11.13 -51.15
C ASP F 111 -7.98 10.53 -49.78
N LEU F 112 -7.63 11.38 -48.83
CA LEU F 112 -7.51 10.97 -47.44
C LEU F 112 -8.74 10.19 -46.99
N THR F 113 -9.81 10.33 -47.78
CA THR F 113 -11.08 9.63 -47.58
C THR F 113 -10.74 8.16 -47.73
N CYS F 114 -10.73 7.72 -48.99
CA CYS F 114 -10.36 6.36 -49.35
C CYS F 114 -8.88 6.59 -49.32
N ASP F 115 -8.31 6.59 -48.11
CA ASP F 115 -6.90 6.91 -47.94
C ASP F 115 -5.97 6.57 -49.07
N THR F 116 -5.27 7.61 -49.51
CA THR F 116 -4.35 7.48 -50.59
C THR F 116 -3.78 8.82 -50.95
N LEU F 117 -2.78 8.79 -51.79
CA LEU F 117 -2.11 9.99 -52.15
C LEU F 117 -1.31 9.69 -53.39
N GLN F 118 -1.45 10.58 -54.34
CA GLN F 118 -0.80 10.49 -55.62
C GLN F 118 0.47 11.37 -55.57
N MET F 119 1.60 10.87 -56.06
CA MET F 119 2.79 11.68 -56.03
C MET F 119 3.74 11.55 -57.23
N TRP F 120 4.67 12.51 -57.29
CA TRP F 120 5.64 12.57 -58.36
C TRP F 120 6.61 11.45 -58.19
N GLU F 121 6.74 10.66 -59.25
CA GLU F 121 7.62 9.51 -59.21
C GLU F 121 8.57 9.55 -60.38
N ALA F 122 9.86 9.63 -60.04
CA ALA F 122 10.88 9.70 -61.06
C ALA F 122 11.06 8.36 -61.71
N VAL F 123 11.27 8.42 -63.01
CA VAL F 123 11.34 7.17 -63.72
C VAL F 123 12.60 6.77 -64.43
N SER F 124 12.94 7.62 -65.36
CA SER F 124 14.06 7.40 -66.19
C SER F 124 14.72 8.72 -66.23
N VAL F 125 15.88 8.72 -66.81
CA VAL F 125 16.57 9.95 -66.81
C VAL F 125 17.73 9.87 -67.71
N LYS F 126 17.85 10.84 -68.59
CA LYS F 126 19.02 10.88 -69.42
C LYS F 126 19.90 11.92 -68.77
N THR F 127 21.18 11.63 -68.73
CA THR F 127 22.08 12.64 -68.24
C THR F 127 23.21 12.65 -69.21
N GLU F 128 23.96 13.76 -69.15
CA GLU F 128 25.10 13.91 -70.01
C GLU F 128 25.93 15.07 -69.53
N VAL F 129 27.23 14.83 -69.51
CA VAL F 129 28.18 15.82 -69.07
C VAL F 129 28.67 16.45 -70.31
N VAL F 130 28.78 17.75 -70.25
CA VAL F 130 29.14 18.43 -71.46
C VAL F 130 30.35 19.19 -71.60
N GLY F 131 30.79 19.18 -72.84
CA GLY F 131 31.94 19.99 -73.15
C GLY F 131 33.25 19.31 -73.00
N SER F 132 33.18 18.04 -73.28
CA SER F 132 34.35 17.22 -73.26
C SER F 132 35.21 17.88 -74.30
N GLY F 133 34.56 18.55 -75.26
CA GLY F 133 35.28 19.27 -76.30
C GLY F 133 36.29 20.29 -75.75
N SER F 134 35.91 20.91 -74.66
CA SER F 134 36.73 21.90 -74.03
C SER F 134 38.15 21.43 -73.90
N LEU F 135 38.32 20.16 -73.63
CA LEU F 135 39.65 19.66 -73.40
C LEU F 135 40.60 19.58 -74.58
N LEU F 136 40.29 20.37 -75.59
CA LEU F 136 41.10 20.41 -76.79
C LEU F 136 41.85 21.74 -77.00
N ASP F 137 41.60 22.71 -76.12
CA ASP F 137 42.31 23.97 -76.21
C ASP F 137 43.62 23.56 -75.65
N VAL F 138 44.62 23.57 -76.52
CA VAL F 138 45.94 23.15 -76.08
C VAL F 138 46.98 24.25 -76.09
N HIS F 139 46.48 25.49 -76.17
CA HIS F 139 47.30 26.70 -76.10
C HIS F 139 47.18 27.11 -74.65
N GLY F 140 46.90 28.38 -74.40
CA GLY F 140 46.79 28.84 -73.02
C GLY F 140 48.09 28.59 -72.27
N PHE F 141 48.12 28.89 -70.98
CA PHE F 141 49.35 28.62 -70.28
C PHE F 141 49.33 27.51 -69.30
N ASN F 142 49.88 26.40 -69.76
CA ASN F 142 49.97 25.16 -69.00
C ASN F 142 51.39 24.69 -69.28
N LYS F 143 51.97 23.93 -68.35
CA LYS F 143 53.33 23.40 -68.51
C LYS F 143 53.37 22.95 -69.92
N PRO F 144 54.41 23.28 -70.65
CA PRO F 144 54.17 22.74 -71.98
C PRO F 144 54.74 21.37 -72.17
N THR F 145 54.35 20.79 -73.29
CA THR F 145 54.79 19.47 -73.67
C THR F 145 56.28 19.42 -73.43
N ASP F 146 56.97 20.30 -74.14
CA ASP F 146 58.40 20.45 -74.03
C ASP F 146 58.56 21.55 -73.01
N THR F 147 59.34 21.24 -71.99
CA THR F 147 59.58 22.17 -70.92
C THR F 147 60.80 23.01 -71.24
N VAL F 148 61.87 22.30 -71.59
CA VAL F 148 63.16 22.88 -71.94
C VAL F 148 63.03 24.18 -72.72
N ASN F 149 62.62 24.05 -73.97
CA ASN F 149 62.48 25.20 -74.82
C ASN F 149 61.14 25.85 -74.58
N THR F 150 60.36 25.31 -73.64
CA THR F 150 59.05 25.85 -73.34
C THR F 150 58.23 25.65 -74.61
N LYS F 151 58.15 24.42 -75.07
CA LYS F 151 57.43 24.17 -76.32
C LYS F 151 56.32 23.11 -76.34
N GLY F 152 55.70 22.96 -77.51
CA GLY F 152 54.67 21.95 -77.68
C GLY F 152 53.23 22.35 -77.56
N ILE F 153 52.60 21.83 -76.52
CA ILE F 153 51.22 22.07 -76.24
C ILE F 153 51.22 22.50 -74.82
N SER F 154 50.28 23.35 -74.45
CA SER F 154 50.22 23.68 -73.05
C SER F 154 49.33 22.54 -72.54
N THR F 155 50.04 21.47 -72.16
CA THR F 155 49.53 20.22 -71.63
C THR F 155 48.10 20.21 -71.16
N PRO F 156 47.25 19.47 -71.87
CA PRO F 156 45.81 19.30 -71.62
C PRO F 156 45.53 18.75 -70.25
N VAL F 157 44.25 18.72 -69.89
CA VAL F 157 43.94 18.19 -68.58
C VAL F 157 44.22 16.74 -68.67
N GLU F 158 44.66 16.22 -67.54
CA GLU F 158 44.97 14.82 -67.34
C GLU F 158 44.80 14.68 -65.81
N GLY F 159 44.87 13.46 -65.27
CA GLY F 159 44.76 13.25 -63.83
C GLY F 159 43.56 12.45 -63.38
N SER F 160 43.53 12.09 -62.11
CA SER F 160 42.39 11.34 -61.59
C SER F 160 41.09 12.04 -62.01
N GLN F 161 40.08 11.25 -62.30
CA GLN F 161 38.80 11.82 -62.65
C GLN F 161 37.68 11.18 -61.85
N TYR F 162 36.56 11.90 -61.73
CA TYR F 162 35.41 11.44 -60.95
C TYR F 162 34.11 12.11 -61.38
N HIS F 163 33.13 11.24 -61.66
CA HIS F 163 31.80 11.69 -62.01
C HIS F 163 30.95 10.76 -61.24
N VAL F 164 29.88 11.28 -60.69
CA VAL F 164 28.95 10.51 -59.92
C VAL F 164 27.81 11.43 -59.93
N PHE F 165 26.62 10.86 -59.81
CA PHE F 165 25.43 11.64 -59.77
C PHE F 165 24.30 10.76 -59.31
N ALA F 166 23.15 11.41 -59.12
CA ALA F 166 22.01 10.71 -58.65
C ALA F 166 20.77 11.51 -58.73
N VAL F 167 19.69 10.76 -58.77
CA VAL F 167 18.37 11.33 -58.81
C VAL F 167 17.58 10.74 -57.68
N GLY F 168 17.16 11.60 -56.76
CA GLY F 168 16.38 11.13 -55.64
C GLY F 168 15.14 11.92 -55.37
N GLY F 169 14.43 11.50 -54.31
CA GLY F 169 13.18 12.13 -53.87
C GLY F 169 13.30 12.71 -52.46
N GLU F 170 14.54 12.84 -52.02
CA GLU F 170 14.93 13.42 -50.76
C GLU F 170 16.38 13.53 -51.02
N PRO F 171 17.03 14.42 -50.32
CA PRO F 171 18.47 14.58 -50.56
C PRO F 171 19.16 13.27 -50.41
N LEU F 172 20.30 13.22 -51.06
CA LEU F 172 21.19 12.07 -51.06
C LEU F 172 21.77 11.92 -49.68
N ASP F 173 21.92 10.67 -49.22
CA ASP F 173 22.51 10.34 -47.92
C ASP F 173 23.95 10.01 -48.11
N LEU F 174 24.76 10.58 -47.25
CA LEU F 174 26.16 10.34 -47.41
C LEU F 174 26.71 9.66 -46.22
N GLN F 175 27.96 9.30 -46.43
CA GLN F 175 28.76 8.64 -45.44
C GLN F 175 30.08 9.18 -45.87
N GLY F 176 30.84 9.72 -44.97
CA GLY F 176 32.11 10.20 -45.40
C GLY F 176 33.15 9.32 -44.76
N LEU F 177 34.27 9.20 -45.45
CA LEU F 177 35.49 8.47 -44.99
C LEU F 177 36.56 9.25 -45.55
N VAL F 178 37.65 9.30 -44.85
CA VAL F 178 38.73 10.05 -45.41
C VAL F 178 40.08 9.41 -45.24
N THR F 179 41.05 10.05 -45.85
CA THR F 179 42.43 9.68 -45.81
C THR F 179 42.95 10.11 -44.40
N ASP F 180 43.94 11.00 -44.31
CA ASP F 180 44.46 11.44 -43.00
C ASP F 180 43.35 12.02 -42.19
N ALA F 181 42.97 11.34 -41.13
CA ALA F 181 41.87 11.84 -40.32
C ALA F 181 42.20 13.27 -40.01
N ARG F 182 43.37 13.45 -39.42
CA ARG F 182 43.93 14.74 -39.02
C ARG F 182 43.47 15.93 -39.89
N THR F 183 43.87 15.94 -41.16
CA THR F 183 43.56 16.99 -42.12
C THR F 183 42.80 18.18 -41.59
N LYS F 184 43.47 19.31 -41.64
CA LYS F 184 42.95 20.54 -41.10
C LYS F 184 41.88 21.20 -41.92
N TYR F 185 40.71 20.59 -41.88
CA TYR F 185 39.59 21.13 -42.60
C TYR F 185 39.10 22.29 -41.82
N LYS F 186 38.93 23.43 -42.47
CA LYS F 186 38.45 24.62 -41.80
C LYS F 186 37.03 24.24 -41.48
N GLU F 187 36.62 24.43 -40.23
CA GLU F 187 35.26 24.05 -39.90
C GLU F 187 34.26 25.12 -40.26
N GLU F 188 34.70 26.02 -41.14
CA GLU F 188 33.86 27.10 -41.61
C GLU F 188 33.94 27.18 -43.12
N GLY F 189 32.78 27.27 -43.79
CA GLY F 189 32.76 27.38 -45.25
C GLY F 189 32.85 26.06 -45.99
N VAL F 190 32.47 25.00 -45.29
CA VAL F 190 32.47 23.65 -45.83
C VAL F 190 32.03 22.68 -44.75
N VAL F 191 31.20 21.72 -45.15
CA VAL F 191 30.75 20.76 -44.19
C VAL F 191 31.77 19.64 -44.15
N THR F 192 32.34 19.45 -42.99
CA THR F 192 33.30 18.38 -42.81
C THR F 192 32.70 17.50 -41.75
N ILE F 193 33.36 16.39 -41.52
CA ILE F 193 32.92 15.43 -40.51
C ILE F 193 32.61 16.21 -39.25
N LYS F 194 33.61 16.87 -38.67
CA LYS F 194 33.46 17.64 -37.42
C LYS F 194 32.37 18.64 -37.56
N THR F 195 32.24 19.16 -38.77
CA THR F 195 31.21 20.11 -39.04
C THR F 195 29.86 19.46 -38.73
N ILE F 196 29.88 18.18 -38.36
CA ILE F 196 28.67 17.47 -37.98
C ILE F 196 28.94 16.46 -36.87
N THR F 197 29.97 15.64 -36.99
CA THR F 197 30.28 14.79 -35.84
C THR F 197 30.76 15.95 -35.02
N LYS F 198 29.91 16.40 -34.13
CA LYS F 198 30.28 17.56 -33.35
C LYS F 198 31.73 17.54 -32.89
N LYS F 199 32.29 16.34 -32.81
CA LYS F 199 33.66 16.13 -32.38
C LYS F 199 34.61 16.19 -33.55
N ASP F 200 35.74 15.52 -33.41
CA ASP F 200 36.72 15.53 -34.47
C ASP F 200 36.96 14.24 -35.20
N MET F 201 37.92 14.32 -36.11
CA MET F 201 38.31 13.20 -36.92
C MET F 201 38.70 12.08 -36.00
N VAL F 202 38.68 10.86 -36.51
CA VAL F 202 39.07 9.69 -35.74
C VAL F 202 39.54 8.68 -36.76
N ASN F 203 40.37 7.70 -36.38
CA ASN F 203 40.80 6.74 -37.38
C ASN F 203 39.59 5.99 -38.02
N LYS F 204 38.56 5.72 -37.22
CA LYS F 204 37.37 5.06 -37.75
C LYS F 204 36.71 5.86 -38.85
N ASP F 205 36.56 7.16 -38.66
CA ASP F 205 35.98 7.99 -39.70
C ASP F 205 36.83 7.73 -40.92
N GLN F 206 38.14 7.67 -40.73
CA GLN F 206 39.11 7.43 -41.78
C GLN F 206 38.84 6.18 -42.62
N VAL F 207 38.06 5.27 -42.07
CA VAL F 207 37.77 4.09 -42.85
C VAL F 207 36.29 3.79 -42.94
N LEU F 208 35.54 3.94 -41.89
CA LEU F 208 34.12 3.77 -42.09
C LEU F 208 33.46 4.16 -40.86
N ASN F 209 33.09 5.42 -40.82
CA ASN F 209 32.41 5.77 -39.62
C ASN F 209 30.92 5.82 -39.74
N PRO F 210 30.28 4.80 -39.22
CA PRO F 210 28.84 4.62 -39.22
C PRO F 210 28.16 5.80 -38.59
N ILE F 211 28.99 6.64 -37.96
CA ILE F 211 28.53 7.84 -37.29
C ILE F 211 28.53 8.92 -38.31
N SER F 212 29.68 9.04 -38.96
CA SER F 212 29.97 9.99 -40.00
C SER F 212 29.07 9.87 -41.25
N LYS F 213 27.80 10.10 -41.01
CA LYS F 213 26.78 10.03 -42.02
C LYS F 213 26.19 11.43 -42.08
N ALA F 214 26.04 11.96 -43.27
CA ALA F 214 25.47 13.28 -43.41
C ALA F 214 24.28 13.14 -44.36
N LYS F 215 23.73 14.28 -44.73
CA LYS F 215 22.65 14.32 -45.69
C LYS F 215 23.13 15.40 -46.63
N LEU F 216 22.59 15.47 -47.83
CA LEU F 216 23.05 16.45 -48.77
C LEU F 216 22.30 17.76 -48.71
N ASP F 217 21.99 18.20 -47.50
CA ASP F 217 21.21 19.41 -47.31
C ASP F 217 21.78 20.59 -47.99
N LYS F 218 23.10 20.56 -48.10
CA LYS F 218 23.72 21.71 -48.70
C LYS F 218 24.01 21.79 -50.19
N ASP F 219 25.24 22.15 -50.54
CA ASP F 219 25.62 22.34 -51.92
C ASP F 219 26.90 23.13 -52.10
N GLY F 220 27.77 22.61 -52.95
CA GLY F 220 29.04 23.25 -53.19
C GLY F 220 29.70 23.29 -51.83
N MET F 221 29.22 22.38 -50.98
CA MET F 221 29.72 22.38 -49.64
C MET F 221 30.24 21.08 -49.13
N TYR F 222 29.56 19.99 -49.37
CA TYR F 222 30.18 18.80 -48.87
C TYR F 222 31.16 18.50 -49.96
N PRO F 223 32.44 18.42 -49.61
CA PRO F 223 33.41 18.13 -50.65
C PRO F 223 33.37 16.67 -50.92
N VAL F 224 33.65 16.36 -52.16
CA VAL F 224 33.64 14.99 -52.60
C VAL F 224 34.79 14.28 -51.99
N GLU F 225 35.85 15.04 -51.76
CA GLU F 225 37.03 14.50 -51.15
C GLU F 225 36.68 13.70 -49.86
N ILE F 226 35.54 14.06 -49.26
CA ILE F 226 35.10 13.45 -48.00
C ILE F 226 33.83 12.62 -47.97
N TRP F 227 32.82 13.15 -48.63
CA TRP F 227 31.54 12.50 -48.62
C TRP F 227 31.19 11.55 -49.75
N HIS F 228 30.49 10.49 -49.38
CA HIS F 228 30.12 9.52 -50.37
C HIS F 228 28.75 9.07 -50.17
N PRO F 229 28.16 8.67 -51.27
CA PRO F 229 26.81 8.17 -51.34
C PRO F 229 26.89 6.97 -50.44
N ASP F 230 26.13 7.04 -49.37
CA ASP F 230 26.15 5.97 -48.41
C ASP F 230 25.05 4.98 -48.68
N PRO F 231 25.40 3.67 -48.76
CA PRO F 231 24.33 2.70 -48.99
C PRO F 231 23.51 2.47 -47.69
N ALA F 232 22.58 3.40 -47.48
CA ALA F 232 21.71 3.34 -46.32
C ALA F 232 20.94 2.07 -46.52
N LYS F 233 20.55 1.49 -45.39
CA LYS F 233 19.76 0.30 -45.41
C LYS F 233 18.74 0.39 -46.46
N ASN F 234 18.10 1.56 -46.49
CA ASN F 234 17.04 1.88 -47.44
C ASN F 234 17.42 3.22 -48.16
N GLU F 235 16.82 3.45 -49.34
CA GLU F 235 17.08 4.59 -50.22
C GLU F 235 16.02 4.88 -51.30
N ASN F 236 15.85 6.17 -51.54
CA ASN F 236 14.91 6.69 -52.53
C ASN F 236 15.64 7.60 -53.51
N THR F 237 16.94 7.38 -53.62
CA THR F 237 17.79 8.08 -54.58
C THR F 237 18.41 6.89 -55.34
N ARG F 238 18.97 7.13 -56.52
CA ARG F 238 19.59 6.06 -57.27
C ARG F 238 20.84 6.75 -57.61
N TYR F 239 21.96 6.07 -57.66
CA TYR F 239 23.13 6.85 -57.98
C TYR F 239 24.22 6.04 -58.52
N PHE F 240 25.19 6.77 -59.06
CA PHE F 240 26.34 6.15 -59.64
C PHE F 240 27.39 7.11 -60.06
N GLY F 241 28.50 6.47 -60.39
CA GLY F 241 29.70 7.13 -60.84
C GLY F 241 30.87 6.16 -60.64
N ASN F 242 32.07 6.65 -60.88
CA ASN F 242 33.27 5.83 -60.74
C ASN F 242 34.54 6.68 -60.58
N TYR F 243 35.47 6.16 -59.78
CA TYR F 243 36.71 6.84 -59.53
C TYR F 243 37.69 6.26 -60.50
N THR F 244 38.57 7.14 -60.94
CA THR F 244 39.56 6.80 -61.92
C THR F 244 40.79 7.52 -61.49
N GLY F 245 41.48 6.86 -60.57
CA GLY F 245 42.69 7.41 -60.01
C GLY F 245 43.88 7.52 -60.89
N GLY F 246 44.88 8.24 -60.43
CA GLY F 246 46.05 8.40 -61.24
C GLY F 246 46.48 9.84 -61.40
N THR F 247 47.73 9.98 -61.82
CA THR F 247 48.34 11.27 -61.98
C THR F 247 48.29 11.89 -63.38
N THR F 248 48.60 11.07 -64.39
CA THR F 248 48.63 11.44 -65.82
C THR F 248 47.38 10.97 -66.59
N THR F 249 46.73 10.00 -65.96
CA THR F 249 45.46 9.41 -66.33
C THR F 249 44.62 10.28 -67.30
N PRO F 250 44.47 9.84 -68.53
CA PRO F 250 43.71 10.56 -69.56
C PRO F 250 42.24 10.60 -69.37
N PRO F 251 41.67 11.74 -69.64
CA PRO F 251 40.24 11.91 -69.49
C PRO F 251 39.47 11.23 -70.57
N VAL F 252 38.34 10.66 -70.20
CA VAL F 252 37.50 10.02 -71.19
C VAL F 252 36.07 10.33 -70.92
N LEU F 253 35.31 10.48 -72.00
CA LEU F 253 33.92 10.86 -71.84
C LEU F 253 32.88 10.40 -72.82
N GLN F 254 31.63 10.76 -72.56
CA GLN F 254 30.49 10.33 -73.38
C GLN F 254 29.47 11.17 -74.11
N PHE F 255 29.94 11.82 -75.15
CA PHE F 255 29.04 12.62 -75.92
C PHE F 255 27.84 11.88 -76.52
N THR F 256 26.75 11.79 -75.74
CA THR F 256 25.52 11.26 -76.32
C THR F 256 24.13 11.37 -75.76
N ASN F 257 23.40 11.69 -76.79
CA ASN F 257 22.01 11.95 -76.90
C ASN F 257 21.15 10.78 -76.55
N THR F 258 21.21 9.86 -77.46
CA THR F 258 20.52 8.62 -77.51
C THR F 258 19.77 7.88 -76.41
N LEU F 259 20.49 7.57 -75.33
CA LEU F 259 19.99 6.75 -74.21
C LEU F 259 19.49 7.26 -72.88
N THR F 260 18.58 6.45 -72.36
CA THR F 260 17.91 6.74 -71.10
C THR F 260 18.31 5.77 -70.02
N THR F 261 18.03 6.14 -68.78
CA THR F 261 18.37 5.32 -67.63
C THR F 261 17.25 5.25 -66.63
N VAL F 262 17.09 4.05 -66.10
CA VAL F 262 16.00 3.89 -65.19
C VAL F 262 16.12 3.99 -63.73
N LEU F 263 15.39 4.98 -63.29
CA LEU F 263 15.29 5.29 -61.91
C LEU F 263 14.44 4.16 -61.36
N LEU F 264 13.69 3.48 -62.23
CA LEU F 264 12.88 2.40 -61.73
C LEU F 264 13.55 1.45 -60.82
N ASP F 265 12.89 1.28 -59.69
CA ASP F 265 13.42 0.43 -58.66
C ASP F 265 13.02 -1.01 -58.94
N GLU F 266 13.54 -1.89 -58.10
CA GLU F 266 13.32 -3.33 -58.19
C GLU F 266 11.86 -3.73 -58.25
N ASN F 267 10.96 -2.92 -57.74
CA ASN F 267 9.56 -3.30 -57.75
C ASN F 267 8.84 -2.46 -58.72
N GLY F 268 9.60 -1.61 -59.40
CA GLY F 268 9.01 -0.75 -60.40
C GLY F 268 8.38 0.44 -59.76
N VAL F 269 9.26 1.35 -59.37
CA VAL F 269 8.84 2.51 -58.67
C VAL F 269 9.77 3.65 -58.91
N GLY F 270 11.05 3.40 -58.82
CA GLY F 270 11.93 4.52 -59.04
C GLY F 270 11.76 5.44 -57.85
N PRO F 271 12.13 6.69 -58.02
CA PRO F 271 11.89 7.38 -56.77
C PRO F 271 10.57 7.99 -56.81
N LEU F 272 10.24 8.51 -55.64
CA LEU F 272 9.02 9.24 -55.40
C LEU F 272 9.53 10.45 -54.67
N CYS F 273 8.89 11.58 -54.94
CA CYS F 273 9.35 12.81 -54.36
C CYS F 273 8.66 13.14 -53.07
N LYS F 274 9.43 13.12 -52.00
CA LYS F 274 8.89 13.46 -50.70
C LYS F 274 8.79 14.97 -50.85
N GLY F 275 7.78 15.54 -50.21
CA GLY F 275 7.56 16.97 -50.36
C GLY F 275 7.14 16.86 -51.79
N GLU F 276 7.60 17.72 -52.66
CA GLU F 276 7.23 17.52 -54.05
C GLU F 276 8.56 17.70 -54.72
N GLY F 277 9.56 17.22 -54.01
CA GLY F 277 10.94 17.36 -54.44
C GLY F 277 11.68 16.36 -55.31
N LEU F 278 12.37 16.91 -56.30
CA LEU F 278 13.14 16.10 -57.19
C LEU F 278 14.56 16.55 -56.94
N TYR F 279 15.36 15.63 -56.43
CA TYR F 279 16.73 15.91 -56.05
C TYR F 279 17.81 15.39 -56.99
N LEU F 280 18.50 16.34 -57.59
CA LEU F 280 19.57 15.98 -58.51
C LEU F 280 20.84 16.35 -57.82
N SER F 281 21.85 15.51 -58.02
CA SER F 281 23.11 15.68 -57.33
C SER F 281 24.23 15.01 -58.12
N CYS F 282 25.40 15.66 -58.24
CA CYS F 282 26.50 15.07 -59.03
C CYS F 282 27.89 15.71 -58.87
N VAL F 283 28.85 15.27 -59.67
CA VAL F 283 30.23 15.81 -59.65
C VAL F 283 30.95 15.36 -60.88
N ASP F 284 31.87 16.15 -61.39
CA ASP F 284 32.52 15.72 -62.61
C ASP F 284 33.91 16.20 -62.83
N ILE F 285 34.78 15.66 -62.02
CA ILE F 285 36.16 16.02 -62.05
C ILE F 285 36.79 15.42 -63.25
N MET F 286 37.39 16.26 -64.06
CA MET F 286 38.06 15.75 -65.22
C MET F 286 39.49 15.46 -64.89
N GLY F 287 40.03 16.28 -64.00
CA GLY F 287 41.40 16.13 -63.58
C GLY F 287 42.15 17.46 -63.46
N TRP F 288 43.42 17.36 -63.09
CA TRP F 288 44.29 18.50 -62.90
C TRP F 288 44.61 19.29 -64.16
N ARG F 289 44.50 20.60 -64.04
CA ARG F 289 44.93 21.51 -65.08
C ARG F 289 46.20 21.97 -64.38
N VAL F 290 47.35 21.86 -65.05
CA VAL F 290 48.60 22.29 -64.41
C VAL F 290 49.33 23.55 -64.97
N THR F 291 49.48 24.55 -64.13
CA THR F 291 50.08 25.81 -64.51
C THR F 291 51.42 25.81 -65.20
N ARG F 292 51.53 26.45 -66.37
CA ARG F 292 52.78 26.60 -67.11
C ARG F 292 53.40 27.55 -66.14
N ASN F 293 54.14 27.00 -65.18
CA ASN F 293 54.72 27.79 -64.12
C ASN F 293 55.46 26.85 -63.19
N TYR F 294 54.71 26.34 -62.23
CA TYR F 294 55.23 25.44 -61.25
C TYR F 294 54.36 24.24 -61.34
N ASP F 295 53.77 23.86 -60.23
CA ASP F 295 52.96 22.71 -60.28
C ASP F 295 51.67 22.90 -59.55
N VAL F 296 50.99 23.97 -59.91
CA VAL F 296 49.72 24.25 -59.31
C VAL F 296 48.78 23.40 -60.10
N HIS F 297 48.56 22.19 -59.64
CA HIS F 297 47.68 21.33 -60.35
C HIS F 297 46.22 21.69 -60.24
N HIS F 298 45.86 22.94 -59.95
CA HIS F 298 44.43 23.23 -59.82
C HIS F 298 43.57 22.68 -60.99
N TRP F 299 42.69 21.75 -60.64
CA TRP F 299 41.88 20.98 -61.56
C TRP F 299 40.50 21.35 -61.99
N ARG F 300 40.07 20.82 -63.16
CA ARG F 300 38.76 21.12 -63.79
C ARG F 300 37.63 20.12 -63.73
N GLY F 301 36.43 20.69 -63.75
CA GLY F 301 35.21 19.91 -63.75
C GLY F 301 34.36 20.38 -64.89
N LEU F 302 33.29 19.65 -65.21
CA LEU F 302 32.37 20.00 -66.31
C LEU F 302 30.99 19.94 -65.74
N PRO F 303 30.00 20.51 -66.43
CA PRO F 303 28.61 20.51 -65.95
C PRO F 303 27.81 19.33 -66.43
N ARG F 304 26.67 19.11 -65.79
CA ARG F 304 25.84 17.99 -66.23
C ARG F 304 24.38 18.31 -66.52
N TYR F 305 23.81 17.58 -67.43
CA TYR F 305 22.45 17.81 -67.83
C TYR F 305 21.57 16.72 -67.43
N PHE F 306 20.36 17.06 -67.05
CA PHE F 306 19.44 16.02 -66.69
C PHE F 306 18.13 16.13 -67.38
N LYS F 307 17.56 14.98 -67.70
CA LYS F 307 16.26 14.92 -68.32
C LYS F 307 15.46 13.80 -67.60
N ILE F 308 14.76 14.24 -66.57
CA ILE F 308 13.98 13.33 -65.78
C ILE F 308 12.62 13.27 -66.33
N THR F 309 12.19 12.04 -66.50
CA THR F 309 10.91 11.71 -67.05
C THR F 309 10.24 11.15 -65.81
N LEU F 310 9.15 11.79 -65.42
CA LEU F 310 8.40 11.31 -64.22
C LEU F 310 6.88 11.36 -64.29
N ARG F 311 6.25 10.47 -63.55
CA ARG F 311 4.83 10.33 -63.59
C ARG F 311 4.22 10.54 -62.25
N LYS F 312 2.90 10.39 -62.29
CA LYS F 312 2.05 10.56 -61.13
C LYS F 312 1.65 9.18 -60.58
N ARG F 313 2.04 8.89 -59.34
CA ARG F 313 1.65 7.62 -58.78
C ARG F 313 0.99 7.66 -57.43
N TRP F 314 -0.05 6.85 -57.37
CA TRP F 314 -0.85 6.68 -56.19
C TRP F 314 -0.16 5.78 -55.21
N VAL F 315 -0.03 6.25 -53.99
CA VAL F 315 0.60 5.48 -52.95
C VAL F 315 -0.41 5.48 -51.87
N LYS F 316 -0.11 4.80 -50.78
CA LYS F 316 -1.03 4.77 -49.68
C LYS F 316 -0.40 5.84 -48.83
N ASN F 317 -1.21 6.75 -48.32
CA ASN F 317 -0.63 7.80 -47.51
C ASN F 317 0.05 7.21 -46.30
N PRO F 318 1.33 7.53 -46.11
CA PRO F 318 2.15 7.05 -45.00
C PRO F 318 1.87 7.85 -43.74
N TYR F 319 0.67 8.39 -43.63
CA TYR F 319 0.41 9.21 -42.49
C TYR F 319 -0.89 9.09 -41.73
N PRO F 320 -0.92 9.70 -40.55
CA PRO F 320 -2.04 9.75 -39.63
C PRO F 320 -2.32 11.24 -39.48
N MET F 321 -3.23 11.77 -40.30
CA MET F 321 -3.54 13.19 -40.25
C MET F 321 -3.67 13.81 -38.85
N ALA F 322 -4.44 13.19 -37.97
CA ALA F 322 -4.57 13.69 -36.60
C ALA F 322 -3.23 13.61 -35.87
N SER F 323 -2.16 13.32 -36.58
CA SER F 323 -0.85 13.32 -35.98
C SER F 323 -0.69 14.79 -35.62
N LEU F 324 -1.48 15.63 -36.25
CA LEU F 324 -1.47 17.04 -35.94
C LEU F 324 -2.21 17.22 -34.61
N ILE F 325 -3.19 16.36 -34.33
CA ILE F 325 -3.94 16.42 -33.06
C ILE F 325 -2.90 16.02 -32.01
N SER F 326 -2.05 15.10 -32.40
CA SER F 326 -0.99 14.63 -31.54
C SER F 326 -0.04 15.82 -31.46
N SER F 327 0.15 16.49 -32.59
CA SER F 327 1.01 17.66 -32.63
C SER F 327 0.46 18.63 -31.61
N LEU F 328 -0.87 18.79 -31.61
CA LEU F 328 -1.57 19.69 -30.67
C LEU F 328 -1.28 19.33 -29.22
N PHE F 329 -1.43 18.05 -28.88
CA PHE F 329 -1.18 17.61 -27.52
C PHE F 329 0.24 17.89 -27.12
N ASN F 330 1.17 17.75 -28.06
CA ASN F 330 2.55 18.00 -27.69
C ASN F 330 2.89 19.47 -27.52
N ASN F 331 1.96 20.33 -27.92
CA ASN F 331 2.12 21.77 -27.77
C ASN F 331 1.64 22.10 -26.35
N MET F 332 0.36 21.85 -26.09
CA MET F 332 -0.22 22.09 -24.76
C MET F 332 0.62 21.38 -23.66
N LEU F 333 1.44 20.40 -24.08
CA LEU F 333 2.32 19.62 -23.19
C LEU F 333 3.78 20.05 -23.18
N PRO F 334 4.15 20.75 -22.11
CA PRO F 334 5.45 21.33 -21.75
C PRO F 334 6.60 20.40 -21.99
N GLN F 335 7.71 20.98 -22.36
CA GLN F 335 8.83 20.15 -22.62
C GLN F 335 9.86 19.90 -21.60
N VAL F 336 9.96 18.61 -21.36
CA VAL F 336 10.82 17.98 -20.40
C VAL F 336 12.08 17.52 -21.11
N GLN F 337 13.69 17.73 -17.22
CA GLN F 337 13.66 17.23 -18.59
C GLN F 337 13.33 15.79 -18.55
N GLY F 338 13.67 15.15 -17.43
CA GLY F 338 13.35 13.74 -17.28
C GLY F 338 14.38 12.70 -17.69
N GLN F 339 14.55 11.72 -16.80
CA GLN F 339 15.46 10.63 -17.01
C GLN F 339 15.25 10.00 -18.35
N PRO F 340 16.29 9.31 -18.82
CA PRO F 340 16.45 8.58 -20.08
C PRO F 340 15.59 7.37 -20.29
N MET F 341 14.55 7.54 -21.07
CA MET F 341 13.68 6.40 -21.39
C MET F 341 13.74 6.29 -22.91
N GLU F 342 14.98 6.12 -23.35
CA GLU F 342 15.38 6.00 -24.75
C GLU F 342 16.83 6.40 -24.64
N GLY F 343 17.61 6.12 -25.66
CA GLY F 343 19.00 6.52 -25.60
C GLY F 343 19.94 5.38 -25.33
N GLU F 344 21.16 5.74 -24.98
CA GLU F 344 22.17 4.75 -24.74
C GLU F 344 22.13 4.22 -23.34
N ASN F 345 21.51 4.97 -22.44
CA ASN F 345 21.45 4.51 -21.06
C ASN F 345 20.02 4.46 -20.60
N THR F 346 19.13 4.06 -21.48
CA THR F 346 17.74 4.04 -21.08
C THR F 346 17.54 3.15 -19.88
N GLN F 347 16.62 3.57 -19.04
CA GLN F 347 16.32 2.84 -17.83
C GLN F 347 15.10 2.00 -18.10
N VAL F 348 15.02 1.59 -19.35
CA VAL F 348 13.97 0.73 -19.76
C VAL F 348 14.69 -0.58 -19.70
N GLU F 349 14.21 -1.43 -18.82
CA GLU F 349 14.81 -2.71 -18.67
C GLU F 349 14.33 -3.62 -19.79
N GLU F 350 13.02 -3.63 -20.06
CA GLU F 350 12.44 -4.50 -21.09
C GLU F 350 11.07 -4.17 -21.60
N VAL F 351 10.73 -4.84 -22.68
CA VAL F 351 9.46 -4.62 -23.33
C VAL F 351 9.06 -5.90 -24.00
N ARG F 352 7.78 -6.02 -24.25
CA ARG F 352 7.28 -7.20 -24.88
C ARG F 352 5.95 -6.84 -25.34
N VAL F 353 5.51 -7.59 -26.32
CA VAL F 353 4.22 -7.33 -26.91
C VAL F 353 3.58 -8.63 -27.16
N TYR F 354 2.27 -8.63 -27.04
CA TYR F 354 1.55 -9.85 -27.22
C TYR F 354 0.33 -9.51 -28.02
N ASP F 355 -0.08 -10.40 -28.91
CA ASP F 355 -1.30 -10.13 -29.62
C ASP F 355 -2.05 -11.42 -29.62
N GLY F 356 -1.32 -12.51 -29.51
CA GLY F 356 -2.00 -13.78 -29.54
C GLY F 356 -2.44 -14.56 -28.31
N THR F 357 -2.49 -15.87 -28.54
CA THR F 357 -2.87 -16.89 -27.59
C THR F 357 -2.16 -18.17 -27.99
N GLU F 358 -0.92 -18.32 -27.56
CA GLU F 358 -0.22 -19.54 -27.89
C GLU F 358 -0.28 -20.40 -26.65
N PRO F 359 -0.32 -21.68 -26.86
CA PRO F 359 -0.38 -22.65 -25.77
C PRO F 359 0.91 -22.54 -24.99
N VAL F 360 0.78 -22.62 -23.67
CA VAL F 360 1.88 -22.52 -22.75
C VAL F 360 3.08 -23.16 -23.28
N PRO F 361 4.02 -22.33 -23.61
CA PRO F 361 5.30 -22.73 -24.16
C PRO F 361 6.11 -23.32 -23.03
N GLY F 362 7.15 -24.07 -23.35
CA GLY F 362 8.03 -24.57 -22.32
C GLY F 362 8.82 -23.34 -21.92
N ASP F 363 10.14 -23.36 -22.09
CA ASP F 363 11.00 -22.20 -21.77
C ASP F 363 10.67 -21.17 -22.87
N PRO F 364 9.92 -20.11 -22.52
CA PRO F 364 9.55 -19.10 -23.51
C PRO F 364 10.79 -18.42 -24.07
N ASP F 365 11.83 -18.35 -23.24
CA ASP F 365 13.11 -17.70 -23.56
C ASP F 365 14.32 -18.62 -23.88
N MET F 366 14.29 -19.34 -25.00
CA MET F 366 15.42 -20.18 -25.38
C MET F 366 15.49 -20.24 -26.90
N THR F 367 16.41 -19.46 -27.47
CA THR F 367 16.58 -19.38 -28.92
C THR F 367 18.08 -19.35 -29.28
N ARG F 368 18.34 -19.06 -30.57
CA ARG F 368 19.67 -18.99 -31.18
C ARG F 368 20.84 -18.94 -30.21
N TYR F 369 21.41 -20.11 -29.93
CA TYR F 369 22.52 -20.19 -29.00
C TYR F 369 23.86 -20.02 -29.66
N VAL F 370 24.60 -19.07 -29.09
CA VAL F 370 25.93 -18.67 -29.48
C VAL F 370 26.45 -17.89 -28.24
N ASP F 371 27.73 -18.11 -27.90
CA ASP F 371 28.41 -17.48 -26.74
C ASP F 371 28.90 -16.04 -27.02
C1 NAG G . 2.45 39.92 25.17
C2 NAG G . 3.58 39.02 24.56
C3 NAG G . 3.32 37.51 24.83
C4 NAG G . 2.99 37.29 26.28
C5 NAG G . 1.69 38.04 26.47
C6 NAG G . 0.98 37.72 27.76
C7 NAG G . 4.70 39.31 22.40
C8 NAG G . 4.51 39.51 20.89
N2 NAG G . 3.57 39.22 23.11
O1 NAG G . 2.90 41.22 25.35
O3 NAG G . 4.41 36.63 24.41
O4 NAG G . 2.84 35.89 26.54
O5 NAG G . 1.98 39.46 26.45
O6 NAG G . -0.34 37.15 27.50
O7 NAG G . 5.83 39.28 22.90
C1 GAL G . 4.05 35.78 23.35
C2 GAL G . 5.02 34.60 23.15
C3 GAL G . 4.54 33.99 21.85
C4 GAL G . 3.13 33.45 22.02
C5 GAL G . 2.18 34.56 22.48
C6 GAL G . 0.82 34.03 22.92
O2 GAL G . 6.38 34.99 23.07
O3 GAL G . 5.43 32.94 21.43
O4 GAL G . 3.15 32.42 22.99
O5 GAL G . 2.73 35.28 23.60
O6 GAL G . -0.12 35.08 23.10
C1 SIA G . 5.17 33.61 19.12
C2 SIA G . 6.10 33.13 20.24
C3 SIA G . 6.78 31.83 19.85
C4 SIA G . 7.76 32.04 18.71
C5 SIA G . 8.68 33.15 19.08
C6 SIA G . 7.85 34.38 19.29
C7 SIA G . 8.74 35.59 19.49
C8 SIA G . 7.95 36.91 19.30
C9 SIA G . 8.85 38.03 18.69
C10 SIA G . 10.90 32.83 18.25
C11 SIA G . 11.92 33.08 17.15
N5 SIA G . 9.69 33.34 18.05
O1A SIA G . 4.76 32.80 18.27
O1B SIA G . 4.88 34.80 19.04
O4 SIA G . 8.53 30.86 18.51
O6 SIA G . 7.04 34.17 20.45
O7 SIA G . 9.28 35.53 20.80
O8 SIA G . 6.82 36.71 18.45
O9 SIA G . 9.39 37.63 17.44
O10 SIA G . 11.19 32.17 19.26
C1 SIA G . -1.95 35.91 28.86
C2 SIA G . -1.27 37.29 28.55
C3 SIA G . -2.34 38.35 28.12
C4 SIA G . -3.10 38.98 29.31
C5 SIA G . -2.06 39.52 30.30
C6 SIA G . -1.25 38.28 30.81
C7 SIA G . -0.26 38.55 31.99
C8 SIA G . 0.31 37.20 32.50
C9 SIA G . 1.50 37.41 33.47
C10 SIA G . -2.98 41.59 31.28
C11 SIA G . -3.62 42.27 32.48
N5 SIA G . -2.70 40.28 31.40
O1A SIA G . -2.99 35.57 28.24
O1B SIA G . -1.45 35.17 29.76
O4 SIA G . -3.99 40.00 28.84
O6 SIA G . -0.51 37.70 29.71
O7 SIA G . 0.82 39.39 31.55
O8 SIA G . -0.72 36.44 33.15
O9 SIA G . 2.67 37.72 32.73
O10 SIA G . -2.75 42.25 30.25
C1 NAG H . 31.88 24.97 1.11
C2 NAG H . 31.63 23.50 1.65
C3 NAG H . 30.24 23.27 2.33
C4 NAG H . 29.62 24.52 2.92
C5 NAG H . 29.59 25.48 1.75
C6 NAG H . 28.62 26.65 1.86
C7 NAG H . 32.18 21.35 0.55
C8 NAG H . 32.21 20.57 -0.77
N2 NAG H . 31.72 22.60 0.48
O1 NAG H . 33.17 25.40 1.43
O3 NAG H . 30.24 22.22 3.32
O4 NAG H . 28.31 24.22 3.41
O5 NAG H . 30.93 25.98 1.58
O6 NAG H . 27.89 26.83 0.61
O7 NAG H . 32.55 20.81 1.59
C1 GAL H . 29.55 21.14 2.82
C2 GAL H . 29.34 20.03 3.82
C3 GAL H . 28.81 18.92 2.94
C4 GAL H . 27.50 19.33 2.29
C5 GAL H . 27.70 20.61 1.48
C6 GAL H . 26.44 21.22 0.94
O2 GAL H . 30.55 19.63 4.44
O3 GAL H . 28.62 17.76 3.72
O4 GAL H . 26.53 19.54 3.30
O5 GAL H . 28.30 21.59 2.34
O6 GAL H . 26.75 22.26 0.01
C1 SIA H . 29.44 16.42 1.92
C2 SIA H . 29.43 16.70 3.42
C3 SIA H . 28.96 15.50 4.24
C4 SIA H . 29.95 14.35 4.29
C5 SIA H . 31.36 14.86 4.49
C6 SIA H . 31.60 15.94 3.47
C7 SIA H . 33.03 16.39 3.37
C8 SIA H . 33.26 16.89 1.94
C9 SIA H . 34.76 16.98 1.63
C10 SIA H . 33.20 13.48 5.18
C11 SIA H . 34.09 12.29 4.87
N5 SIA H . 32.27 13.76 4.28
O1A SIA H . 28.83 15.45 1.50
O1B SIA H . 30.12 17.13 1.17
O4 SIA H . 29.62 13.51 5.39
O6 SIA H . 30.74 17.05 3.75
O7 SIA H . 33.26 17.41 4.32
O8 SIA H . 32.66 16.01 0.99
O9 SIA H . 35.45 15.93 2.31
O10 SIA H . 33.34 14.15 6.21
C1 SIA H . 25.71 27.92 0.62
C2 SIA H . 27.25 28.06 0.38
C3 SIA H . 27.53 28.49 -1.10
C4 SIA H . 27.25 29.98 -1.35
C5 SIA H . 28.06 30.81 -0.34
C6 SIA H . 27.56 30.43 1.10
C7 SIA H . 28.21 31.25 2.27
C8 SIA H . 27.67 30.81 3.67
C9 SIA H . 28.45 31.45 4.84
C10 SIA H . 28.75 32.85 -1.48
C11 SIA H . 28.53 34.36 -1.69
N5 SIA H . 27.93 32.24 -0.61
O1A SIA H . 25.00 27.39 -0.28
O1B SIA H . 25.21 28.31 1.70
O4 SIA H . 27.58 30.33 -2.70
O6 SIA H . 27.81 29.00 1.35
O7 SIA H . 29.64 31.08 2.25
O8 SIA H . 26.27 31.13 3.81
O9 SIA H . 29.27 30.48 5.45
O10 SIA H . 29.65 32.26 -2.09
C1 NAG I . 42.34 -12.56 13.97
C2 NAG I . 40.99 -12.58 14.78
C3 NAG I . 39.97 -11.44 14.47
C4 NAG I . 40.65 -10.18 14.01
C5 NAG I . 41.52 -10.61 12.83
C6 NAG I . 42.00 -9.46 11.93
C7 NAG I . 39.83 -14.62 15.46
C8 NAG I . 39.11 -15.89 15.00
N2 NAG I . 40.30 -13.83 14.50
O1 NAG I . 43.41 -12.90 14.79
O3 NAG I . 39.07 -11.16 15.58
O4 NAG I . 39.67 -9.21 13.62
O5 NAG I . 42.66 -11.29 13.36
O6 NAG I . 41.35 -9.48 10.63
O7 NAG I . 39.97 -14.37 16.66
C1 GAL I . 37.76 -11.56 15.33
C2 GAL I . 36.74 -11.08 16.37
C3 GAL I . 35.44 -11.74 15.93
C4 GAL I . 35.02 -11.28 14.55
C5 GAL I . 36.16 -11.59 13.57
C6 GAL I . 35.97 -11.07 12.16
O2 GAL I . 37.10 -11.47 17.69
O3 GAL I . 34.38 -11.43 16.84
O4 GAL I . 34.70 -9.90 14.57
O5 GAL I . 37.40 -11.04 14.06
O6 GAL I . 37.10 -11.37 11.34
C1 SIA I . 33.81 -13.75 16.81
C2 SIA I . 33.96 -12.48 17.62
C3 SIA I . 32.65 -12.12 18.30
C4 SIA I . 32.29 -13.11 19.40
C5 SIA I . 33.48 -13.23 20.33
C6 SIA I . 34.65 -13.73 19.50
C7 SIA I . 35.86 -14.08 20.31
C8 SIA I . 36.83 -14.92 19.43
C9 SIA I . 38.02 -15.42 20.26
C10 SIA I . 33.43 -13.73 22.69
C11 SIA I . 33.12 -14.73 23.78
N5 SIA I . 33.20 -14.12 21.44
O1A SIA I . 32.75 -13.95 16.22
O1B SIA I . 34.74 -14.57 16.75
O4 SIA I . 31.15 -12.69 20.12
O6 SIA I . 35.00 -12.72 18.55
O7 SIA I . 36.50 -12.88 20.73
O8 SIA I . 36.15 -16.04 18.88
O9 SIA I . 38.48 -14.39 21.10
O10 SIA I . 33.89 -12.62 22.97
C1 SIA I . 41.12 -8.37 8.45
C2 SIA I . 42.07 -8.87 9.58
C3 SIA I . 43.08 -9.92 9.02
C4 SIA I . 44.31 -9.31 8.33
C5 SIA I . 44.97 -8.28 9.27
C6 SIA I . 43.90 -7.17 9.48
C7 SIA I . 44.43 -5.93 10.28
C8 SIA I . 43.28 -4.94 10.63
C9 SIA I . 43.76 -3.88 11.63
C10 SIA I . 47.36 -7.67 9.35
C11 SIA I . 48.55 -7.10 8.56
N5 SIA I . 46.21 -7.74 8.67
O1A SIA I . 40.55 -9.22 7.69
O1B SIA I . 40.92 -7.13 8.29
O4 SIA I . 45.24 -10.36 7.99
O6 SIA I . 42.74 -7.71 10.19
O7 SIA I . 45.09 -6.34 11.48
O8 SIA I . 42.78 -4.31 9.45
O9 SIA I . 43.83 -4.44 12.94
O10 SIA I . 47.50 -7.99 10.54
C1 NAG J . 18.87 -20.96 46.09
C2 NAG J . 18.19 -19.58 45.95
C3 NAG J . 18.24 -19.07 44.49
C4 NAG J . 19.63 -19.18 43.91
C5 NAG J . 20.10 -20.62 44.07
C6 NAG J . 21.46 -20.89 43.47
C7 NAG J . 16.08 -18.66 46.74
C8 NAG J . 14.64 -18.94 47.16
N2 NAG J . 16.80 -19.71 46.37
O1 NAG J . 19.06 -21.28 47.42
O3 NAG J . 17.78 -17.70 44.35
O4 NAG J . 19.60 -18.81 42.54
O5 NAG J . 20.17 -20.95 45.47
O6 NAG J . 21.33 -21.63 42.22
O7 NAG J . 16.53 -17.50 46.76
C1 GAL J . 16.66 -17.56 43.56
C2 GAL J . 16.36 -16.11 43.20
C3 GAL J . 15.03 -16.16 42.52
C4 GAL J . 15.14 -16.96 41.23
C5 GAL J . 15.65 -18.37 41.54
C6 GAL J . 16.01 -19.19 40.30
O2 GAL J . 16.32 -15.27 44.36
O3 GAL J . 14.51 -14.86 42.28
O4 GAL J . 16.02 -16.29 40.33
O5 GAL J . 16.84 -18.31 42.36
O6 GAL J . 16.50 -20.48 40.65
C1 SIA J . 12.49 -15.68 43.26
C2 SIA J . 13.42 -14.48 43.04
C3 SIA J . 12.65 -13.34 42.35
C4 SIA J . 11.62 -12.73 43.28
C5 SIA J . 12.34 -12.31 44.51
C6 SIA J . 12.84 -13.57 45.13
C7 SIA J . 13.31 -13.40 46.55
C8 SIA J . 12.93 -14.68 47.33
C9 SIA J . 13.45 -14.66 48.75
C10 SIA J . 11.77 -10.32 45.68
C11 SIA J . 10.82 -9.59 46.61
N5 SIA J . 11.46 -11.58 45.40
O1A SIA J . 11.66 -15.97 42.39
O1B SIA J . 12.62 -16.33 44.29
O4 SIA J . 10.96 -11.61 42.70
O6 SIA J . 13.90 -14.08 44.31
O7 SIA J . 14.71 -13.18 46.54
O8 SIA J . 11.51 -14.83 47.34
O9 SIA J . 14.84 -14.93 48.77
O10 SIA J . 12.76 -9.76 45.23
C1 SIA J . 22.50 -23.02 40.63
C2 SIA J . 22.05 -22.83 42.10
C3 SIA J . 21.13 -24.01 42.58
C4 SIA J . 21.90 -25.31 42.79
C5 SIA J . 23.12 -25.06 43.72
C6 SIA J . 24.00 -23.90 43.16
C7 SIA J . 25.22 -23.55 44.09
C8 SIA J . 25.82 -22.14 43.80
C9 SIA J . 26.95 -21.80 44.79
C10 SIA J . 24.15 -26.86 45.01
C11 SIA J . 25.01 -28.13 44.97
N5 SIA J . 23.92 -26.28 43.83
O1A SIA J . 21.85 -23.80 39.87
O1B SIA J . 23.49 -22.36 40.20
O4 SIA J . 21.02 -26.29 43.36
O6 SIA J . 23.22 -22.69 42.96
O7 SIA J . 24.84 -23.61 45.47
O8 SIA J . 26.30 -22.06 42.45
O9 SIA J . 26.42 -21.59 46.09
O10 SIA J . 23.69 -26.45 46.07
C1 NAG K . -4.98 11.22 53.30
C2 NAG K . -4.72 12.06 51.96
C3 NAG K . -3.69 11.42 50.98
C4 NAG K . -2.67 10.60 51.69
C5 NAG K . -3.55 9.53 52.28
C6 NAG K . -2.83 8.24 52.58
C7 NAG K . -6.55 13.31 50.91
C8 NAG K . -7.89 13.26 50.17
N2 NAG K . -6.00 12.14 51.25
O1 NAG K . -4.81 12.02 54.42
O3 NAG K . -3.06 12.34 50.04
O4 NAG K . -1.70 10.09 50.76
O5 NAG K . -4.16 10.03 53.48
O6 NAG K . -3.70 7.09 52.30
O7 NAG K . -6.05 14.40 51.19
C1 GAL K . -3.60 12.18 48.77
C2 GAL K . -2.70 12.66 47.63
C3 GAL K . -3.63 12.56 46.43
C4 GAL K . -4.08 11.13 46.19
C5 GAL K . -4.72 10.56 47.44
C6 GAL K . -5.01 9.07 47.40
O2 GAL K . -2.26 14.00 47.80
O3 GAL K . -3.00 13.05 45.27
O4 GAL K . -2.94 10.34 45.84
O5 GAL K . -3.85 10.79 48.55
O6 GAL K . -5.54 8.63 48.66
C1 SIA K . -5.10 13.96 44.62
C2 SIA K . -3.59 14.15 44.70
C3 SIA K . -2.97 14.33 43.30
C4 SIA K . -3.04 15.76 42.72
C5 SIA K . -2.67 16.75 43.80
C6 SIA K . -3.67 16.51 44.93
C7 SIA K . -3.69 17.62 45.99
C8 SIA K . -5.03 17.57 46.76
C9 SIA K . -4.86 18.00 48.22
C10 SIA K . -1.59 18.62 42.72
C11 SIA K . -1.67 20.05 42.22
N5 SIA K . -2.68 18.12 43.30
O1A SIA K . -5.60 13.51 43.60
O1B SIA K . -5.81 14.26 45.61
O4 SIA K . -2.13 15.89 41.61
O6 SIA K . -3.35 15.26 45.55
O7 SIA K . -2.59 17.45 46.86
O8 SIA K . -6.01 18.41 46.13
O9 SIA K . -4.24 16.95 48.94
O10 SIA K . -0.56 17.96 42.54
C1 SIA K . -3.53 4.69 52.57
C2 SIA K . -3.69 6.09 53.25
C3 SIA K . -5.01 6.16 54.07
C4 SIA K . -4.98 5.29 55.32
C5 SIA K . -3.71 5.61 56.17
C6 SIA K . -2.42 5.50 55.27
C7 SIA K . -1.05 5.87 55.95
C8 SIA K . 0.12 5.79 54.92
C9 SIA K . 1.42 6.42 55.47
C10 SIA K . -4.42 4.84 58.40
C11 SIA K . -4.25 3.81 59.53
N5 SIA K . -3.65 4.70 57.31
O1A SIA K . -4.55 4.02 52.28
O1B SIA K . -2.36 4.27 52.31
O4 SIA K . -6.18 5.49 56.05
O6 SIA K . -2.55 6.33 54.09
O7 SIA K . -1.12 7.19 56.50
O8 SIA K . 0.37 4.44 54.55
O9 SIA K . 1.40 7.83 55.29
O10 SIA K . -5.23 5.77 58.54
C1 NAG L . 46.91 33.96 -49.23
C2 NAG L . 47.26 33.42 -50.68
C3 NAG L . 47.59 31.89 -50.74
C4 NAG L . 48.34 31.41 -49.52
C5 NAG L . 47.41 31.77 -48.38
C6 NAG L . 47.65 31.06 -47.09
C7 NAG L . 45.94 34.77 -52.26
C8 NAG L . 44.66 34.87 -53.09
N2 NAG L . 46.09 33.66 -51.53
O1 NAG L . 47.35 35.26 -49.08
O3 NAG L . 48.28 31.50 -51.96
O4 NAG L . 48.55 29.99 -49.60
O5 NAG L . 47.51 33.18 -48.16
O6 NAG L . 46.40 30.56 -46.54
O7 NAG L . 46.77 35.67 -52.27
C1 GAL L . 47.40 31.02 -52.91
C2 GAL L . 48.06 30.28 -54.10
C3 GAL L . 46.87 30.07 -55.03
C4 GAL L . 45.87 29.15 -54.36
C5 GAL L . 45.36 29.82 -53.10
C6 GAL L . 44.41 29.01 -52.25
O2 GAL L . 49.08 31.08 -54.73
O3 GAL L . 47.24 29.58 -56.31
O4 GAL L . 46.52 27.92 -54.03
O5 GAL L . 46.47 30.14 -52.27
O6 GAL L . 43.95 29.77 -51.13
C1 SIA L . 45.30 30.78 -57.14
C2 SIA L . 46.74 30.31 -57.38
C3 SIA L . 46.83 29.44 -58.66
C4 SIA L . 46.69 30.26 -59.96
C5 SIA L . 47.64 31.42 -59.86
C6 SIA L . 47.22 32.23 -58.65
C7 SIA L . 47.90 33.59 -58.59
C8 SIA L . 47.01 34.59 -57.82
C9 SIA L . 47.64 35.99 -57.81
C10 SIA L . 48.78 32.49 -61.69
C11 SIA L . 48.69 33.34 -62.95
N5 SIA L . 47.63 32.22 -61.08
O1A SIA L . 44.38 30.31 -57.81
O1B SIA L . 45.09 31.71 -56.34
O4 SIA L . 47.00 29.47 -61.10
O6 SIA L . 47.53 31.48 -57.48
O7 SIA L . 49.16 33.44 -57.95
O8 SIA L . 45.72 34.66 -58.42
O9 SIA L . 49.03 35.90 -57.51
O10 SIA L . 49.87 32.07 -61.29
C1 SIA L . 45.77 28.96 -44.83
C2 SIA L . 46.42 30.35 -45.17
C3 SIA L . 45.64 31.49 -44.49
C4 SIA L . 45.81 31.45 -42.96
C5 SIA L . 47.32 31.49 -42.59
C6 SIA L . 48.14 30.38 -43.37
C7 SIA L . 49.69 30.59 -43.26
C8 SIA L . 50.49 29.42 -43.92
C9 SIA L . 52.02 29.63 -43.75
C10 SIA L . 47.68 32.28 -40.28
C11 SIA L . 47.81 31.91 -38.80
N5 SIA L . 47.48 31.28 -41.14
O1A SIA L . 44.53 28.81 -45.00
O1B SIA L . 46.49 28.03 -44.40
O4 SIA L . 45.12 32.58 -42.40
O6 SIA L . 47.81 30.34 -44.79
O7 SIA L . 50.05 31.81 -43.91
O8 SIA L . 50.11 28.16 -43.37
O9 SIA L . 52.49 30.67 -44.61
O10 SIA L . 47.77 33.47 -40.62
#